data_7VGJ
#
_entry.id   7VGJ
#
_cell.length_a   1.00
_cell.length_b   1.00
_cell.length_c   1.00
_cell.angle_alpha   90.00
_cell.angle_beta   90.00
_cell.angle_gamma   90.00
#
_symmetry.space_group_name_H-M   'P 1'
#
loop_
_entity.id
_entity.type
_entity.pdbx_description
1 polymer 'Phospholipid-transporting ATPase IC'
2 polymer 'Cell cycle control protein 50A'
3 non-polymer O-[(R)-{[(2R)-2,3-bis(octadecanoyloxy)propyl]oxy}(hydroxy)phosphoryl]-L-serine
#
loop_
_entity_poly.entity_id
_entity_poly.type
_entity_poly.pdbx_seq_one_letter_code
_entity_poly.pdbx_strand_id
1 'polypeptide(L)'
;MASWSHPQFEKGGGARGGSGGGSWSHPQFEKGFDYKDDDDKGTMSTERDSETTFDEDSQPNDEVVPYSDDETEDELDDQG
SAVEPEQNRVNREAEENREPFRKECTWQVKANDRKYHEQPHFMNTKFLCIKESKYANNAIKTYKYNAFTFIPMNLFEQFK
RAANLYFLALLILQAVPQISTLAWYTTLVPLLVVLGVTAIKDLVDDVARHKMDKEINNRTCEVIKDGRFKVAKWKEIQVG
DVIRLKKNDFVPADILLLSSSEPNSLCYVETAELDGETNLKFKMSLEITDQYLQREDTLATFDGFIECEEPNNRLDKFTG
TLFWRNTSFPLDADKILLRGCVIRNTDFCHGLVIFAGADTKIMKNSGKTRFKRTKIDYLMNYMVYTIFVVLILLSAGLAI
GHAYWEAQVGNSSWYLYDGEDDTPSYRGFLIFWGYIIVLNTMVPISLYVSVEVIRLGQSHFINWDLQMYYAEKDTPAKAR
TTTLNEQLGQIHYIFSDKTGTLTQNIMTFKKCCINGQIYGDHRDASQHNHNKIEQVDFSWNTYADGKLAFYDHYLIEQIQ
SGKEPEVRQFFFLLAVCHTVMVDRTDGQLNYQAASPDEGALVNAARNFGFAFLARTQNTITISELGTERTYNVLAILDFN
SDRKRMSIIVRTPEGNIKLYCKGADTVIYERLHRMNPTKQETQDALDIFANETLRTLCLCYKEIEEKEFTEWNKKFMAAS
VASTNRDEALDKVYEEIEKDLILLGATAIEDKLQDGVPETISKLAKADIKIWVLTGDKKETAENIGFACELLTEDTTICY
GEDINSLLHARMENQRNRGGVYAKFAPPVQESFFPPGGNRALIITGSWLNEILLEKKTKRNKILKLKFPRTEEERRMRTQ
SKRRLEAKKEQRQKNFVDLACECSAVICCRVTPKQKAMVVDLVKRYKKAITLAIGDGANDVNMIKTAHIGVGISGQEGMQ
AVMSSDYSFAQFRYLQRLLLVHGRWSYIRMCKFLRYFFYKNFAFTLVHFWYSFFNGYSAQTAYEDWFITLYNVLYTSLPV
LLMGLLDQDVSDKLSLRFPGLYIVGQRDLLFNYKRFFVSLLHGVLTSMILFFIPLGAYLQTVGQDGEAPSDYQSFAVTIA
SALVITVNFQIGLDTSYWTFVNAFSIFGSIALYFGIMFDFHSAGIHVLFPSAFQFTGTASNALRQPYIWLTIILAVAVCL
LPVVAIRFLSMTIWPSESDKIQKHRKRLKAEEQWQRRQQVFRRGVSTRRSAYAFSHQRGYADLISSGRSIRKKRSPLDAI
VADGTAEYRRTGDS
;
A
2 'polypeptide(L)'
;MASMAMNYNAKDEVDGGPPCAPGGTAKTRRPDNTAFKQQRLPAWQPILTAGTVLPIFFIIGLIFIPIGIGIFVTSNNIRE
IEIDYTGTEPSSPCNKCLSPDVTPCFCTINFTLEKSFEGNVFMYYGLSNFYQNHRRYVKSRDDSQLNGDSSALLNPSKEC
EPYRRNEDKPIAPCGAIANSMFNDTLELFLIGNDSYPIPIALKKKGIAWWTDKNVKFRNPPGGDNLEERFKGTTKPVNWL
KPVYMLDSDPDNNGFINEDFIVWMRTAALPTFRKLYRLIERKSDLHPTLPAGRYSLNVTYNYPVHYFDGRKRMILSTISW
MGGKNPFLGIAYIAVGSISFLLGVVLLVINHKYRNSSNTADITIHHHHHH
;
B
#
loop_
_chem_comp.id
_chem_comp.type
_chem_comp.name
_chem_comp.formula
P5S non-polymer O-[(R)-{[(2R)-2,3-bis(octadecanoyloxy)propyl]oxy}(hydroxy)phosphoryl]-L-serine 'C42 H82 N O10 P'
#
# COMPACT_ATOMS: atom_id res chain seq x y z
N GLU A 104 -39.22 3.10 -23.84
CA GLU A 104 -40.65 3.21 -23.99
C GLU A 104 -41.29 1.83 -24.15
N CYS A 105 -41.77 1.27 -23.05
CA CYS A 105 -42.39 -0.05 -23.07
C CYS A 105 -43.60 -0.07 -22.15
N THR A 106 -44.45 0.94 -22.27
CA THR A 106 -45.73 1.02 -21.56
C THR A 106 -45.54 0.95 -20.05
N TRP A 107 -44.72 1.86 -19.54
CA TRP A 107 -44.48 1.93 -18.11
C TRP A 107 -45.73 2.28 -17.32
N GLN A 108 -46.50 3.25 -17.80
CA GLN A 108 -47.54 3.90 -17.01
C GLN A 108 -46.95 4.37 -15.69
N VAL A 109 -46.03 5.32 -15.81
CA VAL A 109 -45.23 5.75 -14.67
C VAL A 109 -46.10 6.34 -13.56
N LYS A 110 -47.28 6.87 -13.91
CA LYS A 110 -48.25 7.34 -12.93
C LYS A 110 -47.63 8.46 -12.07
N ALA A 111 -47.39 9.58 -12.74
CA ALA A 111 -46.71 10.71 -12.12
C ALA A 111 -47.53 11.39 -11.03
N ASN A 112 -48.82 11.06 -10.88
CA ASN A 112 -49.66 11.75 -9.91
C ASN A 112 -49.93 10.91 -8.66
N ASP A 113 -50.58 9.76 -8.82
CA ASP A 113 -51.19 9.06 -7.70
C ASP A 113 -50.12 8.51 -6.76
N ARG A 114 -50.58 8.08 -5.57
CA ARG A 114 -49.66 7.78 -4.49
C ARG A 114 -49.06 6.38 -4.64
N LYS A 115 -49.87 5.34 -4.47
CA LYS A 115 -49.41 4.00 -4.83
C LYS A 115 -50.26 3.43 -5.95
N TYR A 116 -51.51 3.09 -5.65
CA TYR A 116 -52.59 2.77 -6.58
C TYR A 116 -52.25 1.52 -7.40
N HIS A 117 -50.99 1.09 -7.36
CA HIS A 117 -50.52 -0.24 -7.73
C HIS A 117 -51.24 -0.88 -8.91
N GLU A 118 -51.28 -0.23 -10.07
CA GLU A 118 -51.95 -0.81 -11.22
C GLU A 118 -51.09 -1.81 -11.96
N GLN A 119 -50.00 -2.25 -11.35
CA GLN A 119 -48.94 -2.93 -12.07
C GLN A 119 -49.29 -4.40 -12.26
N PRO A 120 -49.45 -4.86 -13.50
CA PRO A 120 -49.70 -6.29 -13.74
C PRO A 120 -48.44 -7.12 -13.53
N HIS A 121 -48.48 -8.38 -13.96
CA HIS A 121 -47.41 -9.32 -13.67
C HIS A 121 -46.16 -8.90 -14.43
N PHE A 122 -45.50 -7.87 -13.91
CA PHE A 122 -44.30 -7.34 -14.54
C PHE A 122 -43.23 -6.92 -13.55
N MET A 123 -43.42 -7.15 -12.25
CA MET A 123 -42.36 -6.85 -11.29
C MET A 123 -41.24 -7.88 -11.43
N ASN A 124 -40.13 -7.62 -10.75
CA ASN A 124 -38.98 -8.52 -10.87
C ASN A 124 -39.33 -9.91 -10.36
N THR A 125 -39.50 -10.85 -11.29
CA THR A 125 -40.03 -12.17 -10.98
C THR A 125 -38.86 -13.07 -10.59
N LYS A 126 -38.47 -12.94 -9.32
CA LYS A 126 -37.46 -13.82 -8.73
C LYS A 126 -38.17 -14.97 -8.01
N PHE A 127 -37.42 -15.67 -7.17
CA PHE A 127 -37.91 -16.84 -6.46
C PHE A 127 -38.18 -16.59 -4.99
N LEU A 128 -38.17 -15.33 -4.55
CA LEU A 128 -38.36 -15.03 -3.14
C LEU A 128 -39.20 -13.77 -2.98
N CYS A 129 -39.88 -13.67 -1.84
CA CYS A 129 -40.81 -12.57 -1.57
C CYS A 129 -40.11 -11.23 -1.44
N ILE A 130 -38.79 -11.20 -1.35
CA ILE A 130 -38.02 -9.97 -1.18
C ILE A 130 -38.19 -9.08 -2.40
N LYS A 131 -38.95 -9.55 -3.39
CA LYS A 131 -39.37 -8.74 -4.53
C LYS A 131 -39.81 -7.35 -4.09
N GLU A 132 -39.22 -6.34 -4.73
CA GLU A 132 -39.51 -4.95 -4.42
C GLU A 132 -39.91 -4.25 -5.72
N SER A 133 -40.28 -2.98 -5.61
CA SER A 133 -40.88 -2.28 -6.74
C SER A 133 -39.92 -2.18 -7.92
N LYS A 134 -40.47 -2.28 -9.12
CA LYS A 134 -39.70 -1.98 -10.32
C LYS A 134 -39.27 -0.53 -10.34
N TYR A 135 -40.02 0.34 -9.69
CA TYR A 135 -39.75 1.76 -9.66
C TYR A 135 -39.22 2.10 -8.27
N ALA A 136 -38.00 2.62 -8.22
CA ALA A 136 -37.40 2.99 -6.94
C ALA A 136 -38.24 4.05 -6.24
N ASN A 137 -38.84 3.69 -5.13
CA ASN A 137 -39.76 4.59 -4.45
C ASN A 137 -39.01 5.74 -3.80
N ASN A 138 -38.24 5.44 -2.76
CA ASN A 138 -37.33 6.41 -2.17
C ASN A 138 -36.01 5.77 -1.76
N ALA A 139 -35.87 4.46 -1.91
CA ALA A 139 -34.71 3.77 -1.37
C ALA A 139 -33.44 4.26 -2.04
N ILE A 140 -32.43 4.55 -1.22
CA ILE A 140 -31.08 4.84 -1.70
C ILE A 140 -30.15 3.91 -0.92
N LYS A 141 -29.95 2.71 -1.44
CA LYS A 141 -29.19 1.68 -0.73
C LYS A 141 -27.78 1.59 -1.34
N THR A 142 -27.03 2.67 -1.11
CA THR A 142 -25.64 2.72 -1.54
C THR A 142 -24.70 2.14 -0.50
N TYR A 143 -25.20 1.23 0.34
CA TYR A 143 -24.36 0.50 1.27
C TYR A 143 -23.48 -0.49 0.50
N LYS A 144 -22.72 -1.28 1.26
CA LYS A 144 -22.01 -2.41 0.67
C LYS A 144 -22.68 -3.74 0.97
N TYR A 145 -23.45 -3.82 2.06
CA TYR A 145 -23.97 -5.07 2.60
C TYR A 145 -25.07 -4.73 3.60
N ASN A 146 -25.44 -5.72 4.41
CA ASN A 146 -26.30 -5.52 5.56
C ASN A 146 -25.53 -5.83 6.84
N ALA A 147 -26.03 -5.33 7.96
CA ALA A 147 -25.36 -5.49 9.24
C ALA A 147 -25.72 -6.79 9.95
N PHE A 148 -26.54 -7.64 9.35
CA PHE A 148 -26.88 -8.94 9.93
C PHE A 148 -26.24 -10.12 9.21
N THR A 149 -26.06 -10.02 7.90
CA THR A 149 -25.37 -11.02 7.10
C THR A 149 -24.14 -10.42 6.43
N PHE A 150 -23.51 -9.47 7.12
CA PHE A 150 -22.18 -9.02 6.76
C PHE A 150 -21.18 -10.15 6.60
N ILE A 151 -21.09 -11.00 7.62
CA ILE A 151 -19.99 -11.94 7.79
C ILE A 151 -19.74 -12.71 6.49
N PRO A 152 -20.69 -13.52 6.00
CA PRO A 152 -20.36 -14.40 4.86
C PRO A 152 -19.81 -13.66 3.66
N MET A 153 -20.37 -12.51 3.31
CA MET A 153 -19.84 -11.76 2.17
C MET A 153 -18.44 -11.24 2.45
N ASN A 154 -18.23 -10.66 3.64
CA ASN A 154 -16.91 -10.14 3.96
C ASN A 154 -15.87 -11.24 3.89
N LEU A 155 -16.15 -12.37 4.52
CA LEU A 155 -15.15 -13.42 4.59
C LEU A 155 -14.93 -14.06 3.23
N PHE A 156 -15.99 -14.20 2.43
CA PHE A 156 -15.81 -14.71 1.09
C PHE A 156 -14.84 -13.84 0.29
N GLU A 157 -15.07 -12.53 0.29
CA GLU A 157 -14.12 -11.70 -0.44
C GLU A 157 -12.80 -11.55 0.29
N GLN A 158 -12.75 -11.99 1.56
CA GLN A 158 -11.50 -11.94 2.31
C GLN A 158 -10.56 -13.08 1.94
N PHE A 159 -11.10 -14.29 1.71
CA PHE A 159 -10.24 -15.43 1.40
C PHE A 159 -9.73 -15.45 -0.03
N LYS A 160 -9.70 -14.34 -0.74
CA LYS A 160 -8.88 -14.33 -1.95
C LYS A 160 -7.41 -14.17 -1.64
N ARG A 161 -7.07 -13.86 -0.40
CA ARG A 161 -5.69 -13.81 0.03
C ARG A 161 -5.17 -15.24 0.13
N ALA A 162 -4.36 -15.64 -0.86
CA ALA A 162 -3.84 -17.00 -0.88
C ALA A 162 -3.15 -17.36 0.42
N ALA A 163 -2.48 -16.40 1.05
CA ALA A 163 -1.87 -16.66 2.34
C ALA A 163 -2.90 -17.03 3.39
N ASN A 164 -4.12 -16.50 3.28
CA ASN A 164 -5.16 -16.85 4.22
C ASN A 164 -5.72 -18.24 3.96
N LEU A 165 -5.85 -18.62 2.69
CA LEU A 165 -6.11 -20.01 2.37
C LEU A 165 -5.07 -20.91 3.01
N TYR A 166 -3.80 -20.51 2.91
CA TYR A 166 -2.71 -21.30 3.47
C TYR A 166 -2.86 -21.44 4.98
N PHE A 167 -3.18 -20.36 5.66
CA PHE A 167 -3.27 -20.42 7.12
C PHE A 167 -4.47 -21.25 7.56
N LEU A 168 -5.58 -21.15 6.83
CA LEU A 168 -6.71 -22.02 7.11
C LEU A 168 -6.31 -23.48 6.98
N ALA A 169 -5.56 -23.79 5.93
CA ALA A 169 -5.06 -25.15 5.77
C ALA A 169 -4.18 -25.56 6.92
N LEU A 170 -3.31 -24.66 7.39
CA LEU A 170 -2.45 -25.01 8.51
C LEU A 170 -3.26 -25.36 9.74
N LEU A 171 -4.30 -24.57 10.04
CA LEU A 171 -5.12 -24.92 11.20
C LEU A 171 -5.79 -26.27 11.01
N ILE A 172 -6.43 -26.49 9.86
CA ILE A 172 -7.13 -27.75 9.69
C ILE A 172 -6.17 -28.92 9.61
N LEU A 173 -4.87 -28.64 9.45
CA LEU A 173 -3.89 -29.70 9.32
C LEU A 173 -3.17 -29.99 10.62
N GLN A 174 -2.99 -28.98 11.48
CA GLN A 174 -2.18 -29.13 12.67
C GLN A 174 -2.93 -29.74 13.83
N ALA A 175 -4.20 -29.38 14.01
CA ALA A 175 -4.93 -29.83 15.20
C ALA A 175 -5.17 -31.33 15.22
N VAL A 176 -4.93 -32.02 14.10
CA VAL A 176 -5.19 -33.47 14.03
C VAL A 176 -4.40 -34.17 15.13
N PRO A 177 -5.01 -35.09 15.89
CA PRO A 177 -4.25 -35.77 16.95
C PRO A 177 -3.38 -36.89 16.43
N GLN A 178 -3.37 -37.11 15.13
CA GLN A 178 -2.30 -37.83 14.45
C GLN A 178 -1.14 -36.86 14.37
N ILE A 179 -0.21 -37.08 13.45
CA ILE A 179 0.99 -36.26 13.36
C ILE A 179 0.69 -34.76 13.46
N SER A 180 1.27 -34.13 14.47
CA SER A 180 1.17 -32.70 14.71
C SER A 180 2.56 -32.06 14.79
N THR A 181 3.45 -32.64 15.58
CA THR A 181 4.87 -32.28 15.67
C THR A 181 5.13 -30.87 16.17
N LEU A 182 4.08 -30.10 16.43
CA LEU A 182 4.22 -28.77 17.01
C LEU A 182 3.40 -28.68 18.29
N ALA A 183 3.52 -27.56 18.98
CA ALA A 183 2.87 -27.37 20.27
C ALA A 183 1.39 -27.05 20.04
N TRP A 184 0.71 -26.61 21.09
CA TRP A 184 -0.72 -26.33 21.01
C TRP A 184 -1.03 -25.39 19.86
N TYR A 185 -2.23 -25.53 19.30
CA TYR A 185 -2.59 -24.74 18.14
C TYR A 185 -2.71 -23.30 18.56
N THR A 186 -1.61 -22.55 18.45
CA THR A 186 -1.55 -21.17 18.89
C THR A 186 -1.29 -20.21 17.75
N THR A 187 -1.45 -20.65 16.50
CA THR A 187 -1.51 -19.73 15.38
C THR A 187 -2.80 -18.93 15.38
N LEU A 188 -3.70 -19.23 16.32
CA LEU A 188 -4.99 -18.56 16.35
C LEU A 188 -4.84 -17.08 16.64
N VAL A 189 -3.96 -16.74 17.58
CA VAL A 189 -3.81 -15.34 17.99
C VAL A 189 -3.46 -14.43 16.82
N PRO A 190 -2.46 -14.75 15.96
CA PRO A 190 -2.18 -13.86 14.83
C PRO A 190 -3.08 -14.11 13.63
N LEU A 191 -3.67 -15.30 13.55
CA LEU A 191 -4.61 -15.57 12.46
C LEU A 191 -5.85 -14.71 12.60
N LEU A 192 -6.36 -14.56 13.81
CA LEU A 192 -7.58 -13.78 14.00
C LEU A 192 -7.35 -12.31 13.72
N VAL A 193 -6.15 -11.79 13.99
CA VAL A 193 -5.91 -10.36 13.81
C VAL A 193 -6.09 -9.97 12.35
N VAL A 194 -5.40 -10.68 11.45
CA VAL A 194 -5.39 -10.28 10.05
C VAL A 194 -6.79 -10.28 9.47
N LEU A 195 -7.66 -11.14 9.96
CA LEU A 195 -9.02 -11.21 9.44
C LEU A 195 -10.04 -10.43 10.28
N GLY A 196 -9.64 -9.92 11.43
CA GLY A 196 -10.59 -9.16 12.22
C GLY A 196 -10.37 -7.66 12.22
N VAL A 197 -9.11 -7.24 12.28
CA VAL A 197 -8.85 -5.80 12.32
C VAL A 197 -9.16 -5.16 10.97
N THR A 198 -8.89 -5.87 9.87
CA THR A 198 -9.33 -5.37 8.57
C THR A 198 -10.84 -5.25 8.52
N ALA A 199 -11.54 -6.18 9.16
CA ALA A 199 -12.99 -6.11 9.20
C ALA A 199 -13.47 -4.90 9.98
N ILE A 200 -12.88 -4.65 11.14
CA ILE A 200 -13.33 -3.46 11.86
C ILE A 200 -12.94 -2.22 11.06
N LYS A 201 -11.86 -2.31 10.29
CA LYS A 201 -11.40 -1.19 9.47
C LYS A 201 -12.42 -0.82 8.41
N ASP A 202 -12.87 -1.79 7.62
CA ASP A 202 -13.84 -1.41 6.60
C ASP A 202 -15.23 -1.19 7.18
N LEU A 203 -15.55 -1.76 8.35
CA LEU A 203 -16.75 -1.32 9.05
C LEU A 203 -16.70 0.16 9.37
N VAL A 204 -15.59 0.63 9.94
CA VAL A 204 -15.54 2.03 10.33
C VAL A 204 -15.47 2.93 9.09
N ASP A 205 -14.86 2.46 8.01
CA ASP A 205 -14.79 3.25 6.79
C ASP A 205 -16.02 3.10 5.91
N ASP A 206 -16.98 2.26 6.27
CA ASP A 206 -18.21 2.15 5.50
C ASP A 206 -19.46 2.59 6.25
N VAL A 207 -19.44 2.61 7.59
CA VAL A 207 -20.65 2.90 8.33
C VAL A 207 -21.13 4.34 8.11
N ALA A 208 -20.24 5.24 7.68
CA ALA A 208 -20.63 6.63 7.46
C ALA A 208 -21.73 6.75 6.42
N ARG A 209 -21.87 5.74 5.56
CA ARG A 209 -22.90 5.81 4.53
C ARG A 209 -24.30 5.85 5.14
N HIS A 210 -24.53 5.12 6.22
CA HIS A 210 -25.82 5.17 6.90
C HIS A 210 -26.25 6.61 7.13
N LYS A 211 -25.48 7.35 7.92
CA LYS A 211 -25.85 8.71 8.28
C LYS A 211 -25.85 9.62 7.07
N MET A 212 -24.90 9.44 6.16
CA MET A 212 -24.81 10.33 5.01
C MET A 212 -26.07 10.22 4.16
N ASP A 213 -26.53 9.00 3.90
CA ASP A 213 -27.73 8.83 3.09
C ASP A 213 -28.98 9.23 3.86
N LYS A 214 -29.01 9.00 5.18
CA LYS A 214 -30.15 9.48 5.97
C LYS A 214 -30.32 10.98 5.83
N GLU A 215 -29.22 11.74 5.99
CA GLU A 215 -29.36 13.18 5.80
C GLU A 215 -29.61 13.50 4.33
N ILE A 216 -29.16 12.65 3.41
CA ILE A 216 -29.45 12.84 2.01
C ILE A 216 -30.95 12.70 1.74
N ASN A 217 -31.59 11.71 2.37
CA ASN A 217 -32.98 11.39 2.08
C ASN A 217 -33.96 12.16 2.96
N ASN A 218 -33.60 13.35 3.43
CA ASN A 218 -34.50 14.22 4.17
C ASN A 218 -34.33 15.64 3.66
N ARG A 219 -35.41 16.24 3.14
CA ARG A 219 -35.29 17.54 2.51
C ARG A 219 -36.31 18.56 3.01
N THR A 220 -37.46 18.09 3.46
CA THR A 220 -38.56 18.95 3.95
C THR A 220 -39.07 19.87 2.83
N CYS A 221 -39.68 19.23 1.83
CA CYS A 221 -40.37 19.93 0.75
C CYS A 221 -41.88 19.87 0.96
N GLU A 222 -42.65 20.34 -0.02
CA GLU A 222 -44.10 20.28 0.02
C GLU A 222 -44.62 19.51 -1.19
N VAL A 223 -45.34 18.44 -0.94
CA VAL A 223 -45.77 17.49 -1.98
C VAL A 223 -47.18 17.01 -1.66
N ILE A 224 -48.01 16.87 -2.70
CA ILE A 224 -49.40 16.51 -2.49
C ILE A 224 -49.53 15.00 -2.30
N LYS A 225 -49.34 14.55 -1.06
CA LYS A 225 -49.60 13.14 -0.77
C LYS A 225 -51.08 12.89 -0.51
N ASP A 226 -51.81 13.92 -0.11
CA ASP A 226 -53.26 13.81 0.08
C ASP A 226 -53.88 15.20 0.06
N GLY A 227 -54.70 15.46 -0.93
CA GLY A 227 -55.43 16.72 -0.97
C GLY A 227 -54.55 17.92 -1.27
N ARG A 228 -53.55 18.16 -0.42
CA ARG A 228 -52.69 19.32 -0.54
C ARG A 228 -51.24 18.89 -0.46
N PHE A 229 -50.36 19.83 -0.77
CA PHE A 229 -48.94 19.64 -0.52
C PHE A 229 -48.68 19.60 0.97
N LYS A 230 -47.66 18.85 1.38
CA LYS A 230 -47.31 18.68 2.77
C LYS A 230 -45.80 18.68 2.92
N VAL A 231 -45.36 18.96 4.15
CA VAL A 231 -43.96 18.79 4.53
C VAL A 231 -43.56 17.33 4.31
N ALA A 232 -42.38 17.15 3.74
CA ALA A 232 -41.92 15.82 3.37
C ALA A 232 -40.40 15.74 3.39
N LYS A 233 -39.87 14.82 4.16
CA LYS A 233 -38.46 14.52 4.01
C LYS A 233 -38.24 13.82 2.67
N TRP A 234 -37.00 13.88 2.19
CA TRP A 234 -36.69 13.37 0.86
C TRP A 234 -37.00 11.89 0.73
N LYS A 235 -36.93 11.13 1.82
CA LYS A 235 -37.22 9.70 1.74
C LYS A 235 -38.70 9.39 1.75
N GLU A 236 -39.59 10.39 1.69
CA GLU A 236 -41.01 10.09 1.64
C GLU A 236 -41.56 10.08 0.22
N ILE A 237 -41.03 10.93 -0.66
CA ILE A 237 -41.70 11.18 -1.93
C ILE A 237 -41.53 9.96 -2.83
N GLN A 238 -42.62 9.23 -3.02
CA GLN A 238 -42.63 7.99 -3.77
C GLN A 238 -42.39 8.27 -5.25
N VAL A 239 -42.42 7.21 -6.05
CA VAL A 239 -42.34 7.38 -7.49
C VAL A 239 -43.65 7.97 -8.01
N GLY A 240 -43.53 8.93 -8.92
CA GLY A 240 -44.71 9.46 -9.57
C GLY A 240 -45.60 10.30 -8.67
N ASP A 241 -45.12 11.47 -8.28
CA ASP A 241 -45.88 12.34 -7.39
C ASP A 241 -45.85 13.77 -7.90
N VAL A 242 -46.29 14.72 -7.09
CA VAL A 242 -46.38 16.13 -7.50
C VAL A 242 -45.72 16.99 -6.44
N ILE A 243 -44.72 17.76 -6.82
CA ILE A 243 -43.87 18.48 -5.90
C ILE A 243 -44.05 19.98 -6.11
N ARG A 244 -44.14 20.72 -5.01
CA ARG A 244 -44.18 22.18 -5.04
C ARG A 244 -42.82 22.65 -4.54
N LEU A 245 -41.92 22.96 -5.46
CA LEU A 245 -40.60 23.41 -5.05
C LEU A 245 -40.62 24.90 -4.75
N LYS A 246 -39.65 25.32 -3.96
CA LYS A 246 -39.58 26.69 -3.44
C LYS A 246 -38.33 27.38 -3.96
N LYS A 247 -38.17 28.63 -3.54
CA LYS A 247 -37.01 29.42 -3.93
C LYS A 247 -35.73 28.79 -3.40
N ASN A 248 -34.72 28.69 -4.27
CA ASN A 248 -33.45 28.07 -3.92
C ASN A 248 -33.65 26.73 -3.23
N ASP A 249 -34.32 25.83 -3.95
CA ASP A 249 -34.57 24.49 -3.45
C ASP A 249 -33.45 23.55 -3.87
N PHE A 250 -33.68 22.26 -3.71
CA PHE A 250 -32.68 21.22 -3.93
C PHE A 250 -33.41 20.04 -4.54
N VAL A 251 -33.31 19.89 -5.87
CA VAL A 251 -34.29 19.14 -6.65
C VAL A 251 -34.39 17.69 -6.20
N PRO A 252 -35.57 17.25 -5.77
CA PRO A 252 -35.75 15.84 -5.38
C PRO A 252 -35.52 14.84 -6.49
N ALA A 253 -36.28 14.93 -7.57
CA ALA A 253 -36.22 13.94 -8.62
C ALA A 253 -36.18 14.65 -9.96
N ASP A 254 -35.92 13.87 -11.01
CA ASP A 254 -35.82 14.43 -12.35
C ASP A 254 -37.22 14.43 -12.93
N ILE A 255 -37.84 15.61 -12.97
CA ILE A 255 -39.28 15.70 -13.16
C ILE A 255 -39.60 16.69 -14.26
N LEU A 256 -40.83 16.64 -14.74
CA LEU A 256 -41.36 17.69 -15.60
C LEU A 256 -41.85 18.85 -14.75
N LEU A 257 -42.16 19.95 -15.41
CA LEU A 257 -42.57 21.16 -14.71
C LEU A 257 -43.87 21.66 -15.32
N LEU A 258 -44.90 21.79 -14.49
CA LEU A 258 -46.24 22.16 -14.95
C LEU A 258 -46.55 23.63 -14.79
N SER A 259 -45.98 24.29 -13.78
CA SER A 259 -46.24 25.70 -13.52
C SER A 259 -45.11 26.23 -12.66
N SER A 260 -45.10 27.55 -12.46
CA SER A 260 -44.08 28.20 -11.66
C SER A 260 -44.60 29.57 -11.24
N SER A 261 -43.70 30.39 -10.70
CA SER A 261 -44.01 31.77 -10.34
C SER A 261 -43.84 32.73 -11.52
N GLU A 262 -42.85 32.49 -12.37
CA GLU A 262 -42.51 33.43 -13.42
C GLU A 262 -43.57 33.44 -14.51
N PRO A 263 -43.62 34.50 -15.32
CA PRO A 263 -44.39 34.44 -16.56
C PRO A 263 -43.88 33.32 -17.44
N ASN A 264 -44.80 32.67 -18.16
CA ASN A 264 -44.53 31.46 -18.92
C ASN A 264 -44.10 30.33 -17.98
N SER A 265 -44.12 30.58 -16.68
CA SER A 265 -43.67 29.63 -15.67
C SER A 265 -42.25 29.15 -15.95
N LEU A 266 -41.47 29.97 -16.66
CA LEU A 266 -40.08 29.67 -16.91
C LEU A 266 -39.33 29.54 -15.59
N CYS A 267 -38.25 28.74 -15.61
CA CYS A 267 -37.49 28.49 -14.40
C CYS A 267 -36.01 28.57 -14.69
N TYR A 268 -35.23 28.63 -13.62
CA TYR A 268 -33.77 28.65 -13.67
C TYR A 268 -33.20 27.44 -12.97
N VAL A 269 -32.24 26.80 -13.62
CA VAL A 269 -31.43 25.75 -13.01
C VAL A 269 -29.98 26.11 -13.25
N GLU A 270 -29.16 25.98 -12.21
CA GLU A 270 -27.73 26.22 -12.33
C GLU A 270 -27.06 24.87 -12.55
N THR A 271 -27.00 24.48 -13.82
CA THR A 271 -26.43 23.20 -14.22
C THR A 271 -24.91 23.28 -14.09
N ALA A 272 -24.45 23.12 -12.85
CA ALA A 272 -23.04 22.93 -12.53
C ALA A 272 -22.86 21.69 -11.66
N GLU A 273 -23.82 20.78 -11.71
CA GLU A 273 -23.77 19.55 -10.94
C GLU A 273 -23.49 18.33 -11.79
N LEU A 274 -24.08 18.22 -12.97
CA LEU A 274 -23.69 17.20 -13.92
C LEU A 274 -22.52 17.65 -14.76
N ASP A 275 -22.05 18.87 -14.55
CA ASP A 275 -20.90 19.44 -15.22
C ASP A 275 -20.25 20.43 -14.26
N GLY A 276 -19.38 21.29 -14.77
CA GLY A 276 -18.67 22.18 -13.88
C GLY A 276 -18.86 23.66 -14.13
N GLU A 277 -19.12 24.05 -15.37
CA GLU A 277 -19.36 25.45 -15.66
C GLU A 277 -20.65 25.91 -14.98
N THR A 278 -20.70 27.19 -14.63
CA THR A 278 -21.80 27.74 -13.84
C THR A 278 -22.51 28.88 -14.58
N ASN A 279 -22.79 28.69 -15.87
CA ASN A 279 -23.73 29.58 -16.52
C ASN A 279 -25.15 29.10 -16.28
N LEU A 280 -26.05 30.05 -16.08
CA LEU A 280 -27.41 29.70 -15.72
C LEU A 280 -28.17 29.19 -16.93
N LYS A 281 -28.97 28.14 -16.73
CA LYS A 281 -29.75 27.55 -17.80
C LYS A 281 -31.23 27.64 -17.44
N PHE A 282 -32.01 28.27 -18.29
CA PHE A 282 -33.43 28.41 -18.01
C PHE A 282 -34.23 27.35 -18.76
N LYS A 283 -35.43 27.08 -18.27
CA LYS A 283 -36.26 26.01 -18.79
C LYS A 283 -37.70 26.47 -18.89
N MET A 284 -38.44 25.81 -19.77
CA MET A 284 -39.85 26.04 -20.01
C MET A 284 -40.69 24.93 -19.38
N SER A 285 -41.96 25.26 -19.14
CA SER A 285 -42.94 24.34 -18.58
C SER A 285 -43.92 23.92 -19.67
N LEU A 286 -44.92 23.14 -19.28
CA LEU A 286 -45.86 22.59 -20.25
C LEU A 286 -46.67 23.70 -20.90
N GLU A 287 -46.80 23.60 -22.22
CA GLU A 287 -47.34 24.69 -23.03
C GLU A 287 -48.85 24.81 -22.89
N ILE A 288 -49.54 23.67 -22.89
CA ILE A 288 -51.00 23.71 -22.84
C ILE A 288 -51.47 24.21 -21.48
N THR A 289 -50.94 23.64 -20.40
CA THR A 289 -51.42 23.97 -19.06
C THR A 289 -50.88 25.29 -18.55
N ASP A 290 -50.21 26.06 -19.42
CA ASP A 290 -49.77 27.40 -19.04
C ASP A 290 -50.92 28.25 -18.52
N GLN A 291 -52.16 27.84 -18.75
CA GLN A 291 -53.32 28.59 -18.29
C GLN A 291 -54.33 27.76 -17.52
N TYR A 292 -54.33 26.43 -17.62
CA TYR A 292 -55.41 25.66 -17.03
C TYR A 292 -55.28 25.54 -15.51
N LEU A 293 -54.24 24.85 -15.04
CA LEU A 293 -54.18 24.63 -13.60
C LEU A 293 -53.35 25.71 -12.93
N GLN A 294 -52.06 25.75 -13.23
CA GLN A 294 -51.19 26.87 -12.86
C GLN A 294 -51.30 27.24 -11.38
N ARG A 295 -51.88 26.39 -10.56
CA ARG A 295 -52.26 26.80 -9.22
C ARG A 295 -52.22 25.59 -8.29
N GLU A 296 -52.90 25.71 -7.16
CA GLU A 296 -52.73 24.84 -5.99
C GLU A 296 -53.64 23.61 -6.03
N ASP A 297 -54.89 23.78 -6.45
CA ASP A 297 -55.93 22.78 -6.19
C ASP A 297 -56.20 21.87 -7.38
N THR A 298 -56.56 22.42 -8.53
CA THR A 298 -57.20 21.63 -9.58
C THR A 298 -56.31 20.50 -10.07
N LEU A 299 -55.00 20.58 -9.84
CA LEU A 299 -54.14 19.45 -10.16
C LEU A 299 -54.47 18.23 -9.32
N ALA A 300 -54.96 18.44 -8.09
CA ALA A 300 -55.24 17.32 -7.20
C ALA A 300 -56.15 16.30 -7.87
N THR A 301 -57.08 16.76 -8.68
CA THR A 301 -57.82 15.89 -9.57
C THR A 301 -57.16 15.96 -10.95
N PHE A 302 -56.57 14.85 -11.38
CA PHE A 302 -55.85 14.84 -12.63
C PHE A 302 -55.78 13.42 -13.16
N ASP A 303 -55.46 13.31 -14.44
CA ASP A 303 -55.28 12.02 -15.10
C ASP A 303 -54.37 12.23 -16.31
N GLY A 304 -54.27 11.20 -17.14
CA GLY A 304 -53.35 11.25 -18.27
C GLY A 304 -51.97 10.83 -17.87
N PHE A 305 -51.87 9.72 -17.15
CA PHE A 305 -50.57 9.25 -16.66
C PHE A 305 -49.73 8.75 -17.82
N ILE A 306 -48.47 9.17 -17.85
CA ILE A 306 -47.59 8.98 -18.99
C ILE A 306 -46.52 7.96 -18.66
N GLU A 307 -46.00 7.31 -19.69
CA GLU A 307 -44.77 6.54 -19.59
C GLU A 307 -43.73 7.07 -20.56
N CYS A 308 -42.46 6.85 -20.21
CA CYS A 308 -41.33 7.28 -21.00
C CYS A 308 -40.31 6.15 -21.08
N GLU A 309 -39.12 6.45 -21.56
CA GLU A 309 -38.14 5.43 -21.91
C GLU A 309 -37.18 5.17 -20.76
N GLU A 310 -36.83 3.90 -20.57
CA GLU A 310 -35.82 3.54 -19.60
C GLU A 310 -34.48 4.17 -19.98
N PRO A 311 -33.71 4.63 -19.00
CA PRO A 311 -32.55 5.47 -19.30
C PRO A 311 -31.51 4.77 -20.16
N ASN A 312 -30.92 5.52 -21.08
CA ASN A 312 -29.77 5.10 -21.86
C ASN A 312 -28.53 5.90 -21.52
N ASN A 313 -28.61 6.74 -20.48
CA ASN A 313 -27.46 7.52 -20.02
C ASN A 313 -26.92 8.42 -21.12
N ARG A 314 -27.82 9.03 -21.88
CA ARG A 314 -27.50 9.82 -23.05
C ARG A 314 -27.75 11.31 -22.86
N LEU A 315 -28.81 11.67 -22.14
CA LEU A 315 -29.19 13.05 -21.89
C LEU A 315 -29.46 13.83 -23.17
N ASP A 316 -29.93 13.17 -24.24
CA ASP A 316 -30.13 13.88 -25.49
C ASP A 316 -31.33 13.50 -26.34
N LYS A 317 -32.18 12.54 -25.93
CA LYS A 317 -33.31 12.18 -26.79
C LYS A 317 -34.67 12.47 -26.17
N PHE A 318 -35.00 11.86 -25.03
CA PHE A 318 -36.23 12.15 -24.29
C PHE A 318 -37.47 12.18 -25.19
N THR A 319 -37.78 11.02 -25.76
CA THR A 319 -38.97 10.93 -26.61
C THR A 319 -40.17 10.51 -25.78
N GLY A 320 -41.29 10.21 -26.44
CA GLY A 320 -42.56 9.98 -25.79
C GLY A 320 -43.48 11.17 -25.91
N THR A 321 -44.77 10.93 -25.63
CA THR A 321 -45.79 11.95 -25.77
C THR A 321 -46.63 12.04 -24.50
N LEU A 322 -47.39 13.12 -24.39
CA LEU A 322 -48.33 13.28 -23.30
C LEU A 322 -49.38 12.17 -23.29
N PHE A 323 -50.01 12.03 -22.13
CA PHE A 323 -51.20 11.20 -21.98
C PHE A 323 -52.38 12.03 -21.52
N TRP A 324 -52.18 13.33 -21.32
CA TRP A 324 -53.26 14.24 -21.04
C TRP A 324 -54.07 14.49 -22.31
N ARG A 325 -55.25 15.09 -22.14
CA ARG A 325 -56.23 15.19 -23.19
C ARG A 325 -55.79 16.27 -24.18
N ASN A 326 -56.70 16.62 -25.09
CA ASN A 326 -56.50 17.72 -26.03
C ASN A 326 -55.28 17.48 -26.92
N THR A 327 -55.35 16.38 -27.68
CA THR A 327 -54.32 16.01 -28.66
C THR A 327 -52.96 15.85 -27.97
N SER A 328 -52.89 14.79 -27.15
CA SER A 328 -51.66 14.43 -26.46
C SER A 328 -50.44 14.62 -27.34
N PHE A 329 -49.46 15.34 -26.83
CA PHE A 329 -48.33 15.87 -27.59
C PHE A 329 -47.01 15.38 -27.01
N PRO A 330 -45.90 15.46 -27.80
CA PRO A 330 -44.67 14.79 -27.40
C PRO A 330 -44.01 15.29 -26.12
N LEU A 331 -42.95 14.58 -25.71
CA LEU A 331 -42.18 14.87 -24.50
C LEU A 331 -40.76 15.23 -24.90
N ASP A 332 -40.06 15.92 -24.01
CA ASP A 332 -38.75 16.47 -24.36
C ASP A 332 -37.80 16.58 -23.16
N ALA A 333 -36.81 17.46 -23.31
CA ALA A 333 -35.80 17.76 -22.25
C ALA A 333 -35.93 19.23 -21.81
N ASP A 334 -36.63 20.08 -22.58
CA ASP A 334 -36.76 21.49 -22.20
C ASP A 334 -37.83 21.69 -21.14
N LYS A 335 -38.67 20.69 -20.90
CA LYS A 335 -39.64 20.72 -19.82
C LYS A 335 -39.28 19.75 -18.69
N ILE A 336 -38.09 19.15 -18.74
CA ILE A 336 -37.70 18.14 -17.76
C ILE A 336 -36.57 18.71 -16.92
N LEU A 337 -36.50 18.24 -15.66
CA LEU A 337 -35.50 18.74 -14.68
C LEU A 337 -34.59 17.60 -14.23
N LEU A 338 -33.44 17.95 -13.63
CA LEU A 338 -32.45 16.97 -13.19
C LEU A 338 -32.21 17.07 -11.68
N ARG A 339 -31.35 16.20 -11.16
CA ARG A 339 -31.25 15.95 -9.72
C ARG A 339 -30.60 17.11 -8.94
N GLY A 340 -29.34 17.38 -9.22
CA GLY A 340 -28.62 18.29 -8.36
C GLY A 340 -28.73 19.76 -8.70
N CYS A 341 -29.54 20.10 -9.69
CA CYS A 341 -29.64 21.50 -10.12
C CYS A 341 -30.17 22.37 -8.99
N VAL A 342 -29.50 23.49 -8.76
CA VAL A 342 -29.89 24.41 -7.69
C VAL A 342 -30.73 25.51 -8.32
N ILE A 343 -31.53 26.16 -7.48
CA ILE A 343 -32.62 27.02 -7.92
C ILE A 343 -32.29 28.48 -7.64
N ARG A 344 -32.69 29.36 -8.57
CA ARG A 344 -32.42 30.78 -8.46
C ARG A 344 -33.53 31.55 -9.16
N ASN A 345 -33.98 32.64 -8.53
CA ASN A 345 -34.93 33.59 -9.11
C ASN A 345 -36.26 32.96 -9.52
N THR A 346 -36.61 31.81 -8.96
CA THR A 346 -37.77 31.02 -9.40
C THR A 346 -38.59 30.57 -8.18
N ASP A 347 -39.08 31.56 -7.42
CA ASP A 347 -39.63 31.42 -6.08
C ASP A 347 -40.38 30.12 -5.80
N PHE A 348 -41.27 29.69 -6.69
CA PHE A 348 -41.97 28.43 -6.47
C PHE A 348 -42.52 27.91 -7.80
N CYS A 349 -42.72 26.60 -7.86
CA CYS A 349 -43.02 25.94 -9.12
C CYS A 349 -43.92 24.73 -8.88
N HIS A 350 -44.26 24.04 -9.96
CA HIS A 350 -45.19 22.90 -9.92
C HIS A 350 -44.89 21.95 -11.07
N GLY A 351 -44.84 20.65 -10.78
CA GLY A 351 -44.58 19.67 -11.83
C GLY A 351 -44.87 18.25 -11.38
N LEU A 352 -44.70 17.32 -12.32
CA LEU A 352 -44.92 15.89 -12.11
C LEU A 352 -43.61 15.14 -12.15
N VAL A 353 -43.49 14.11 -11.31
CA VAL A 353 -42.27 13.35 -11.14
C VAL A 353 -42.30 12.15 -12.07
N ILE A 354 -41.34 12.08 -12.98
CA ILE A 354 -41.25 10.94 -13.89
C ILE A 354 -40.22 9.91 -13.39
N PHE A 355 -38.96 10.28 -13.29
CA PHE A 355 -37.93 9.43 -12.70
C PHE A 355 -37.65 9.88 -11.29
N ALA A 356 -37.61 8.92 -10.37
CA ALA A 356 -37.36 9.20 -8.96
C ALA A 356 -36.67 7.98 -8.36
N GLY A 357 -36.48 8.02 -7.05
CA GLY A 357 -35.72 7.00 -6.39
C GLY A 357 -34.24 7.16 -6.67
N ALA A 358 -33.48 6.09 -6.40
CA ALA A 358 -32.04 6.08 -6.61
C ALA A 358 -31.68 5.57 -7.99
N ASP A 359 -32.55 5.79 -8.98
CA ASP A 359 -32.26 5.42 -10.35
C ASP A 359 -32.73 6.50 -11.32
N THR A 360 -32.37 7.75 -11.10
CA THR A 360 -32.93 8.79 -11.96
C THR A 360 -32.24 8.80 -13.32
N LYS A 361 -31.02 9.36 -13.38
CA LYS A 361 -30.11 9.09 -14.48
C LYS A 361 -28.69 8.86 -13.96
N ILE A 362 -28.29 9.69 -13.00
CA ILE A 362 -26.89 9.70 -12.59
C ILE A 362 -26.57 8.48 -11.75
N MET A 363 -27.50 8.08 -10.89
CA MET A 363 -27.30 6.81 -10.22
C MET A 363 -27.25 5.66 -11.21
N LYS A 364 -27.74 5.87 -12.42
CA LYS A 364 -27.67 4.86 -13.47
C LYS A 364 -26.58 5.17 -14.49
N ASN A 365 -25.69 6.12 -14.21
CA ASN A 365 -24.52 6.26 -15.07
C ASN A 365 -23.25 6.32 -14.23
N SER A 366 -23.40 6.60 -12.93
CA SER A 366 -22.25 6.81 -12.05
C SER A 366 -22.35 5.87 -10.86
N GLY A 367 -21.24 5.17 -10.60
CA GLY A 367 -21.21 4.26 -9.47
C GLY A 367 -20.36 3.02 -9.73
N LYS A 368 -20.82 1.87 -9.23
CA LYS A 368 -20.15 0.59 -9.43
C LYS A 368 -18.75 0.59 -8.84
N THR A 369 -18.70 0.68 -7.51
CA THR A 369 -17.45 0.53 -6.80
C THR A 369 -16.83 -0.82 -7.09
N ARG A 370 -15.51 -0.91 -6.91
CA ARG A 370 -14.81 -2.18 -6.98
C ARG A 370 -13.79 -2.24 -5.86
N PHE A 371 -13.41 -3.45 -5.48
CA PHE A 371 -12.37 -3.62 -4.48
C PHE A 371 -11.02 -3.37 -5.13
N LYS A 372 -10.26 -2.42 -4.58
CA LYS A 372 -9.05 -1.92 -5.20
C LYS A 372 -7.82 -2.48 -4.49
N ARG A 373 -6.94 -3.12 -5.26
CA ARG A 373 -5.74 -3.76 -4.76
C ARG A 373 -4.52 -3.18 -5.45
N THR A 374 -3.48 -2.89 -4.67
CA THR A 374 -2.31 -2.23 -5.22
C THR A 374 -1.44 -3.22 -5.99
N LYS A 375 -0.52 -2.67 -6.77
CA LYS A 375 0.29 -3.50 -7.65
C LYS A 375 1.19 -4.45 -6.88
N ILE A 376 1.77 -3.98 -5.77
CA ILE A 376 2.70 -4.80 -5.01
C ILE A 376 2.01 -6.04 -4.44
N ASP A 377 0.69 -5.95 -4.19
CA ASP A 377 -0.04 -7.08 -3.66
C ASP A 377 -0.05 -8.24 -4.64
N TYR A 378 -0.20 -7.95 -5.92
CA TYR A 378 -0.23 -9.02 -6.90
C TYR A 378 1.10 -9.76 -6.93
N LEU A 379 2.21 -9.03 -6.83
CA LEU A 379 3.50 -9.68 -6.77
C LEU A 379 3.64 -10.52 -5.51
N MET A 380 3.17 -10.00 -4.37
CA MET A 380 3.22 -10.82 -3.15
C MET A 380 2.48 -12.14 -3.36
N ASN A 381 1.31 -12.09 -3.99
CA ASN A 381 0.56 -13.32 -4.18
C ASN A 381 1.30 -14.28 -5.09
N TYR A 382 1.83 -13.79 -6.20
CA TYR A 382 2.59 -14.67 -7.10
C TYR A 382 3.71 -15.34 -6.33
N MET A 383 4.44 -14.57 -5.54
CA MET A 383 5.63 -15.13 -4.93
C MET A 383 5.25 -16.10 -3.83
N VAL A 384 4.12 -15.87 -3.17
CA VAL A 384 3.61 -16.86 -2.23
C VAL A 384 3.28 -18.16 -2.95
N TYR A 385 2.72 -18.07 -4.15
CA TYR A 385 2.48 -19.30 -4.92
C TYR A 385 3.77 -20.07 -5.15
N THR A 386 4.81 -19.34 -5.55
CA THR A 386 6.10 -19.99 -5.84
C THR A 386 6.69 -20.65 -4.60
N ILE A 387 6.68 -19.95 -3.46
CA ILE A 387 7.27 -20.55 -2.27
C ILE A 387 6.45 -21.74 -1.79
N PHE A 388 5.13 -21.67 -1.96
CA PHE A 388 4.28 -22.82 -1.66
C PHE A 388 4.72 -24.06 -2.43
N VAL A 389 4.86 -23.93 -3.75
CA VAL A 389 5.23 -25.12 -4.51
C VAL A 389 6.62 -25.59 -4.13
N VAL A 390 7.52 -24.66 -3.82
CA VAL A 390 8.87 -25.06 -3.45
C VAL A 390 8.85 -25.91 -2.20
N LEU A 391 8.10 -25.50 -1.18
CA LEU A 391 8.14 -26.32 0.03
C LEU A 391 7.42 -27.63 -0.18
N ILE A 392 6.44 -27.68 -1.09
CA ILE A 392 5.84 -28.98 -1.41
C ILE A 392 6.91 -29.94 -1.93
N LEU A 393 7.71 -29.48 -2.89
CA LEU A 393 8.77 -30.36 -3.39
C LEU A 393 9.76 -30.74 -2.31
N LEU A 394 10.12 -29.80 -1.44
CA LEU A 394 11.06 -30.14 -0.37
C LEU A 394 10.50 -31.26 0.51
N SER A 395 9.24 -31.12 0.92
CA SER A 395 8.65 -32.13 1.79
C SER A 395 8.57 -33.48 1.07
N ALA A 396 8.22 -33.49 -0.22
CA ALA A 396 8.13 -34.76 -0.93
C ALA A 396 9.49 -35.45 -0.98
N GLY A 397 10.52 -34.73 -1.42
CA GLY A 397 11.85 -35.33 -1.50
C GLY A 397 12.32 -35.84 -0.16
N LEU A 398 12.06 -35.08 0.90
CA LEU A 398 12.53 -35.50 2.21
C LEU A 398 11.75 -36.69 2.74
N ALA A 399 10.46 -36.79 2.43
CA ALA A 399 9.72 -37.97 2.87
C ALA A 399 10.21 -39.21 2.15
N ILE A 400 10.54 -39.09 0.86
CA ILE A 400 11.16 -40.20 0.15
C ILE A 400 12.44 -40.62 0.85
N GLY A 401 13.25 -39.64 1.22
CA GLY A 401 14.46 -39.95 1.97
C GLY A 401 14.15 -40.70 3.26
N HIS A 402 13.14 -40.24 3.99
CA HIS A 402 12.84 -40.87 5.26
C HIS A 402 12.39 -42.31 5.07
N ALA A 403 11.54 -42.55 4.07
CA ALA A 403 11.06 -43.90 3.84
C ALA A 403 12.21 -44.84 3.49
N TYR A 404 13.11 -44.39 2.60
CA TYR A 404 14.25 -45.24 2.27
C TYR A 404 15.11 -45.49 3.49
N TRP A 405 15.37 -44.46 4.29
CA TRP A 405 16.23 -44.65 5.45
C TRP A 405 15.59 -45.58 6.46
N GLU A 406 14.27 -45.51 6.63
CA GLU A 406 13.60 -46.45 7.51
C GLU A 406 13.69 -47.87 6.98
N ALA A 407 13.54 -48.04 5.67
CA ALA A 407 13.66 -49.38 5.09
C ALA A 407 15.04 -49.94 5.33
N GLN A 408 16.08 -49.14 5.16
CA GLN A 408 17.43 -49.65 5.36
C GLN A 408 17.74 -49.86 6.84
N VAL A 409 17.31 -48.93 7.69
CA VAL A 409 17.77 -48.87 9.07
C VAL A 409 16.64 -48.85 10.07
N GLY A 410 15.44 -48.42 9.71
CA GLY A 410 14.35 -48.26 10.66
C GLY A 410 14.02 -49.51 11.44
N ASN A 411 13.54 -50.56 10.74
CA ASN A 411 13.35 -51.83 11.42
C ASN A 411 14.66 -52.55 11.65
N SER A 412 15.77 -52.02 11.16
CA SER A 412 17.07 -52.65 11.31
C SER A 412 17.73 -52.33 12.64
N SER A 413 17.09 -51.53 13.49
CA SER A 413 17.63 -51.20 14.80
C SER A 413 16.85 -51.92 15.88
N TRP A 414 17.21 -51.65 17.11
CA TRP A 414 16.43 -52.16 18.23
C TRP A 414 16.03 -51.07 19.21
N TYR A 415 16.90 -50.10 19.44
CA TYR A 415 16.55 -49.02 20.34
C TYR A 415 15.39 -48.18 19.81
N LEU A 416 15.17 -48.21 18.50
CA LEU A 416 14.07 -47.47 17.90
C LEU A 416 12.85 -48.38 17.70
N TYR A 417 12.37 -48.95 18.79
CA TYR A 417 11.23 -49.85 18.71
C TYR A 417 9.93 -49.06 18.86
N ASP A 418 9.03 -49.25 17.90
CA ASP A 418 7.74 -48.60 17.89
C ASP A 418 6.65 -49.57 18.33
N GLY A 419 5.50 -49.02 18.67
CA GLY A 419 4.36 -49.82 19.03
C GLY A 419 3.51 -50.30 17.86
N GLU A 420 3.90 -49.98 16.64
CA GLU A 420 3.14 -50.33 15.46
C GLU A 420 4.01 -51.11 14.49
N ASP A 421 3.38 -52.04 13.77
CA ASP A 421 4.01 -52.72 12.64
C ASP A 421 3.60 -52.09 11.32
N ASP A 422 3.38 -50.77 11.30
CA ASP A 422 3.02 -50.08 10.07
C ASP A 422 4.16 -50.18 9.07
N THR A 423 3.79 -50.44 7.82
CA THR A 423 4.79 -50.62 6.78
C THR A 423 5.56 -49.33 6.56
N PRO A 424 6.84 -49.42 6.18
CA PRO A 424 7.66 -48.20 6.10
C PRO A 424 7.08 -47.14 5.19
N SER A 425 6.50 -47.53 4.06
CA SER A 425 5.94 -46.53 3.17
C SER A 425 4.83 -45.74 3.87
N TYR A 426 4.12 -46.37 4.80
CA TYR A 426 3.16 -45.63 5.58
C TYR A 426 3.85 -44.58 6.43
N ARG A 427 5.02 -44.91 6.99
CA ARG A 427 5.79 -43.90 7.70
C ARG A 427 6.18 -42.77 6.77
N GLY A 428 6.55 -43.10 5.54
CA GLY A 428 6.93 -42.06 4.59
C GLY A 428 5.79 -41.09 4.32
N PHE A 429 4.62 -41.63 4.00
CA PHE A 429 3.45 -40.77 3.82
C PHE A 429 3.15 -40.01 5.09
N LEU A 430 3.34 -40.63 6.24
CA LEU A 430 2.94 -40.05 7.49
C LEU A 430 3.93 -39.01 7.98
N ILE A 431 5.09 -38.92 7.34
CA ILE A 431 6.03 -37.83 7.61
C ILE A 431 6.02 -36.76 6.53
N PHE A 432 5.52 -37.07 5.33
CA PHE A 432 5.39 -36.03 4.32
C PHE A 432 4.43 -34.93 4.76
N TRP A 433 3.61 -35.19 5.77
CA TRP A 433 2.80 -34.16 6.39
C TRP A 433 3.38 -33.72 7.71
N GLY A 434 4.63 -34.09 8.00
CA GLY A 434 5.29 -33.65 9.21
C GLY A 434 6.27 -32.52 8.98
N TYR A 435 6.71 -32.33 7.74
CA TYR A 435 7.46 -31.13 7.37
C TYR A 435 6.61 -29.95 6.99
N ILE A 436 5.42 -30.18 6.42
CA ILE A 436 4.52 -29.10 6.11
C ILE A 436 4.20 -28.25 7.33
N ILE A 437 4.54 -28.73 8.51
CA ILE A 437 4.25 -28.00 9.73
C ILE A 437 5.51 -27.51 10.44
N VAL A 438 6.69 -28.04 10.14
CA VAL A 438 7.93 -27.43 10.63
C VAL A 438 8.56 -26.52 9.59
N LEU A 439 8.06 -26.52 8.35
CA LEU A 439 8.52 -25.60 7.33
C LEU A 439 7.47 -24.54 7.03
N ASN A 440 6.47 -24.39 7.89
CA ASN A 440 5.45 -23.38 7.69
C ASN A 440 5.97 -21.97 7.90
N THR A 441 7.15 -21.82 8.48
CA THR A 441 7.70 -20.48 8.68
C THR A 441 8.10 -19.83 7.36
N MET A 442 8.37 -20.62 6.33
CA MET A 442 8.19 -20.10 4.98
C MET A 442 6.76 -19.63 4.84
N VAL A 443 6.58 -18.41 4.38
CA VAL A 443 5.27 -17.75 4.37
C VAL A 443 4.77 -17.68 5.80
N PRO A 444 5.34 -16.84 6.64
CA PRO A 444 4.92 -16.78 8.04
C PRO A 444 3.62 -16.00 8.15
N ILE A 445 3.05 -16.00 9.34
CA ILE A 445 1.88 -15.17 9.61
C ILE A 445 2.30 -13.76 9.99
N SER A 446 3.56 -13.57 10.38
CA SER A 446 3.99 -12.27 10.86
C SER A 446 3.97 -11.22 9.75
N LEU A 447 4.09 -11.66 8.49
CA LEU A 447 4.12 -10.72 7.39
C LEU A 447 2.81 -9.95 7.28
N TYR A 448 1.69 -10.67 7.31
CA TYR A 448 0.42 -10.04 7.01
C TYR A 448 -0.19 -9.31 8.18
N VAL A 449 0.48 -9.31 9.33
CA VAL A 449 0.13 -8.41 10.42
C VAL A 449 0.96 -7.14 10.36
N SER A 450 2.27 -7.29 10.17
CA SER A 450 3.15 -6.13 10.14
C SER A 450 2.82 -5.24 8.95
N VAL A 451 2.37 -5.82 7.85
CA VAL A 451 1.97 -5.02 6.70
C VAL A 451 0.89 -4.03 7.12
N GLU A 452 -0.05 -4.51 7.93
CA GLU A 452 -1.15 -3.67 8.37
C GLU A 452 -0.65 -2.48 9.16
N VAL A 453 0.28 -2.72 10.10
CA VAL A 453 0.82 -1.62 10.88
C VAL A 453 1.52 -0.64 9.97
N ILE A 454 2.25 -1.15 8.98
CA ILE A 454 2.97 -0.26 8.07
C ILE A 454 2.00 0.68 7.38
N ARG A 455 0.99 0.11 6.70
CA ARG A 455 0.08 0.93 5.91
C ARG A 455 -0.71 1.89 6.79
N LEU A 456 -1.22 1.38 7.91
CA LEU A 456 -2.02 2.19 8.80
C LEU A 456 -1.21 3.31 9.42
N GLY A 457 0.08 3.10 9.67
CA GLY A 457 0.89 4.19 10.15
C GLY A 457 1.11 5.22 9.07
N GLN A 458 1.43 4.77 7.86
CA GLN A 458 1.80 5.72 6.82
C GLN A 458 0.65 6.64 6.46
N SER A 459 -0.59 6.14 6.56
CA SER A 459 -1.72 7.02 6.28
C SER A 459 -1.70 8.24 7.20
N HIS A 460 -1.46 8.04 8.48
CA HIS A 460 -1.46 9.17 9.40
C HIS A 460 -0.39 10.18 9.03
N PHE A 461 0.75 9.71 8.53
CA PHE A 461 1.73 10.64 8.00
C PHE A 461 1.19 11.40 6.81
N ILE A 462 0.36 10.75 5.99
CA ILE A 462 -0.29 11.49 4.90
C ILE A 462 -1.09 12.65 5.46
N ASN A 463 -1.92 12.39 6.47
CA ASN A 463 -2.91 13.36 6.88
C ASN A 463 -2.52 14.16 8.12
N TRP A 464 -1.28 14.08 8.56
CA TRP A 464 -0.80 15.00 9.58
C TRP A 464 0.10 16.07 9.02
N ASP A 465 0.17 16.19 7.70
CA ASP A 465 1.17 17.06 7.11
C ASP A 465 0.70 18.51 7.24
N LEU A 466 1.43 19.29 8.01
CA LEU A 466 1.09 20.71 8.15
C LEU A 466 1.22 21.42 6.80
N GLN A 467 2.31 21.15 6.07
CA GLN A 467 2.51 21.83 4.81
C GLN A 467 1.42 21.53 3.81
N MET A 468 0.65 20.46 4.03
CA MET A 468 -0.55 20.22 3.25
C MET A 468 -1.80 20.84 3.86
N TYR A 469 -1.69 21.30 5.11
CA TYR A 469 -2.87 21.90 5.79
C TYR A 469 -3.16 23.28 5.20
N TYR A 470 -4.33 23.46 4.58
CA TYR A 470 -4.70 24.76 4.04
C TYR A 470 -4.86 25.77 5.17
N ALA A 471 -4.53 27.03 4.87
CA ALA A 471 -4.55 28.06 5.91
C ALA A 471 -5.96 28.58 6.15
N GLU A 472 -6.57 29.19 5.13
CA GLU A 472 -7.83 29.89 5.36
C GLU A 472 -8.95 28.92 5.73
N LYS A 473 -9.13 27.88 4.94
CA LYS A 473 -10.32 27.06 5.09
C LYS A 473 -10.29 26.14 6.31
N ASP A 474 -9.15 26.01 6.98
CA ASP A 474 -8.98 25.06 8.09
C ASP A 474 -9.41 23.67 7.66
N THR A 475 -8.70 23.13 6.67
CA THR A 475 -9.01 21.84 6.10
C THR A 475 -7.86 20.88 6.32
N PRO A 476 -8.15 19.62 6.66
CA PRO A 476 -7.10 18.74 7.18
C PRO A 476 -6.27 18.03 6.12
N ALA A 477 -6.79 17.87 4.91
CA ALA A 477 -6.12 17.08 3.85
C ALA A 477 -6.04 15.61 4.24
N LYS A 478 -7.16 15.04 4.65
CA LYS A 478 -7.18 13.73 5.26
C LYS A 478 -7.26 12.62 4.22
N ALA A 479 -6.64 11.49 4.53
CA ALA A 479 -6.72 10.31 3.69
C ALA A 479 -8.11 9.70 3.75
N ARG A 480 -8.33 8.68 2.96
CA ARG A 480 -9.64 8.06 3.05
C ARG A 480 -9.59 6.55 3.16
N THR A 481 -8.70 5.88 2.43
CA THR A 481 -8.69 4.42 2.33
C THR A 481 -7.75 3.76 3.31
N THR A 482 -6.58 4.36 3.52
CA THR A 482 -5.58 3.86 4.45
C THR A 482 -5.12 2.45 4.10
N THR A 483 -5.15 2.09 2.82
CA THR A 483 -4.54 0.83 2.40
C THR A 483 -3.76 0.91 1.08
N LEU A 484 -4.02 1.87 0.19
CA LEU A 484 -3.32 1.96 -1.08
C LEU A 484 -2.10 2.85 -1.02
N ASN A 485 -1.49 2.99 0.16
CA ASN A 485 -0.55 4.07 0.37
C ASN A 485 0.73 3.95 -0.45
N GLU A 486 0.98 2.82 -1.08
CA GLU A 486 2.19 2.64 -1.85
C GLU A 486 1.99 2.84 -3.34
N GLN A 487 0.74 2.85 -3.81
CA GLN A 487 0.49 3.14 -5.21
C GLN A 487 0.97 4.53 -5.55
N LEU A 488 0.98 5.43 -4.57
CA LEU A 488 1.37 6.81 -4.79
C LEU A 488 2.77 6.95 -5.37
N GLY A 489 3.54 5.87 -5.44
CA GLY A 489 4.86 5.93 -6.02
C GLY A 489 5.00 5.32 -7.39
N GLN A 490 3.91 4.95 -8.04
CA GLN A 490 4.02 4.26 -9.32
C GLN A 490 3.13 4.89 -10.39
N ILE A 491 2.80 6.17 -10.25
CA ILE A 491 1.82 6.77 -11.13
C ILE A 491 2.42 6.99 -12.52
N HIS A 492 1.57 6.96 -13.53
CA HIS A 492 1.97 7.33 -14.88
C HIS A 492 1.12 8.45 -15.46
N TYR A 493 -0.19 8.36 -15.35
CA TYR A 493 -1.10 9.32 -15.95
C TYR A 493 -1.98 9.96 -14.89
N ILE A 494 -2.15 11.27 -14.97
CA ILE A 494 -3.05 12.01 -14.10
C ILE A 494 -4.16 12.59 -14.96
N PHE A 495 -5.40 12.32 -14.57
CA PHE A 495 -6.57 12.82 -15.28
C PHE A 495 -7.29 13.83 -14.40
N SER A 496 -7.51 15.03 -14.93
CA SER A 496 -7.99 16.14 -14.15
C SER A 496 -9.21 16.77 -14.82
N ASP A 497 -10.00 17.47 -13.99
CA ASP A 497 -11.21 18.20 -14.46
C ASP A 497 -10.94 19.70 -14.30
N LYS A 498 -10.97 20.45 -15.40
CA LYS A 498 -10.66 21.88 -15.35
C LYS A 498 -11.59 22.60 -14.38
N THR A 499 -12.88 22.30 -14.45
CA THR A 499 -13.88 22.94 -13.62
C THR A 499 -13.42 22.97 -12.17
N GLY A 500 -13.26 24.16 -11.62
CA GLY A 500 -13.04 24.26 -10.20
C GLY A 500 -11.67 23.83 -9.72
N THR A 501 -11.17 22.70 -10.21
CA THR A 501 -9.87 22.22 -9.74
C THR A 501 -8.75 23.15 -10.15
N LEU A 502 -8.69 23.49 -11.43
CA LEU A 502 -7.64 24.37 -11.92
C LEU A 502 -8.05 25.82 -11.82
N THR A 503 -9.22 26.18 -12.32
CA THR A 503 -9.73 27.53 -12.12
C THR A 503 -10.23 27.68 -10.69
N GLN A 504 -10.78 28.84 -10.36
CA GLN A 504 -11.35 28.99 -9.03
C GLN A 504 -12.64 29.80 -9.05
N ASN A 505 -13.37 29.78 -10.16
CA ASN A 505 -14.70 30.37 -10.26
C ASN A 505 -14.69 31.89 -10.13
N ILE A 506 -13.59 32.54 -10.48
CA ILE A 506 -13.47 33.99 -10.35
C ILE A 506 -12.98 34.56 -11.69
N MET A 507 -13.51 35.72 -12.08
CA MET A 507 -13.25 36.29 -13.39
C MET A 507 -12.38 37.54 -13.33
N THR A 508 -12.79 38.58 -12.61
CA THR A 508 -11.94 39.75 -12.30
C THR A 508 -11.40 40.43 -13.57
N PHE A 509 -12.33 41.09 -14.27
CA PHE A 509 -12.00 41.95 -15.40
C PHE A 509 -10.69 42.71 -15.21
N LYS A 510 -9.78 42.61 -16.18
CA LYS A 510 -8.47 43.22 -16.04
C LYS A 510 -8.37 44.60 -16.67
N LYS A 511 -8.51 44.69 -17.99
CA LYS A 511 -8.25 45.97 -18.64
C LYS A 511 -8.59 45.86 -20.13
N CYS A 512 -8.59 47.01 -20.78
CA CYS A 512 -8.83 47.14 -22.21
C CYS A 512 -8.06 48.36 -22.70
N CYS A 513 -8.43 48.87 -23.86
CA CYS A 513 -7.76 50.05 -24.42
C CYS A 513 -8.80 51.07 -24.85
N ILE A 514 -8.35 52.31 -25.00
CA ILE A 514 -9.18 53.40 -25.50
C ILE A 514 -8.45 54.03 -26.67
N ASN A 515 -9.08 54.04 -27.84
CA ASN A 515 -8.48 54.57 -29.07
C ASN A 515 -7.13 53.94 -29.37
N GLY A 516 -6.85 52.77 -28.77
CA GLY A 516 -5.61 52.08 -28.98
C GLY A 516 -4.61 52.16 -27.85
N GLN A 517 -4.79 53.09 -26.90
CA GLN A 517 -3.88 53.19 -25.77
C GLN A 517 -4.31 52.22 -24.67
N ILE A 518 -3.36 51.41 -24.21
CA ILE A 518 -3.60 50.38 -23.20
C ILE A 518 -3.85 51.02 -21.85
N TYR A 519 -4.24 50.23 -20.86
CA TYR A 519 -4.46 50.75 -19.52
C TYR A 519 -3.24 50.65 -18.63
N GLY A 520 -2.32 49.74 -18.90
CA GLY A 520 -1.14 49.60 -18.08
C GLY A 520 -1.41 48.82 -16.81
N ASP A 521 -0.37 48.72 -15.98
CA ASP A 521 -0.39 47.83 -14.83
C ASP A 521 -0.30 48.55 -13.49
N HIS A 522 0.74 49.37 -13.27
CA HIS A 522 0.94 49.99 -11.95
C HIS A 522 0.64 51.47 -11.94
N ARG A 523 1.28 52.25 -12.81
CA ARG A 523 1.06 53.69 -12.84
C ARG A 523 0.44 54.16 -14.15
N ASP A 524 1.10 53.88 -15.28
CA ASP A 524 0.62 54.18 -16.63
C ASP A 524 -0.06 55.56 -16.69
N ALA A 525 0.55 56.55 -16.04
CA ALA A 525 0.09 57.93 -16.06
C ALA A 525 1.17 58.79 -15.43
N SER A 526 0.96 60.11 -15.47
CA SER A 526 1.94 61.02 -14.89
C SER A 526 1.85 61.03 -13.36
N GLN A 527 0.68 61.38 -12.83
CA GLN A 527 0.49 61.46 -11.39
C GLN A 527 0.57 60.07 -10.77
N HIS A 528 0.44 60.01 -9.44
CA HIS A 528 0.45 58.78 -8.66
C HIS A 528 1.58 57.84 -9.11
N ASN A 529 2.75 58.43 -9.29
CA ASN A 529 3.88 57.71 -9.87
C ASN A 529 5.08 57.60 -8.95
N HIS A 530 5.27 58.53 -8.01
CA HIS A 530 6.35 58.42 -7.03
C HIS A 530 5.93 57.66 -5.78
N ASN A 531 4.64 57.39 -5.60
CA ASN A 531 4.21 56.48 -4.57
C ASN A 531 4.51 55.04 -5.01
N LYS A 532 4.19 54.08 -4.15
CA LYS A 532 4.42 52.69 -4.49
C LYS A 532 3.32 52.20 -5.42
N ILE A 533 3.26 50.88 -5.63
CA ILE A 533 2.29 50.29 -6.54
C ILE A 533 0.90 50.22 -5.92
N GLU A 534 0.72 50.77 -4.72
CA GLU A 534 -0.54 50.64 -4.00
C GLU A 534 -1.69 51.26 -4.79
N GLN A 535 -2.90 50.90 -4.39
CA GLN A 535 -4.09 51.21 -5.17
C GLN A 535 -4.26 52.72 -5.31
N VAL A 536 -4.78 53.13 -6.46
CA VAL A 536 -5.14 54.52 -6.70
C VAL A 536 -6.60 54.69 -6.32
N ASP A 537 -6.85 55.44 -5.27
CA ASP A 537 -8.11 55.36 -4.53
C ASP A 537 -9.32 55.69 -5.41
N PHE A 538 -10.34 54.84 -5.33
CA PHE A 538 -11.66 55.14 -5.86
C PHE A 538 -12.54 55.55 -4.68
N SER A 539 -12.95 56.82 -4.66
CA SER A 539 -13.69 57.36 -3.53
C SER A 539 -14.96 58.07 -3.97
N TRP A 540 -14.90 58.75 -5.11
CA TRP A 540 -16.07 59.45 -5.65
C TRP A 540 -17.19 58.48 -5.97
N ASN A 541 -16.89 57.21 -6.15
CA ASN A 541 -17.91 56.19 -6.35
C ASN A 541 -18.72 56.04 -5.07
N THR A 542 -20.00 56.37 -5.13
CA THR A 542 -20.85 56.22 -3.96
C THR A 542 -20.95 54.76 -3.54
N TYR A 543 -21.21 53.88 -4.49
CA TYR A 543 -21.26 52.43 -4.25
C TYR A 543 -19.95 51.80 -4.70
N ALA A 544 -18.85 52.23 -4.07
CA ALA A 544 -17.53 51.80 -4.48
C ALA A 544 -17.36 50.30 -4.29
N ASP A 545 -17.34 49.85 -3.03
CA ASP A 545 -17.35 48.44 -2.62
C ASP A 545 -16.60 47.56 -3.61
N GLY A 546 -15.41 47.99 -4.02
CA GLY A 546 -14.72 47.36 -5.11
C GLY A 546 -14.08 46.04 -4.75
N LYS A 547 -14.63 44.95 -5.28
CA LYS A 547 -14.01 43.64 -5.16
C LYS A 547 -12.80 43.49 -6.07
N LEU A 548 -12.37 44.60 -6.70
CA LEU A 548 -11.19 44.66 -7.53
C LEU A 548 -10.42 45.92 -7.18
N ALA A 549 -9.10 45.87 -7.32
CA ALA A 549 -8.24 46.99 -6.99
C ALA A 549 -7.25 47.20 -8.12
N PHE A 550 -7.43 48.25 -8.90
CA PHE A 550 -6.49 48.61 -9.94
C PHE A 550 -5.49 49.65 -9.46
N TYR A 551 -4.39 49.77 -10.20
CA TYR A 551 -3.32 50.71 -9.88
C TYR A 551 -3.14 51.78 -10.94
N ASP A 552 -3.54 51.52 -12.18
CA ASP A 552 -3.56 52.55 -13.21
C ASP A 552 -4.54 53.66 -12.83
N HIS A 553 -4.05 54.90 -12.95
CA HIS A 553 -4.78 56.09 -12.43
C HIS A 553 -5.29 57.06 -13.51
N TYR A 554 -4.68 57.15 -14.70
CA TYR A 554 -5.26 58.09 -15.66
C TYR A 554 -6.70 57.73 -15.94
N LEU A 555 -7.05 56.46 -15.75
CA LEU A 555 -8.39 55.94 -15.89
C LEU A 555 -9.26 56.20 -14.68
N ILE A 556 -8.88 57.11 -13.79
CA ILE A 556 -9.81 57.54 -12.76
C ILE A 556 -9.89 59.06 -12.82
N GLU A 557 -8.79 59.68 -13.24
CA GLU A 557 -8.77 61.13 -13.39
C GLU A 557 -9.54 61.57 -14.63
N GLN A 558 -9.34 60.86 -15.75
CA GLN A 558 -10.11 61.19 -16.95
C GLN A 558 -11.58 60.85 -16.75
N ILE A 559 -11.88 59.92 -15.85
CA ILE A 559 -13.26 59.57 -15.57
C ILE A 559 -13.93 60.68 -14.76
N GLN A 560 -13.43 60.90 -13.54
CA GLN A 560 -14.06 61.87 -12.66
C GLN A 560 -13.99 63.28 -13.24
N SER A 561 -13.00 63.56 -14.09
CA SER A 561 -12.88 64.87 -14.71
C SER A 561 -13.71 64.98 -15.98
N GLY A 562 -13.55 64.03 -16.91
CA GLY A 562 -14.30 64.06 -18.15
C GLY A 562 -13.52 64.59 -19.34
N LYS A 563 -12.30 64.10 -19.54
CA LYS A 563 -11.48 64.58 -20.63
C LYS A 563 -11.89 64.00 -21.99
N GLU A 564 -12.68 62.93 -22.02
CA GLU A 564 -13.05 62.30 -23.28
C GLU A 564 -14.23 61.35 -23.11
N PRO A 565 -15.27 61.46 -23.92
CA PRO A 565 -16.41 60.54 -23.83
C PRO A 565 -16.22 59.21 -24.53
N GLU A 566 -15.01 58.90 -25.02
CA GLU A 566 -14.75 57.58 -25.56
C GLU A 566 -14.94 56.51 -24.49
N VAL A 567 -14.38 56.77 -23.30
CA VAL A 567 -14.58 55.86 -22.18
C VAL A 567 -16.03 55.83 -21.76
N ARG A 568 -16.73 56.95 -21.90
CA ARG A 568 -18.16 56.97 -21.59
C ARG A 568 -18.92 56.04 -22.52
N GLN A 569 -18.59 56.08 -23.81
CA GLN A 569 -19.17 55.15 -24.77
C GLN A 569 -18.86 53.72 -24.38
N PHE A 570 -17.58 53.46 -24.04
CA PHE A 570 -17.16 52.11 -23.66
C PHE A 570 -18.00 51.58 -22.50
N PHE A 571 -18.10 52.37 -21.43
CA PHE A 571 -18.76 51.89 -20.23
C PHE A 571 -20.26 51.81 -20.41
N PHE A 572 -20.85 52.74 -21.17
CA PHE A 572 -22.27 52.64 -21.46
C PHE A 572 -22.57 51.36 -22.22
N LEU A 573 -21.73 51.01 -23.19
CA LEU A 573 -21.85 49.73 -23.86
C LEU A 573 -21.70 48.58 -22.89
N LEU A 574 -20.67 48.63 -22.04
CA LEU A 574 -20.40 47.56 -21.08
C LEU A 574 -21.56 47.34 -20.13
N ALA A 575 -22.37 48.37 -19.92
CA ALA A 575 -23.56 48.25 -19.09
C ALA A 575 -24.77 47.76 -19.87
N VAL A 576 -25.16 48.48 -20.92
CA VAL A 576 -26.42 48.18 -21.58
C VAL A 576 -26.36 46.87 -22.36
N CYS A 577 -25.19 46.50 -22.88
CA CYS A 577 -25.05 45.31 -23.70
C CYS A 577 -24.93 44.05 -22.86
N HIS A 578 -25.43 44.10 -21.63
CA HIS A 578 -25.42 42.98 -20.71
C HIS A 578 -26.58 42.04 -20.98
N THR A 579 -26.78 41.09 -20.07
CA THR A 579 -28.00 40.32 -19.97
C THR A 579 -28.43 40.15 -18.52
N VAL A 580 -27.71 40.75 -17.58
CA VAL A 580 -28.02 40.62 -16.17
C VAL A 580 -29.34 41.30 -15.87
N MET A 581 -30.04 40.79 -14.85
CA MET A 581 -31.31 41.38 -14.42
C MET A 581 -31.06 42.37 -13.28
N VAL A 582 -30.55 43.54 -13.67
CA VAL A 582 -30.34 44.62 -12.70
C VAL A 582 -31.69 44.99 -12.08
N ASP A 583 -31.69 45.19 -10.76
CA ASP A 583 -32.93 45.51 -10.07
C ASP A 583 -32.57 46.13 -8.73
N ARG A 584 -32.95 47.39 -8.53
CA ARG A 584 -32.65 48.12 -7.30
C ARG A 584 -33.63 47.67 -6.22
N THR A 585 -33.28 46.58 -5.54
CA THR A 585 -34.17 46.04 -4.53
C THR A 585 -33.88 46.62 -3.15
N ASP A 586 -32.66 46.40 -2.64
CA ASP A 586 -32.33 46.70 -1.24
C ASP A 586 -31.22 47.74 -1.19
N GLY A 587 -31.59 49.01 -1.23
CA GLY A 587 -30.64 50.09 -1.02
C GLY A 587 -29.65 50.25 -2.17
N GLN A 588 -28.94 49.18 -2.48
CA GLN A 588 -28.07 49.13 -3.64
C GLN A 588 -28.87 48.66 -4.86
N LEU A 589 -28.16 48.44 -5.96
CA LEU A 589 -28.73 47.87 -7.17
C LEU A 589 -28.19 46.45 -7.34
N ASN A 590 -29.12 45.50 -7.29
CA ASN A 590 -28.79 44.04 -7.34
C ASN A 590 -28.56 43.60 -8.79
N TYR A 591 -27.51 42.79 -8.98
CA TYR A 591 -27.18 42.26 -10.30
C TYR A 591 -27.55 40.79 -10.32
N GLN A 592 -28.80 40.50 -10.69
CA GLN A 592 -29.24 39.12 -10.82
C GLN A 592 -28.63 38.50 -12.06
N ALA A 593 -27.45 37.88 -11.90
CA ALA A 593 -26.61 37.51 -13.02
C ALA A 593 -27.22 36.38 -13.84
N ALA A 594 -26.82 36.32 -15.11
CA ALA A 594 -27.21 35.25 -16.03
C ALA A 594 -26.02 34.42 -16.49
N SER A 595 -25.00 35.05 -17.06
CA SER A 595 -23.81 34.37 -17.52
C SER A 595 -22.59 34.91 -16.78
N PRO A 596 -21.80 34.05 -16.13
CA PRO A 596 -20.72 34.54 -15.26
C PRO A 596 -19.51 35.00 -16.04
N ASP A 597 -19.73 35.74 -17.12
CA ASP A 597 -18.66 36.28 -17.95
C ASP A 597 -18.70 37.79 -18.00
N GLU A 598 -19.88 38.37 -18.29
CA GLU A 598 -20.02 39.81 -18.29
C GLU A 598 -20.05 40.39 -16.89
N GLY A 599 -20.24 39.55 -15.88
CA GLY A 599 -20.45 40.06 -14.53
C GLY A 599 -19.32 40.96 -14.07
N ALA A 600 -18.09 40.58 -14.37
CA ALA A 600 -16.95 41.36 -13.90
C ALA A 600 -16.98 42.78 -14.46
N LEU A 601 -17.11 42.90 -15.79
CA LEU A 601 -17.14 44.22 -16.40
C LEU A 601 -18.36 45.00 -15.97
N VAL A 602 -19.50 44.32 -15.80
CA VAL A 602 -20.73 45.00 -15.40
C VAL A 602 -20.55 45.62 -14.02
N ASN A 603 -20.00 44.86 -13.08
CA ASN A 603 -19.78 45.40 -11.74
C ASN A 603 -18.74 46.51 -11.74
N ALA A 604 -17.70 46.36 -12.57
CA ALA A 604 -16.68 47.41 -12.66
C ALA A 604 -17.29 48.70 -13.15
N ALA A 605 -18.13 48.63 -14.19
CA ALA A 605 -18.83 49.82 -14.64
C ALA A 605 -19.76 50.35 -13.55
N ARG A 606 -20.43 49.44 -12.84
CA ARG A 606 -21.33 49.85 -11.77
C ARG A 606 -20.63 50.73 -10.76
N ASN A 607 -19.50 50.26 -10.25
CA ASN A 607 -18.78 51.06 -9.26
C ASN A 607 -17.76 52.00 -9.90
N PHE A 608 -17.70 52.07 -11.22
CA PHE A 608 -16.97 53.15 -11.89
C PHE A 608 -17.92 54.25 -12.32
N GLY A 609 -18.67 54.78 -11.34
CA GLY A 609 -19.58 55.87 -11.61
C GLY A 609 -20.82 55.44 -12.37
N PHE A 610 -20.64 54.66 -13.43
CA PHE A 610 -21.74 54.26 -14.31
C PHE A 610 -22.54 53.12 -13.67
N ALA A 611 -23.15 53.42 -12.54
CA ALA A 611 -24.10 52.49 -11.94
C ALA A 611 -25.27 52.29 -12.89
N PHE A 612 -25.66 51.03 -13.08
CA PHE A 612 -26.69 50.71 -14.04
C PHE A 612 -28.05 50.57 -13.36
N LEU A 613 -29.08 51.08 -14.02
CA LEU A 613 -30.41 51.16 -13.45
C LEU A 613 -31.38 50.28 -14.24
N ALA A 614 -32.66 50.37 -13.89
CA ALA A 614 -33.63 49.35 -14.27
C ALA A 614 -33.80 49.24 -15.78
N ARG A 615 -34.17 48.04 -16.22
CA ARG A 615 -34.40 47.69 -17.62
C ARG A 615 -35.67 46.86 -17.75
N THR A 616 -36.75 47.31 -17.10
CA THR A 616 -37.90 46.47 -16.79
C THR A 616 -38.43 45.62 -17.93
N GLN A 617 -38.96 46.24 -18.99
CA GLN A 617 -39.56 45.49 -20.08
C GLN A 617 -38.86 45.73 -21.42
N ASN A 618 -38.84 46.97 -21.90
CA ASN A 618 -38.11 47.33 -23.11
C ASN A 618 -37.30 48.57 -22.82
N THR A 619 -37.76 49.36 -21.85
CA THR A 619 -37.10 50.59 -21.48
C THR A 619 -36.06 50.31 -20.39
N ILE A 620 -34.87 50.84 -20.60
CA ILE A 620 -33.78 50.70 -19.63
C ILE A 620 -33.49 52.07 -19.03
N THR A 621 -32.76 52.04 -17.92
CA THR A 621 -32.26 53.25 -17.28
C THR A 621 -30.84 53.00 -16.81
N ILE A 622 -30.09 54.09 -16.64
CA ILE A 622 -28.67 54.01 -16.29
C ILE A 622 -28.23 55.34 -15.71
N SER A 623 -27.21 55.30 -14.85
CA SER A 623 -26.71 56.50 -14.20
C SER A 623 -25.41 56.95 -14.85
N GLU A 624 -25.46 58.07 -15.57
CA GLU A 624 -24.27 58.77 -16.02
C GLU A 624 -23.63 59.43 -14.80
N LEU A 625 -22.59 58.80 -14.27
CA LEU A 625 -21.92 59.27 -13.06
C LEU A 625 -22.90 59.48 -11.90
N GLY A 626 -23.94 58.65 -11.84
CA GLY A 626 -24.97 58.75 -10.83
C GLY A 626 -26.23 59.46 -11.27
N THR A 627 -26.17 60.23 -12.35
CA THR A 627 -27.31 61.00 -12.83
C THR A 627 -28.20 60.12 -13.70
N GLU A 628 -29.46 60.00 -13.33
CA GLU A 628 -30.34 59.02 -13.98
C GLU A 628 -30.65 59.44 -15.41
N ARG A 629 -30.76 58.44 -16.29
CA ARG A 629 -31.15 58.62 -17.67
C ARG A 629 -31.90 57.39 -18.12
N THR A 630 -32.72 57.55 -19.17
CA THR A 630 -33.62 56.50 -19.64
C THR A 630 -33.50 56.35 -21.15
N TYR A 631 -33.57 55.11 -21.61
CA TYR A 631 -33.57 54.78 -23.03
C TYR A 631 -34.59 53.68 -23.28
N ASN A 632 -34.81 53.36 -24.55
CA ASN A 632 -35.61 52.21 -24.93
C ASN A 632 -34.87 51.42 -25.99
N VAL A 633 -35.13 50.12 -26.02
CA VAL A 633 -34.44 49.19 -26.92
C VAL A 633 -35.17 49.19 -28.25
N LEU A 634 -34.43 49.49 -29.32
CA LEU A 634 -35.01 49.49 -30.66
C LEU A 634 -35.16 48.07 -31.18
N ALA A 635 -34.24 47.18 -30.83
CA ALA A 635 -34.34 45.79 -31.22
C ALA A 635 -33.36 44.98 -30.37
N ILE A 636 -33.88 43.93 -29.71
CA ILE A 636 -33.01 42.98 -29.03
C ILE A 636 -32.43 42.04 -30.07
N LEU A 637 -31.10 41.96 -30.11
CA LEU A 637 -30.38 41.20 -31.14
C LEU A 637 -29.43 40.26 -30.42
N ASP A 638 -29.88 39.04 -30.17
CA ASP A 638 -29.23 38.15 -29.21
C ASP A 638 -27.93 37.59 -29.77
N PHE A 639 -27.33 36.69 -29.01
CA PHE A 639 -26.07 36.05 -29.32
C PHE A 639 -26.31 34.79 -30.15
N ASN A 640 -25.32 34.43 -30.95
CA ASN A 640 -25.29 33.16 -31.65
C ASN A 640 -23.92 32.54 -31.48
N SER A 641 -23.88 31.22 -31.33
CA SER A 641 -22.61 30.54 -31.08
C SER A 641 -21.65 30.75 -32.23
N ASP A 642 -22.13 30.58 -33.46
CA ASP A 642 -21.29 30.87 -34.63
C ASP A 642 -20.98 32.36 -34.71
N ARG A 643 -21.99 33.21 -34.52
CA ARG A 643 -21.78 34.64 -34.64
C ARG A 643 -20.83 35.16 -33.57
N LYS A 644 -20.97 34.67 -32.34
CA LYS A 644 -20.14 35.10 -31.22
C LYS A 644 -20.18 36.62 -31.07
N ARG A 645 -21.40 37.14 -30.91
CA ARG A 645 -21.65 38.57 -30.82
C ARG A 645 -23.10 38.77 -30.44
N MET A 646 -23.40 39.90 -29.80
CA MET A 646 -24.78 40.23 -29.49
C MET A 646 -24.91 41.73 -29.54
N SER A 647 -25.71 42.22 -30.49
CA SER A 647 -25.85 43.64 -30.77
C SER A 647 -27.14 44.18 -30.18
N ILE A 648 -27.21 45.51 -30.07
CA ILE A 648 -28.34 46.16 -29.40
C ILE A 648 -28.34 47.63 -29.81
N ILE A 649 -29.52 48.25 -29.72
CA ILE A 649 -29.70 49.66 -30.07
C ILE A 649 -30.60 50.30 -29.03
N VAL A 650 -30.19 51.48 -28.54
CA VAL A 650 -30.99 52.26 -27.60
C VAL A 650 -31.28 53.62 -28.20
N ARG A 651 -32.47 54.16 -27.89
CA ARG A 651 -32.83 55.51 -28.30
C ARG A 651 -32.79 56.44 -27.10
N THR A 652 -32.12 57.59 -27.26
CA THR A 652 -32.17 58.63 -26.26
C THR A 652 -33.58 59.23 -26.23
N PRO A 653 -33.96 59.88 -25.12
CA PRO A 653 -35.30 60.50 -25.08
C PRO A 653 -35.52 61.52 -26.18
N GLU A 654 -34.49 62.27 -26.55
CA GLU A 654 -34.62 63.34 -27.53
C GLU A 654 -34.50 62.87 -28.97
N GLY A 655 -34.32 61.57 -29.20
CA GLY A 655 -34.24 61.06 -30.55
C GLY A 655 -32.84 60.89 -31.08
N ASN A 656 -32.01 60.14 -30.36
CA ASN A 656 -30.72 59.67 -30.85
C ASN A 656 -30.62 58.18 -30.60
N ILE A 657 -30.10 57.45 -31.58
CA ILE A 657 -29.94 56.01 -31.44
C ILE A 657 -28.50 55.63 -31.76
N LYS A 658 -28.08 54.48 -31.24
CA LYS A 658 -26.71 54.02 -31.36
C LYS A 658 -26.67 52.59 -31.88
N LEU A 659 -25.50 51.95 -31.80
CA LEU A 659 -25.38 50.52 -32.03
C LEU A 659 -24.23 50.03 -31.16
N TYR A 660 -24.22 48.73 -30.88
CA TYR A 660 -23.18 48.11 -30.09
C TYR A 660 -23.02 46.69 -30.57
N CYS A 661 -21.77 46.24 -30.72
CA CYS A 661 -21.49 44.92 -31.26
C CYS A 661 -21.17 43.89 -30.18
N LYS A 662 -20.15 44.16 -29.35
CA LYS A 662 -19.70 43.24 -28.32
C LYS A 662 -19.32 41.90 -28.94
N GLY A 663 -18.25 41.96 -29.74
CA GLY A 663 -17.82 40.81 -30.52
C GLY A 663 -16.37 40.42 -30.38
N ALA A 664 -15.86 39.66 -31.36
CA ALA A 664 -14.51 39.13 -31.36
C ALA A 664 -13.66 39.83 -32.42
N ASP A 665 -12.44 39.32 -32.62
CA ASP A 665 -11.53 39.91 -33.59
C ASP A 665 -11.78 39.38 -35.00
N THR A 666 -11.66 38.07 -35.20
CA THR A 666 -11.92 37.46 -36.50
C THR A 666 -13.40 37.43 -36.84
N VAL A 667 -14.24 38.10 -36.04
CA VAL A 667 -15.64 38.27 -36.36
C VAL A 667 -16.00 39.72 -36.64
N ILE A 668 -15.25 40.68 -36.11
CA ILE A 668 -15.51 42.09 -36.37
C ILE A 668 -14.44 42.73 -37.23
N TYR A 669 -13.22 42.18 -37.29
CA TYR A 669 -12.18 42.75 -38.13
C TYR A 669 -12.41 42.49 -39.61
N GLU A 670 -13.61 42.07 -39.98
CA GLU A 670 -14.02 41.96 -41.37
C GLU A 670 -15.14 42.92 -41.74
N ARG A 671 -16.05 43.20 -40.81
CA ARG A 671 -17.19 44.06 -41.04
C ARG A 671 -17.00 45.45 -40.48
N LEU A 672 -15.81 45.77 -39.98
CA LEU A 672 -15.61 47.03 -39.28
C LEU A 672 -15.49 48.19 -40.27
N HIS A 673 -15.30 49.38 -39.72
CA HIS A 673 -15.20 50.58 -40.54
C HIS A 673 -13.97 50.53 -41.43
N ARG A 674 -14.03 51.22 -42.58
CA ARG A 674 -12.86 51.18 -43.51
C ARG A 674 -11.96 52.40 -43.28
N MET A 675 -12.44 53.37 -42.49
CA MET A 675 -11.69 54.62 -42.30
C MET A 675 -11.20 54.70 -40.85
N ASN A 676 -10.58 53.62 -40.37
CA ASN A 676 -9.95 53.60 -39.05
C ASN A 676 -8.43 53.55 -39.18
N PRO A 677 -7.73 54.56 -38.69
CA PRO A 677 -6.28 54.40 -38.46
C PRO A 677 -5.98 53.84 -37.08
N THR A 678 -6.91 54.04 -36.15
CA THR A 678 -6.78 53.53 -34.78
C THR A 678 -7.07 52.05 -34.67
N LYS A 679 -7.69 51.45 -35.70
CA LYS A 679 -7.90 50.01 -35.70
C LYS A 679 -6.58 49.29 -35.53
N GLN A 680 -5.51 49.80 -36.16
CA GLN A 680 -4.23 49.14 -36.04
C GLN A 680 -3.61 49.32 -34.67
N GLU A 681 -3.83 50.46 -34.02
CA GLU A 681 -3.29 50.61 -32.67
C GLU A 681 -4.02 49.70 -31.69
N THR A 682 -5.35 49.60 -31.82
CA THR A 682 -6.09 48.64 -31.00
C THR A 682 -5.65 47.22 -31.30
N GLN A 683 -5.44 46.88 -32.58
CA GLN A 683 -4.99 45.56 -32.97
C GLN A 683 -3.59 45.27 -32.43
N ASP A 684 -2.71 46.28 -32.43
CA ASP A 684 -1.36 46.12 -31.94
C ASP A 684 -1.30 46.06 -30.43
N ALA A 685 -2.32 46.58 -29.74
CA ALA A 685 -2.44 46.27 -28.33
C ALA A 685 -2.98 44.85 -28.13
N LEU A 686 -3.94 44.46 -28.98
CA LEU A 686 -4.53 43.13 -28.89
C LEU A 686 -3.48 42.04 -29.04
N ASP A 687 -2.63 42.17 -30.05
CA ASP A 687 -1.59 41.16 -30.24
C ASP A 687 -0.49 41.26 -29.19
N ILE A 688 -0.41 42.37 -28.44
CA ILE A 688 0.30 42.34 -27.17
C ILE A 688 -0.41 41.43 -26.19
N PHE A 689 -1.74 41.52 -26.14
CA PHE A 689 -2.49 40.72 -25.16
C PHE A 689 -2.34 39.23 -25.39
N ALA A 690 -1.82 38.82 -26.55
CA ALA A 690 -1.65 37.41 -26.83
C ALA A 690 -0.46 36.80 -26.10
N ASN A 691 0.59 37.56 -25.83
CA ASN A 691 1.75 36.98 -25.16
C ASN A 691 1.47 36.73 -23.68
N GLU A 692 0.35 37.22 -23.17
CA GLU A 692 -0.19 36.77 -21.91
C GLU A 692 -1.45 35.96 -22.18
N THR A 693 -2.15 35.56 -21.12
CA THR A 693 -3.03 34.41 -21.17
C THR A 693 -4.45 34.73 -20.69
N LEU A 694 -5.04 35.82 -21.18
CA LEU A 694 -6.44 36.12 -20.84
C LEU A 694 -7.22 36.43 -22.11
N ARG A 695 -8.50 36.09 -22.09
CA ARG A 695 -9.32 36.16 -23.29
C ARG A 695 -9.70 37.60 -23.61
N THR A 696 -10.12 37.82 -24.85
CA THR A 696 -10.42 39.17 -25.33
C THR A 696 -11.68 39.20 -26.17
N LEU A 697 -12.32 40.35 -26.17
CA LEU A 697 -13.48 40.65 -27.00
C LEU A 697 -13.30 42.01 -27.65
N CYS A 698 -14.08 42.28 -28.69
CA CYS A 698 -14.00 43.52 -29.43
C CYS A 698 -15.34 44.24 -29.39
N LEU A 699 -15.29 45.56 -29.21
CA LEU A 699 -16.47 46.40 -29.02
C LEU A 699 -16.44 47.58 -29.97
N CYS A 700 -17.61 47.96 -30.48
CA CYS A 700 -17.73 48.88 -31.59
C CYS A 700 -19.12 49.51 -31.59
N TYR A 701 -19.39 50.32 -32.60
CA TYR A 701 -20.73 50.84 -32.82
C TYR A 701 -20.86 51.23 -34.29
N LYS A 702 -22.10 51.45 -34.73
CA LYS A 702 -22.38 51.88 -36.09
C LYS A 702 -23.34 53.06 -36.05
N GLU A 703 -23.07 54.06 -36.89
CA GLU A 703 -23.83 55.31 -36.85
C GLU A 703 -24.95 55.28 -37.88
N ILE A 704 -26.10 54.78 -37.45
CA ILE A 704 -27.35 54.87 -38.20
C ILE A 704 -28.39 55.52 -37.31
N GLU A 705 -29.08 56.53 -37.83
CA GLU A 705 -30.08 57.25 -37.04
C GLU A 705 -31.49 57.07 -37.60
N GLU A 706 -31.75 57.45 -38.84
CA GLU A 706 -33.06 57.22 -39.44
C GLU A 706 -33.03 56.75 -40.89
N LYS A 707 -31.97 57.00 -41.65
CA LYS A 707 -32.00 56.76 -43.09
C LYS A 707 -32.11 55.28 -43.45
N GLU A 708 -31.69 54.38 -42.57
CA GLU A 708 -31.82 52.96 -42.77
C GLU A 708 -32.44 52.25 -41.58
N PHE A 709 -32.65 52.94 -40.46
CA PHE A 709 -33.28 52.33 -39.31
C PHE A 709 -34.66 51.78 -39.67
N THR A 710 -35.56 52.64 -40.12
CA THR A 710 -36.93 52.20 -40.41
C THR A 710 -37.00 51.35 -41.67
N GLU A 711 -36.17 51.64 -42.68
CA GLU A 711 -36.29 50.96 -43.96
C GLU A 711 -35.99 49.48 -43.82
N TRP A 712 -34.86 49.13 -43.19
CA TRP A 712 -34.58 47.76 -42.83
C TRP A 712 -35.44 47.27 -41.66
N ASN A 713 -35.88 48.19 -40.80
CA ASN A 713 -36.61 47.82 -39.59
C ASN A 713 -37.95 47.18 -39.91
N LYS A 714 -38.65 47.75 -40.91
CA LYS A 714 -39.95 47.20 -41.27
C LYS A 714 -39.82 45.77 -41.78
N LYS A 715 -38.85 45.53 -42.65
CA LYS A 715 -38.60 44.18 -43.15
C LYS A 715 -38.19 43.25 -42.03
N PHE A 716 -37.34 43.73 -41.12
CA PHE A 716 -36.84 42.89 -40.04
C PHE A 716 -37.97 42.51 -39.08
N MET A 717 -38.82 43.47 -38.72
CA MET A 717 -39.94 43.16 -37.84
C MET A 717 -40.96 42.26 -38.53
N ALA A 718 -41.15 42.44 -39.84
CA ALA A 718 -41.99 41.50 -40.57
C ALA A 718 -41.41 40.10 -40.52
N ALA A 719 -40.10 39.96 -40.69
CA ALA A 719 -39.44 38.67 -40.59
C ALA A 719 -39.32 38.18 -39.16
N SER A 720 -39.63 39.03 -38.18
CA SER A 720 -39.49 38.65 -36.77
C SER A 720 -40.39 37.47 -36.45
N VAL A 721 -41.66 37.56 -36.83
CA VAL A 721 -42.58 36.44 -36.69
C VAL A 721 -42.27 35.42 -37.78
N ALA A 722 -42.20 34.15 -37.38
CA ALA A 722 -41.81 33.12 -38.33
C ALA A 722 -42.20 31.74 -37.78
N SER A 723 -42.70 30.89 -38.68
CA SER A 723 -42.92 29.50 -38.31
C SER A 723 -41.60 28.79 -38.04
N THR A 724 -40.65 28.90 -38.97
CA THR A 724 -39.31 28.39 -38.72
C THR A 724 -38.21 29.34 -39.19
N ASN A 725 -38.51 30.34 -39.99
CA ASN A 725 -37.49 31.23 -40.54
C ASN A 725 -37.18 32.38 -39.60
N ARG A 726 -36.91 32.04 -38.34
CA ARG A 726 -36.60 33.01 -37.31
C ARG A 726 -35.14 32.98 -36.91
N ASP A 727 -34.43 31.87 -37.13
CA ASP A 727 -33.03 31.76 -36.79
C ASP A 727 -32.10 31.64 -37.99
N GLU A 728 -32.64 31.42 -39.19
CA GLU A 728 -31.81 31.21 -40.38
C GLU A 728 -32.09 32.19 -41.51
N ALA A 729 -33.35 32.51 -41.78
CA ALA A 729 -33.68 33.54 -42.77
C ALA A 729 -33.84 34.90 -42.11
N LEU A 730 -34.48 34.93 -40.93
CA LEU A 730 -34.48 36.15 -40.14
C LEU A 730 -33.05 36.56 -39.78
N ASP A 731 -32.14 35.58 -39.75
CA ASP A 731 -30.74 35.91 -39.50
C ASP A 731 -30.16 36.76 -40.62
N LYS A 732 -30.53 36.47 -41.86
CA LYS A 732 -29.97 37.20 -43.01
C LYS A 732 -30.33 38.68 -42.96
N VAL A 733 -31.62 38.99 -42.82
CA VAL A 733 -32.03 40.38 -42.68
C VAL A 733 -31.49 40.96 -41.36
N TYR A 734 -31.48 40.12 -40.32
CA TYR A 734 -30.81 40.44 -39.07
C TYR A 734 -29.36 40.88 -39.29
N GLU A 735 -28.62 40.12 -40.08
CA GLU A 735 -27.22 40.42 -40.35
C GLU A 735 -27.05 41.39 -41.51
N GLU A 736 -28.15 41.83 -42.13
CA GLU A 736 -28.04 42.72 -43.30
C GLU A 736 -27.36 44.03 -42.93
N ILE A 737 -27.65 44.57 -41.76
CA ILE A 737 -27.19 45.89 -41.36
C ILE A 737 -25.89 45.80 -40.59
N GLU A 738 -25.23 44.64 -40.68
CA GLU A 738 -24.08 44.36 -39.83
C GLU A 738 -22.76 44.73 -40.53
N LYS A 739 -22.77 45.77 -41.35
CA LYS A 739 -21.60 46.29 -42.03
C LYS A 739 -21.23 47.66 -41.49
N ASP A 740 -20.07 48.15 -41.94
CA ASP A 740 -19.58 49.49 -41.62
C ASP A 740 -19.57 49.75 -40.12
N LEU A 741 -18.83 48.89 -39.42
CA LEU A 741 -18.74 48.96 -37.96
C LEU A 741 -17.63 49.94 -37.59
N ILE A 742 -18.01 51.14 -37.17
CA ILE A 742 -17.00 52.14 -36.81
C ILE A 742 -16.51 51.84 -35.40
N LEU A 743 -15.29 51.29 -35.32
CA LEU A 743 -14.86 50.54 -34.15
C LEU A 743 -14.49 51.47 -32.99
N LEU A 744 -14.59 50.94 -31.79
CA LEU A 744 -14.27 51.66 -30.56
C LEU A 744 -13.04 51.11 -29.86
N GLY A 745 -13.00 49.80 -29.58
CA GLY A 745 -11.85 49.23 -28.92
C GLY A 745 -12.05 47.78 -28.58
N ALA A 746 -11.31 47.33 -27.57
CA ALA A 746 -11.34 45.92 -27.18
C ALA A 746 -11.58 45.77 -25.68
N THR A 747 -11.44 44.54 -25.18
CA THR A 747 -11.52 44.27 -23.76
C THR A 747 -10.88 42.93 -23.47
N ALA A 748 -10.32 42.81 -22.26
CA ALA A 748 -9.59 41.60 -21.86
C ALA A 748 -10.10 41.15 -20.50
N ILE A 749 -10.44 39.86 -20.41
CA ILE A 749 -10.94 39.24 -19.20
C ILE A 749 -9.96 38.13 -18.81
N GLU A 750 -9.52 38.14 -17.56
CA GLU A 750 -8.66 37.09 -17.06
C GLU A 750 -9.49 35.98 -16.46
N ASP A 751 -8.80 35.02 -15.84
CA ASP A 751 -9.47 33.99 -15.05
C ASP A 751 -8.48 33.50 -13.99
N LYS A 752 -8.56 34.06 -12.79
CA LYS A 752 -7.75 33.56 -11.70
C LYS A 752 -8.07 32.09 -11.50
N LEU A 753 -7.04 31.28 -11.36
CA LEU A 753 -7.25 29.83 -11.36
C LEU A 753 -6.89 29.18 -10.03
N GLN A 754 -5.65 29.27 -9.57
CA GLN A 754 -5.18 28.62 -8.36
C GLN A 754 -3.86 29.28 -8.00
N ASP A 755 -3.08 28.65 -7.15
CA ASP A 755 -1.72 29.12 -6.87
C ASP A 755 -0.70 28.07 -7.26
N GLY A 756 0.46 28.53 -7.67
CA GLY A 756 1.59 27.66 -7.96
C GLY A 756 1.36 26.64 -9.05
N VAL A 757 0.19 26.69 -9.70
CA VAL A 757 -0.16 25.64 -10.67
C VAL A 757 0.87 25.50 -11.79
N PRO A 758 1.36 26.58 -12.41
CA PRO A 758 2.42 26.39 -13.41
C PRO A 758 3.65 25.68 -12.87
N GLU A 759 4.05 26.00 -11.64
CA GLU A 759 5.20 25.30 -11.06
C GLU A 759 4.88 23.84 -10.84
N THR A 760 3.67 23.53 -10.38
CA THR A 760 3.28 22.14 -10.20
C THR A 760 3.31 21.40 -11.52
N ILE A 761 2.77 22.02 -12.56
CA ILE A 761 2.72 21.36 -13.86
C ILE A 761 4.13 21.13 -14.38
N SER A 762 5.03 22.09 -14.16
CA SER A 762 6.41 21.92 -14.56
C SER A 762 7.05 20.74 -13.84
N LYS A 763 6.94 20.72 -12.51
CA LYS A 763 7.58 19.67 -11.74
C LYS A 763 7.06 18.30 -12.15
N LEU A 764 5.74 18.15 -12.23
CA LEU A 764 5.20 16.86 -12.60
C LEU A 764 5.52 16.49 -14.04
N ALA A 765 5.80 17.47 -14.90
CA ALA A 765 6.34 17.13 -16.21
C ALA A 765 7.76 16.62 -16.10
N LYS A 766 8.53 17.13 -15.13
CA LYS A 766 9.90 16.68 -14.96
C LYS A 766 9.94 15.20 -14.61
N ALA A 767 9.01 14.73 -13.79
CA ALA A 767 8.99 13.37 -13.31
C ALA A 767 8.43 12.39 -14.31
N ASP A 768 8.33 12.77 -15.58
CA ASP A 768 7.86 11.90 -16.65
C ASP A 768 6.47 11.34 -16.33
N ILE A 769 5.53 12.26 -16.13
CA ILE A 769 4.11 11.93 -15.99
C ILE A 769 3.38 12.55 -17.17
N LYS A 770 2.32 11.89 -17.60
CA LYS A 770 1.49 12.38 -18.68
C LYS A 770 0.21 12.92 -18.07
N ILE A 771 -0.15 14.15 -18.40
CA ILE A 771 -1.25 14.84 -17.74
C ILE A 771 -2.29 15.20 -18.78
N TRP A 772 -3.52 14.76 -18.55
CA TRP A 772 -4.63 14.98 -19.46
C TRP A 772 -5.76 15.66 -18.72
N VAL A 773 -6.47 16.54 -19.41
CA VAL A 773 -7.59 17.28 -18.84
C VAL A 773 -8.86 16.80 -19.52
N LEU A 774 -9.82 16.38 -18.71
CA LEU A 774 -11.12 15.96 -19.21
C LEU A 774 -12.18 16.82 -18.55
N THR A 775 -13.04 17.43 -19.36
CA THR A 775 -14.14 18.21 -18.82
C THR A 775 -15.22 18.37 -19.85
N GLY A 776 -16.39 18.80 -19.38
CA GLY A 776 -17.53 19.05 -20.24
C GLY A 776 -17.72 20.47 -20.67
N ASP A 777 -16.82 21.37 -20.30
CA ASP A 777 -16.93 22.76 -20.71
C ASP A 777 -16.50 22.92 -22.17
N LYS A 778 -16.78 24.10 -22.72
CA LYS A 778 -16.69 24.31 -24.15
C LYS A 778 -15.24 24.47 -24.58
N LYS A 779 -15.05 24.89 -25.83
CA LYS A 779 -13.72 24.83 -26.43
C LYS A 779 -12.88 26.07 -26.11
N GLU A 780 -13.51 27.24 -26.06
CA GLU A 780 -12.74 28.46 -25.82
C GLU A 780 -12.05 28.41 -24.48
N THR A 781 -12.75 27.96 -23.45
CA THR A 781 -12.13 27.87 -22.13
C THR A 781 -11.01 26.86 -22.12
N ALA A 782 -11.19 25.74 -22.81
CA ALA A 782 -10.14 24.74 -22.91
C ALA A 782 -8.88 25.33 -23.52
N GLU A 783 -9.04 26.04 -24.64
CA GLU A 783 -7.87 26.65 -25.28
C GLU A 783 -7.23 27.69 -24.35
N ASN A 784 -8.05 28.48 -23.65
CA ASN A 784 -7.50 29.48 -22.75
C ASN A 784 -6.63 28.83 -21.68
N ILE A 785 -7.13 27.75 -21.08
CA ILE A 785 -6.37 27.09 -20.03
C ILE A 785 -5.14 26.41 -20.60
N GLY A 786 -5.21 25.98 -21.86
CA GLY A 786 -4.04 25.35 -22.48
C GLY A 786 -2.79 26.22 -22.37
N PHE A 787 -2.96 27.53 -22.51
CA PHE A 787 -1.84 28.44 -22.35
C PHE A 787 -1.73 28.98 -20.93
N ALA A 788 -2.85 29.18 -20.23
CA ALA A 788 -2.79 29.80 -18.92
C ALA A 788 -2.13 28.91 -17.87
N CYS A 789 -2.03 27.61 -18.11
CA CYS A 789 -1.32 26.71 -17.21
C CYS A 789 -0.02 26.20 -17.81
N GLU A 790 0.31 26.64 -19.03
CA GLU A 790 1.55 26.29 -19.69
C GLU A 790 1.72 24.79 -19.86
N LEU A 791 0.62 24.10 -20.20
CA LEU A 791 0.80 22.79 -20.81
C LEU A 791 1.40 22.91 -22.19
N LEU A 792 1.23 24.06 -22.83
CA LEU A 792 1.56 24.21 -24.23
C LEU A 792 1.84 25.67 -24.53
N THR A 793 2.73 25.89 -25.48
CA THR A 793 3.11 27.23 -25.92
C THR A 793 3.29 27.17 -27.44
N GLU A 794 3.96 28.18 -27.97
CA GLU A 794 4.49 28.12 -29.33
C GLU A 794 5.26 26.82 -29.55
N ASP A 795 5.41 26.46 -30.83
CA ASP A 795 5.97 25.16 -31.23
C ASP A 795 5.10 24.04 -30.68
N THR A 796 3.84 24.04 -31.11
CA THR A 796 2.90 23.01 -30.71
C THR A 796 1.79 22.95 -31.75
N THR A 797 1.86 21.98 -32.65
CA THR A 797 0.96 21.88 -33.80
C THR A 797 -0.29 21.12 -33.38
N ILE A 798 -1.36 21.85 -33.06
CA ILE A 798 -2.44 21.27 -32.28
C ILE A 798 -3.18 20.20 -33.08
N CYS A 799 -3.60 20.52 -34.30
CA CYS A 799 -4.17 19.51 -35.21
C CYS A 799 -5.40 18.84 -34.59
N TYR A 800 -6.49 19.60 -34.53
CA TYR A 800 -7.70 19.22 -33.82
C TYR A 800 -8.32 17.93 -34.33
N GLY A 801 -9.44 17.52 -33.72
CA GLY A 801 -9.97 16.18 -33.93
C GLY A 801 -10.17 15.83 -35.40
N GLU A 802 -10.62 16.80 -36.20
CA GLU A 802 -10.71 16.57 -37.64
C GLU A 802 -9.35 16.15 -38.20
N ASP A 803 -8.30 16.89 -37.83
CA ASP A 803 -6.98 16.61 -38.37
C ASP A 803 -6.48 15.24 -37.94
N ILE A 804 -6.66 14.90 -36.66
CA ILE A 804 -6.15 13.61 -36.21
C ILE A 804 -6.93 12.49 -36.85
N ASN A 805 -8.25 12.65 -36.99
CA ASN A 805 -9.03 11.64 -37.68
C ASN A 805 -8.50 11.42 -39.08
N SER A 806 -8.33 12.49 -39.85
CA SER A 806 -7.88 12.35 -41.22
C SER A 806 -6.50 11.72 -41.29
N LEU A 807 -5.56 12.22 -40.49
CA LEU A 807 -4.19 11.71 -40.57
C LEU A 807 -4.11 10.26 -40.13
N LEU A 808 -4.79 9.90 -39.03
CA LEU A 808 -4.76 8.51 -38.59
C LEU A 808 -5.42 7.59 -39.59
N HIS A 809 -6.54 8.04 -40.19
CA HIS A 809 -7.16 7.25 -41.25
C HIS A 809 -6.20 7.04 -42.41
N ALA A 810 -5.36 8.03 -42.69
CA ALA A 810 -4.33 7.86 -43.70
C ALA A 810 -3.30 6.82 -43.27
N ARG A 811 -2.78 6.95 -42.06
CA ARG A 811 -1.63 6.17 -41.63
C ARG A 811 -1.99 4.78 -41.11
N MET A 812 -3.27 4.44 -41.02
CA MET A 812 -3.66 3.14 -40.50
C MET A 812 -3.62 2.06 -41.56
N GLU A 831 7.25 5.80 -37.09
CA GLU A 831 7.31 5.95 -35.64
C GLU A 831 5.94 5.67 -35.03
N SER A 832 5.31 6.71 -34.47
CA SER A 832 4.01 6.58 -33.84
C SER A 832 2.90 7.25 -34.66
N PHE A 833 3.07 7.29 -35.98
CA PHE A 833 2.01 7.68 -36.91
C PHE A 833 1.59 9.14 -36.72
N PHE A 834 2.58 10.03 -36.69
CA PHE A 834 2.38 11.46 -36.82
C PHE A 834 3.65 12.06 -37.40
N PRO A 835 3.57 13.24 -38.01
CA PRO A 835 4.78 13.93 -38.42
C PRO A 835 5.67 14.18 -37.21
N PRO A 836 6.84 13.52 -37.16
CA PRO A 836 7.62 13.52 -35.93
C PRO A 836 8.08 14.92 -35.54
N GLY A 837 8.22 15.11 -34.24
CA GLY A 837 8.55 16.43 -33.70
C GLY A 837 7.92 16.70 -32.35
N GLY A 838 7.07 15.79 -31.89
CA GLY A 838 6.50 15.93 -30.56
C GLY A 838 5.49 17.06 -30.47
N ASN A 839 5.23 17.46 -29.22
CA ASN A 839 4.45 18.64 -28.85
C ASN A 839 3.27 18.89 -29.79
N ARG A 840 2.35 17.94 -29.82
CA ARG A 840 1.12 18.03 -30.61
C ARG A 840 -0.07 17.93 -29.67
N ALA A 841 -0.40 19.02 -28.99
CA ALA A 841 -1.54 19.00 -28.09
C ALA A 841 -2.81 18.74 -28.87
N LEU A 842 -3.78 18.09 -28.22
CA LEU A 842 -4.98 17.63 -28.91
C LEU A 842 -6.23 18.18 -28.23
N ILE A 843 -7.16 18.66 -29.04
CA ILE A 843 -8.42 19.21 -28.56
C ILE A 843 -9.54 18.41 -29.21
N ILE A 844 -10.45 17.88 -28.40
CA ILE A 844 -11.41 16.90 -28.88
C ILE A 844 -12.80 17.21 -28.34
N THR A 845 -13.79 17.14 -29.21
CA THR A 845 -15.20 17.19 -28.84
C THR A 845 -15.69 15.78 -28.52
N GLY A 846 -16.70 15.70 -27.65
CA GLY A 846 -17.27 14.40 -27.35
C GLY A 846 -17.77 13.70 -28.60
N SER A 847 -18.42 14.45 -29.48
CA SER A 847 -18.91 13.87 -30.73
C SER A 847 -17.75 13.32 -31.57
N TRP A 848 -16.69 14.10 -31.70
CA TRP A 848 -15.58 13.66 -32.53
C TRP A 848 -14.76 12.57 -31.84
N LEU A 849 -14.67 12.63 -30.52
CA LEU A 849 -14.12 11.51 -29.77
C LEU A 849 -14.85 10.22 -30.12
N ASN A 850 -16.17 10.26 -30.05
CA ASN A 850 -16.96 9.08 -30.35
C ASN A 850 -16.79 8.66 -31.80
N GLU A 851 -16.76 9.63 -32.71
CA GLU A 851 -16.61 9.31 -34.12
C GLU A 851 -15.31 8.55 -34.38
N ILE A 852 -14.22 9.02 -33.79
CA ILE A 852 -12.94 8.34 -33.97
C ILE A 852 -12.96 6.98 -33.26
N LEU A 853 -13.59 6.92 -32.10
CA LEU A 853 -13.75 5.63 -31.44
C LEU A 853 -14.75 4.76 -32.19
N LEU A 854 -15.71 5.37 -32.89
CA LEU A 854 -16.70 4.65 -33.69
C LEU A 854 -17.52 3.69 -32.81
N GLU A 855 -18.29 4.29 -31.91
CA GLU A 855 -19.27 3.53 -31.14
C GLU A 855 -20.47 4.43 -30.86
N LYS A 856 -21.44 4.40 -31.75
CA LYS A 856 -22.66 5.16 -31.56
C LYS A 856 -23.69 4.34 -30.80
N THR A 879 -28.52 -15.90 -36.04
CA THR A 879 -28.38 -16.69 -37.26
C THR A 879 -27.27 -16.11 -38.14
N GLN A 880 -26.38 -16.99 -38.62
CA GLN A 880 -25.25 -16.60 -39.45
C GLN A 880 -24.40 -15.53 -38.76
N SER A 881 -23.79 -15.92 -37.65
CA SER A 881 -23.09 -15.00 -36.78
C SER A 881 -21.61 -14.91 -37.17
N LYS A 882 -21.14 -13.70 -37.43
CA LYS A 882 -19.73 -13.44 -37.74
C LYS A 882 -19.11 -12.38 -36.85
N ARG A 883 -19.80 -11.27 -36.62
CA ARG A 883 -19.47 -10.29 -35.57
C ARG A 883 -18.03 -9.79 -35.67
N ARG A 884 -17.77 -9.06 -36.76
CA ARG A 884 -16.44 -8.51 -37.00
C ARG A 884 -16.29 -7.08 -36.52
N LEU A 885 -17.31 -6.50 -35.89
CA LEU A 885 -17.22 -5.12 -35.44
C LEU A 885 -16.07 -4.94 -34.48
N GLU A 886 -15.96 -5.83 -33.49
CA GLU A 886 -14.86 -5.74 -32.55
C GLU A 886 -13.53 -5.93 -33.26
N ALA A 887 -13.50 -6.76 -34.30
CA ALA A 887 -12.32 -6.83 -35.14
C ALA A 887 -12.10 -5.52 -35.89
N LYS A 888 -13.18 -4.91 -36.38
CA LYS A 888 -13.06 -3.60 -37.00
C LYS A 888 -12.54 -2.57 -35.99
N LYS A 889 -13.05 -2.61 -34.77
CA LYS A 889 -12.56 -1.77 -33.70
C LYS A 889 -11.37 -2.47 -33.05
N GLU A 890 -10.94 -1.97 -31.89
CA GLU A 890 -9.95 -2.63 -31.04
C GLU A 890 -8.56 -2.62 -31.64
N GLN A 891 -8.42 -2.12 -32.87
CA GLN A 891 -7.14 -1.62 -33.35
C GLN A 891 -7.15 -0.12 -33.52
N ARG A 892 -8.24 0.42 -34.07
CA ARG A 892 -8.43 1.85 -34.09
C ARG A 892 -8.29 2.42 -32.69
N GLN A 893 -8.74 1.69 -31.68
CA GLN A 893 -8.50 2.08 -30.30
C GLN A 893 -7.01 2.06 -29.96
N LYS A 894 -6.31 1.00 -30.36
CA LYS A 894 -4.88 0.90 -30.07
C LYS A 894 -4.10 2.01 -30.75
N ASN A 895 -4.40 2.26 -32.02
CA ASN A 895 -3.77 3.37 -32.71
C ASN A 895 -4.12 4.68 -32.04
N PHE A 896 -5.37 4.81 -31.59
CA PHE A 896 -5.79 6.02 -30.88
C PHE A 896 -4.91 6.28 -29.68
N VAL A 897 -4.73 5.27 -28.84
CA VAL A 897 -4.00 5.48 -27.59
C VAL A 897 -2.52 5.74 -27.88
N ASP A 898 -1.98 5.09 -28.91
CA ASP A 898 -0.59 5.37 -29.26
C ASP A 898 -0.41 6.79 -29.75
N LEU A 899 -1.30 7.25 -30.63
CA LEU A 899 -1.27 8.66 -31.02
C LEU A 899 -1.32 9.54 -29.78
N ALA A 900 -2.26 9.25 -28.89
CA ALA A 900 -2.48 10.12 -27.74
C ALA A 900 -1.23 10.23 -26.89
N CYS A 901 -0.56 9.11 -26.62
CA CYS A 901 0.68 9.21 -25.85
C CYS A 901 1.73 9.99 -26.63
N GLU A 902 1.77 9.84 -27.96
CA GLU A 902 2.74 10.58 -28.74
C GLU A 902 2.23 12.00 -29.05
N CYS A 903 1.72 12.70 -28.04
CA CYS A 903 1.32 14.08 -28.23
C CYS A 903 1.62 15.02 -27.07
N SER A 904 2.14 14.52 -25.95
CA SER A 904 2.65 15.35 -24.86
C SER A 904 1.56 16.05 -24.06
N ALA A 905 0.31 16.00 -24.52
CA ALA A 905 -0.82 16.60 -23.83
C ALA A 905 -2.12 16.27 -24.54
N VAL A 906 -3.23 16.27 -23.80
CA VAL A 906 -4.53 15.95 -24.36
C VAL A 906 -5.58 16.76 -23.63
N ILE A 907 -6.39 17.49 -24.38
CA ILE A 907 -7.50 18.23 -23.82
C ILE A 907 -8.78 17.72 -24.46
N CYS A 908 -9.79 17.49 -23.64
CA CYS A 908 -11.07 16.96 -24.10
C CYS A 908 -12.19 17.82 -23.54
N CYS A 909 -12.82 18.59 -24.41
CA CYS A 909 -13.90 19.49 -24.04
C CYS A 909 -15.24 18.89 -24.44
N ARG A 910 -16.28 19.27 -23.70
CA ARG A 910 -17.63 18.78 -23.94
C ARG A 910 -17.65 17.25 -23.92
N VAL A 911 -17.34 16.68 -22.75
CA VAL A 911 -17.32 15.24 -22.57
C VAL A 911 -18.24 14.85 -21.43
N THR A 912 -18.84 13.62 -21.53
CA THR A 912 -19.84 13.09 -20.61
C THR A 912 -19.16 12.31 -19.48
N PRO A 913 -19.75 12.32 -18.29
CA PRO A 913 -19.14 11.62 -17.15
C PRO A 913 -18.87 10.16 -17.43
N LYS A 914 -19.75 9.53 -18.19
CA LYS A 914 -19.49 8.18 -18.69
C LYS A 914 -18.27 8.15 -19.60
N GLN A 915 -18.14 9.12 -20.50
CA GLN A 915 -17.02 9.14 -21.42
C GLN A 915 -15.70 9.21 -20.69
N LYS A 916 -15.68 9.91 -19.56
CA LYS A 916 -14.41 10.16 -18.87
C LYS A 916 -13.80 8.88 -18.35
N ALA A 917 -14.51 8.20 -17.44
CA ALA A 917 -14.01 6.91 -16.98
C ALA A 917 -13.85 5.94 -18.14
N MET A 918 -14.62 6.13 -19.21
CA MET A 918 -14.48 5.26 -20.37
C MET A 918 -13.10 5.38 -20.98
N VAL A 919 -12.64 6.61 -21.23
CA VAL A 919 -11.30 6.75 -21.78
C VAL A 919 -10.25 6.35 -20.73
N VAL A 920 -10.53 6.62 -19.46
CA VAL A 920 -9.62 6.20 -18.40
C VAL A 920 -9.30 4.73 -18.54
N ASP A 921 -10.32 3.87 -18.48
CA ASP A 921 -10.03 2.45 -18.50
C ASP A 921 -9.70 1.95 -19.90
N LEU A 922 -10.02 2.72 -20.94
CA LEU A 922 -9.43 2.43 -22.24
C LEU A 922 -7.92 2.41 -22.12
N VAL A 923 -7.36 3.58 -21.83
CA VAL A 923 -5.91 3.68 -21.77
C VAL A 923 -5.34 2.86 -20.63
N LYS A 924 -6.16 2.49 -19.66
CA LYS A 924 -5.69 1.54 -18.65
C LYS A 924 -5.59 0.13 -19.21
N ARG A 925 -6.35 -0.19 -20.24
CA ARG A 925 -6.20 -1.52 -20.82
C ARG A 925 -4.97 -1.60 -21.73
N TYR A 926 -4.92 -0.78 -22.77
CA TYR A 926 -3.70 -0.69 -23.55
C TYR A 926 -2.59 -0.09 -22.71
N LYS A 927 -1.35 -0.46 -23.01
CA LYS A 927 -0.16 -0.01 -22.29
C LYS A 927 -0.46 0.11 -20.79
N LYS A 928 -0.83 -1.03 -20.22
CA LYS A 928 -1.25 -1.13 -18.83
C LYS A 928 -0.34 -0.33 -17.92
N ALA A 929 -0.93 0.62 -17.20
CA ALA A 929 -0.17 1.58 -16.41
C ALA A 929 -0.90 1.78 -15.09
N ILE A 930 -0.51 2.83 -14.37
CA ILE A 930 -1.14 3.20 -13.11
C ILE A 930 -1.73 4.59 -13.27
N THR A 931 -2.99 4.74 -12.89
CA THR A 931 -3.73 5.97 -13.15
C THR A 931 -4.25 6.58 -11.86
N LEU A 932 -4.10 7.90 -11.76
CA LEU A 932 -4.65 8.70 -10.67
C LEU A 932 -5.58 9.75 -11.25
N ALA A 933 -6.80 9.79 -10.75
CA ALA A 933 -7.81 10.74 -11.21
C ALA A 933 -8.11 11.73 -10.10
N ILE A 934 -7.89 13.01 -10.38
CA ILE A 934 -8.14 14.08 -9.42
C ILE A 934 -9.36 14.84 -9.88
N GLY A 935 -10.32 15.06 -8.97
CA GLY A 935 -11.61 15.57 -9.34
C GLY A 935 -11.97 16.86 -8.63
N ASP A 936 -13.12 17.41 -9.02
CA ASP A 936 -13.66 18.62 -8.40
C ASP A 936 -15.05 18.43 -7.80
N GLY A 937 -15.98 17.82 -8.52
CA GLY A 937 -17.37 17.87 -8.13
C GLY A 937 -18.13 16.58 -8.24
N ALA A 938 -19.27 16.61 -8.91
CA ALA A 938 -20.14 15.43 -8.96
C ALA A 938 -20.10 14.72 -10.30
N ASN A 939 -19.88 15.46 -11.39
CA ASN A 939 -19.82 14.79 -12.68
C ASN A 939 -18.64 13.84 -12.79
N ASP A 940 -17.54 14.11 -12.09
CA ASP A 940 -16.33 13.34 -12.21
C ASP A 940 -16.31 12.12 -11.29
N VAL A 941 -17.34 11.96 -10.46
CA VAL A 941 -17.36 10.86 -9.51
C VAL A 941 -17.42 9.51 -10.21
N ASN A 942 -17.78 9.49 -11.48
CA ASN A 942 -17.69 8.26 -12.25
C ASN A 942 -16.24 7.85 -12.50
N MET A 943 -15.35 8.79 -12.77
CA MET A 943 -13.96 8.48 -13.04
C MET A 943 -13.05 8.62 -11.83
N ILE A 944 -13.49 9.27 -10.77
CA ILE A 944 -12.72 9.30 -9.52
C ILE A 944 -12.72 7.93 -8.86
N LYS A 945 -13.53 7.00 -9.36
CA LYS A 945 -13.65 5.69 -8.78
C LYS A 945 -13.29 4.57 -9.74
N THR A 946 -12.77 4.89 -10.91
CA THR A 946 -12.32 3.89 -11.86
C THR A 946 -10.81 3.76 -11.93
N ALA A 947 -10.08 4.86 -11.81
CA ALA A 947 -8.63 4.81 -11.85
C ALA A 947 -8.08 4.06 -10.65
N HIS A 948 -6.79 3.74 -10.72
CA HIS A 948 -6.15 3.02 -9.62
C HIS A 948 -6.15 3.85 -8.34
N ILE A 949 -6.08 5.17 -8.46
CA ILE A 949 -6.20 6.04 -7.30
C ILE A 949 -7.14 7.19 -7.63
N GLY A 950 -7.89 7.60 -6.64
CA GLY A 950 -8.78 8.74 -6.78
C GLY A 950 -8.51 9.77 -5.71
N VAL A 951 -8.44 11.02 -6.13
CA VAL A 951 -8.22 12.13 -5.23
C VAL A 951 -9.34 13.14 -5.41
N GLY A 952 -9.93 13.57 -4.31
CA GLY A 952 -11.00 14.55 -4.39
C GLY A 952 -10.64 15.84 -3.69
N ILE A 953 -10.87 16.96 -4.36
CA ILE A 953 -10.61 18.27 -3.76
C ILE A 953 -11.69 18.56 -2.74
N SER A 954 -11.30 19.06 -1.58
CA SER A 954 -12.24 19.35 -0.50
C SER A 954 -11.98 20.76 0.01
N GLY A 955 -12.85 21.19 0.93
CA GLY A 955 -12.80 22.52 1.50
C GLY A 955 -13.73 23.50 0.81
N GLN A 956 -14.11 23.21 -0.44
CA GLN A 956 -15.08 23.99 -1.18
C GLN A 956 -16.46 23.38 -0.97
N GLU A 957 -17.42 23.74 -1.83
CA GLU A 957 -18.72 23.08 -1.85
C GLU A 957 -18.60 21.56 -1.81
N GLY A 958 -17.46 21.03 -2.26
CA GLY A 958 -17.27 19.61 -2.43
C GLY A 958 -17.77 18.72 -1.31
N MET A 959 -18.76 17.90 -1.64
CA MET A 959 -19.26 16.86 -0.75
C MET A 959 -19.54 15.57 -1.49
N GLN A 960 -19.56 15.57 -2.82
CA GLN A 960 -19.84 14.37 -3.59
C GLN A 960 -18.60 13.50 -3.73
N ALA A 961 -17.51 14.07 -4.22
CA ALA A 961 -16.26 13.32 -4.29
C ALA A 961 -15.72 13.01 -2.91
N VAL A 962 -15.76 14.00 -2.01
CA VAL A 962 -15.19 13.87 -0.67
C VAL A 962 -15.75 12.67 0.06
N MET A 963 -16.88 12.13 -0.40
CA MET A 963 -17.36 10.87 0.12
C MET A 963 -17.01 9.70 -0.77
N SER A 964 -16.72 9.93 -2.03
CA SER A 964 -16.34 8.86 -2.94
C SER A 964 -14.85 8.84 -3.24
N SER A 965 -14.06 9.66 -2.55
CA SER A 965 -12.65 9.76 -2.87
C SER A 965 -11.89 8.56 -2.31
N ASP A 966 -10.60 8.56 -2.56
CA ASP A 966 -9.66 7.69 -1.88
C ASP A 966 -8.59 8.48 -1.14
N TYR A 967 -8.29 9.69 -1.58
CA TYR A 967 -7.59 10.68 -0.78
C TYR A 967 -8.29 12.02 -0.97
N SER A 968 -7.92 12.99 -0.14
CA SER A 968 -8.53 14.30 -0.26
C SER A 968 -7.62 15.35 0.34
N PHE A 969 -7.74 16.56 -0.18
CA PHE A 969 -7.04 17.74 0.33
C PHE A 969 -7.65 18.95 -0.36
N ALA A 970 -7.11 20.14 -0.08
CA ALA A 970 -7.83 21.37 -0.35
C ALA A 970 -7.02 22.38 -1.18
N GLN A 971 -6.23 21.89 -2.13
CA GLN A 971 -5.59 22.74 -3.14
C GLN A 971 -5.26 21.87 -4.33
N PHE A 972 -4.44 22.38 -5.22
CA PHE A 972 -3.90 21.58 -6.29
C PHE A 972 -2.39 21.45 -6.22
N ARG A 973 -1.68 22.53 -5.90
CA ARG A 973 -0.24 22.44 -5.82
C ARG A 973 0.20 21.51 -4.71
N TYR A 974 -0.68 21.21 -3.76
CA TYR A 974 -0.33 20.26 -2.72
C TYR A 974 -0.01 18.90 -3.32
N LEU A 975 -0.55 18.62 -4.50
CA LEU A 975 -0.20 17.39 -5.20
C LEU A 975 1.30 17.21 -5.30
N GLN A 976 2.04 18.31 -5.49
CA GLN A 976 3.47 18.22 -5.68
C GLN A 976 4.17 17.57 -4.50
N ARG A 977 3.54 17.54 -3.33
CA ARG A 977 4.12 16.86 -2.20
C ARG A 977 3.60 15.46 -2.02
N LEU A 978 2.38 15.19 -2.46
CA LEU A 978 1.81 13.86 -2.29
C LEU A 978 2.61 12.82 -3.05
N LEU A 979 3.05 13.14 -4.25
CA LEU A 979 3.66 12.17 -5.13
C LEU A 979 5.16 12.28 -5.20
N LEU A 980 5.75 13.28 -4.55
CA LEU A 980 7.20 13.43 -4.52
C LEU A 980 7.79 13.17 -3.16
N VAL A 981 7.09 13.54 -2.10
CA VAL A 981 7.55 13.28 -0.74
C VAL A 981 6.92 12.03 -0.16
N HIS A 982 5.63 11.82 -0.38
CA HIS A 982 5.01 10.64 0.20
C HIS A 982 5.07 9.43 -0.72
N GLY A 983 4.84 9.61 -2.02
CA GLY A 983 4.81 8.49 -2.93
C GLY A 983 6.08 7.67 -2.92
N ARG A 984 7.23 8.29 -3.19
CA ARG A 984 8.45 7.52 -3.31
C ARG A 984 8.97 7.07 -1.95
N TRP A 985 8.81 7.88 -0.90
CA TRP A 985 9.16 7.44 0.43
C TRP A 985 8.39 6.17 0.79
N SER A 986 7.09 6.18 0.56
CA SER A 986 6.28 5.00 0.83
C SER A 986 6.75 3.82 0.02
N TYR A 987 7.02 4.03 -1.27
CA TYR A 987 7.40 2.92 -2.11
C TYR A 987 8.70 2.28 -1.64
N ILE A 988 9.70 3.10 -1.32
CA ILE A 988 10.98 2.54 -0.91
C ILE A 988 10.87 1.89 0.46
N ARG A 989 10.14 2.50 1.39
CA ARG A 989 9.95 1.88 2.70
C ARG A 989 9.33 0.51 2.54
N MET A 990 8.21 0.43 1.82
CA MET A 990 7.51 -0.84 1.70
C MET A 990 8.35 -1.87 0.97
N CYS A 991 9.01 -1.49 -0.12
CA CYS A 991 9.81 -2.47 -0.83
C CYS A 991 10.93 -3.00 0.04
N LYS A 992 11.65 -2.11 0.73
CA LYS A 992 12.77 -2.55 1.55
C LYS A 992 12.29 -3.48 2.66
N PHE A 993 11.22 -3.09 3.35
CA PHE A 993 10.63 -3.95 4.36
C PHE A 993 10.28 -5.31 3.79
N LEU A 994 9.55 -5.33 2.69
CA LEU A 994 9.04 -6.58 2.15
C LEU A 994 10.16 -7.44 1.59
N ARG A 995 11.29 -6.84 1.27
CA ARG A 995 12.41 -7.60 0.76
C ARG A 995 13.25 -8.19 1.87
N TYR A 996 13.41 -7.49 2.98
CA TYR A 996 14.16 -8.06 4.09
C TYR A 996 13.34 -9.07 4.86
N PHE A 997 12.02 -8.93 4.84
CA PHE A 997 11.19 -9.79 5.66
C PHE A 997 11.08 -11.21 5.15
N PHE A 998 11.51 -11.48 3.93
CA PHE A 998 11.59 -12.85 3.46
C PHE A 998 12.94 -13.48 3.75
N TYR A 999 14.00 -12.68 3.68
CA TYR A 999 15.32 -13.17 4.04
C TYR A 999 15.35 -13.58 5.49
N LYS A 1000 14.80 -12.75 6.37
CA LYS A 1000 14.91 -13.07 7.79
C LYS A 1000 14.14 -14.32 8.17
N ASN A 1001 13.27 -14.84 7.30
CA ASN A 1001 12.52 -16.07 7.56
C ASN A 1001 13.13 -17.27 6.87
N PHE A 1002 13.56 -17.12 5.61
CA PHE A 1002 14.26 -18.20 4.94
C PHE A 1002 15.51 -18.59 5.72
N ALA A 1003 16.36 -17.60 6.02
CA ALA A 1003 17.59 -17.89 6.74
C ALA A 1003 17.34 -18.36 8.16
N PHE A 1004 16.09 -18.52 8.55
CA PHE A 1004 15.69 -19.06 9.83
C PHE A 1004 15.12 -20.45 9.72
N THR A 1005 14.39 -20.74 8.66
CA THR A 1005 13.72 -22.03 8.57
C THR A 1005 14.52 -23.08 7.83
N LEU A 1006 15.44 -22.70 6.94
CA LEU A 1006 16.13 -23.74 6.17
C LEU A 1006 17.10 -24.57 7.00
N VAL A 1007 17.40 -24.14 8.23
CA VAL A 1007 18.31 -24.89 9.08
C VAL A 1007 17.75 -26.28 9.36
N HIS A 1008 16.44 -26.37 9.60
CA HIS A 1008 15.83 -27.68 9.80
C HIS A 1008 16.04 -28.57 8.58
N PHE A 1009 15.85 -28.01 7.39
CA PHE A 1009 16.02 -28.82 6.19
C PHE A 1009 17.44 -29.35 6.10
N TRP A 1010 18.43 -28.50 6.36
CA TRP A 1010 19.80 -29.01 6.29
C TRP A 1010 20.08 -30.00 7.39
N TYR A 1011 19.45 -29.84 8.55
CA TYR A 1011 19.67 -30.72 9.68
C TYR A 1011 18.98 -32.06 9.51
N SER A 1012 18.02 -32.16 8.61
CA SER A 1012 17.26 -33.39 8.45
C SER A 1012 18.17 -34.59 8.20
N PHE A 1013 19.32 -34.36 7.59
CA PHE A 1013 20.18 -35.47 7.22
C PHE A 1013 20.76 -36.16 8.45
N PHE A 1014 20.94 -35.43 9.54
CA PHE A 1014 21.65 -35.98 10.69
C PHE A 1014 20.73 -36.32 11.84
N ASN A 1015 19.41 -36.24 11.65
CA ASN A 1015 18.47 -36.86 12.57
C ASN A 1015 17.64 -37.91 11.86
N GLY A 1016 18.14 -38.46 10.78
CA GLY A 1016 17.42 -39.51 10.09
C GLY A 1016 16.06 -39.08 9.59
N TYR A 1017 15.97 -37.88 9.01
CA TYR A 1017 14.78 -37.47 8.30
C TYR A 1017 13.56 -37.52 9.20
N SER A 1018 13.78 -37.32 10.49
CA SER A 1018 12.79 -37.64 11.50
C SER A 1018 11.88 -36.50 11.88
N ALA A 1019 12.02 -35.33 11.25
CA ALA A 1019 11.21 -34.16 11.59
C ALA A 1019 11.46 -33.69 13.01
N GLN A 1020 12.72 -33.72 13.43
CA GLN A 1020 13.13 -33.18 14.70
C GLN A 1020 13.67 -31.78 14.46
N THR A 1021 13.18 -30.81 15.23
CA THR A 1021 13.60 -29.44 15.01
C THR A 1021 15.07 -29.28 15.32
N ALA A 1022 15.63 -28.13 14.95
CA ALA A 1022 16.98 -27.76 15.33
C ALA A 1022 17.01 -26.61 16.31
N TYR A 1023 15.87 -26.21 16.85
CA TYR A 1023 15.81 -25.10 17.78
C TYR A 1023 15.06 -25.50 19.03
N GLU A 1024 15.36 -24.76 20.09
CA GLU A 1024 14.49 -24.68 21.26
C GLU A 1024 13.05 -24.41 20.81
N ASP A 1025 12.09 -24.89 21.61
CA ASP A 1025 10.69 -24.65 21.30
C ASP A 1025 10.13 -23.43 22.02
N TRP A 1026 10.81 -22.95 23.05
CA TRP A 1026 10.52 -21.62 23.59
C TRP A 1026 11.32 -20.56 22.87
N PHE A 1027 11.82 -20.86 21.70
CA PHE A 1027 12.48 -19.92 20.82
C PHE A 1027 11.90 -19.93 19.42
N ILE A 1028 11.57 -21.11 18.89
CA ILE A 1028 11.02 -21.20 17.56
C ILE A 1028 9.72 -20.42 17.44
N THR A 1029 9.02 -20.22 18.56
CA THR A 1029 7.75 -19.52 18.53
C THR A 1029 7.86 -18.03 18.78
N LEU A 1030 8.83 -17.60 19.58
CA LEU A 1030 9.01 -16.19 19.87
C LEU A 1030 9.91 -15.48 18.88
N TYR A 1031 10.44 -16.18 17.88
CA TYR A 1031 11.45 -15.60 17.03
C TYR A 1031 10.95 -14.36 16.31
N ASN A 1032 10.00 -14.52 15.39
CA ASN A 1032 9.45 -13.37 14.69
C ASN A 1032 8.23 -12.82 15.38
N VAL A 1033 8.33 -12.69 16.71
CA VAL A 1033 7.33 -12.02 17.51
C VAL A 1033 8.05 -10.96 18.31
N LEU A 1034 9.06 -11.38 19.04
CA LEU A 1034 9.71 -10.58 20.04
C LEU A 1034 11.18 -10.34 19.77
N TYR A 1035 11.88 -11.30 19.17
CA TYR A 1035 13.32 -11.14 19.01
C TYR A 1035 13.63 -10.15 17.90
N THR A 1036 13.26 -10.48 16.68
CA THR A 1036 13.52 -9.61 15.53
C THR A 1036 12.18 -9.19 14.94
N SER A 1037 11.56 -8.21 15.56
CA SER A 1037 10.34 -7.66 15.01
C SER A 1037 10.32 -6.14 14.99
N LEU A 1038 10.81 -5.50 16.06
CA LEU A 1038 10.69 -4.04 16.15
C LEU A 1038 11.51 -3.31 15.09
N PRO A 1039 12.81 -3.59 14.91
CA PRO A 1039 13.58 -2.79 13.96
C PRO A 1039 12.98 -2.77 12.57
N VAL A 1040 12.39 -3.88 12.16
CA VAL A 1040 11.69 -3.93 10.89
C VAL A 1040 10.62 -2.84 10.85
N LEU A 1041 9.81 -2.78 11.90
CA LEU A 1041 8.71 -1.82 11.93
C LEU A 1041 9.20 -0.39 11.97
N LEU A 1042 10.22 -0.11 12.78
CA LEU A 1042 10.71 1.25 12.88
C LEU A 1042 11.33 1.70 11.56
N MET A 1043 12.05 0.82 10.88
CA MET A 1043 12.59 1.22 9.58
C MET A 1043 11.49 1.33 8.55
N GLY A 1044 10.40 0.59 8.71
CA GLY A 1044 9.28 0.76 7.81
C GLY A 1044 8.62 2.11 7.97
N LEU A 1045 8.50 2.57 9.21
CA LEU A 1045 7.70 3.76 9.49
C LEU A 1045 8.53 5.01 9.78
N LEU A 1046 9.83 4.95 9.69
CA LEU A 1046 10.60 6.16 9.96
C LEU A 1046 11.59 6.48 8.85
N ASP A 1047 12.18 5.47 8.22
CA ASP A 1047 13.26 5.69 7.27
C ASP A 1047 12.82 6.61 6.15
N GLN A 1048 13.70 7.55 5.79
CA GLN A 1048 13.49 8.42 4.66
C GLN A 1048 14.79 8.56 3.89
N ASP A 1049 14.73 8.39 2.58
CA ASP A 1049 15.92 8.37 1.74
C ASP A 1049 16.72 9.66 1.90
N VAL A 1050 16.17 10.78 1.45
CA VAL A 1050 16.84 12.07 1.52
C VAL A 1050 15.84 13.09 2.04
N SER A 1051 16.36 14.23 2.47
CA SER A 1051 15.50 15.25 3.07
C SER A 1051 14.43 15.66 2.07
N ASP A 1052 13.21 15.84 2.58
CA ASP A 1052 12.08 16.09 1.71
C ASP A 1052 12.30 17.34 0.86
N LYS A 1053 12.93 18.36 1.43
CA LYS A 1053 13.07 19.62 0.72
C LYS A 1053 13.88 19.45 -0.55
N LEU A 1054 15.04 18.81 -0.46
CA LEU A 1054 15.81 18.59 -1.67
C LEU A 1054 15.21 17.50 -2.53
N SER A 1055 14.34 16.67 -1.95
CA SER A 1055 13.56 15.73 -2.76
C SER A 1055 12.63 16.48 -3.70
N LEU A 1056 11.96 17.52 -3.20
CA LEU A 1056 11.21 18.39 -4.09
C LEU A 1056 12.15 19.11 -5.04
N ARG A 1057 13.30 19.53 -4.55
CA ARG A 1057 14.25 20.26 -5.38
C ARG A 1057 14.81 19.39 -6.50
N PHE A 1058 14.65 18.08 -6.43
CA PHE A 1058 15.15 17.16 -7.45
C PHE A 1058 14.11 16.10 -7.77
N PRO A 1059 13.14 16.42 -8.53
CA PRO A 1059 12.12 15.45 -8.92
C PRO A 1059 12.54 14.52 -10.05
N GLY A 1060 13.77 14.02 -9.97
CA GLY A 1060 14.24 13.02 -10.90
C GLY A 1060 14.45 11.69 -10.20
N LEU A 1061 14.26 11.71 -8.88
CA LEU A 1061 14.36 10.49 -8.12
C LEU A 1061 13.15 9.59 -8.37
N TYR A 1062 12.01 10.19 -8.70
CA TYR A 1062 10.75 9.47 -8.70
C TYR A 1062 10.74 8.33 -9.71
N ILE A 1063 11.52 8.44 -10.78
CA ILE A 1063 11.34 7.55 -11.93
C ILE A 1063 11.47 6.09 -11.55
N VAL A 1064 12.27 5.77 -10.52
CA VAL A 1064 12.47 4.37 -10.15
C VAL A 1064 11.14 3.72 -9.86
N GLY A 1065 10.25 4.43 -9.16
CA GLY A 1065 8.96 3.85 -8.83
C GLY A 1065 8.22 3.37 -10.06
N GLN A 1066 8.23 4.17 -11.12
CA GLN A 1066 7.53 3.76 -12.33
C GLN A 1066 8.22 2.58 -12.98
N ARG A 1067 9.54 2.54 -12.92
CA ARG A 1067 10.27 1.51 -13.65
C ARG A 1067 10.52 0.25 -12.82
N ASP A 1068 10.17 0.27 -11.53
CA ASP A 1068 10.33 -0.88 -10.65
C ASP A 1068 11.80 -1.31 -10.54
N LEU A 1069 12.62 -0.36 -10.10
CA LEU A 1069 14.00 -0.65 -9.78
C LEU A 1069 14.22 -0.91 -8.30
N LEU A 1070 13.19 -1.33 -7.58
CA LEU A 1070 13.41 -1.72 -6.21
C LEU A 1070 12.81 -3.08 -5.90
N PHE A 1071 11.66 -3.40 -6.48
CA PHE A 1071 11.03 -4.69 -6.27
C PHE A 1071 10.57 -5.27 -7.60
N ASN A 1072 10.83 -6.55 -7.80
CA ASN A 1072 10.43 -7.24 -9.01
C ASN A 1072 10.65 -8.74 -8.81
N TYR A 1073 10.38 -9.50 -9.84
CA TYR A 1073 10.47 -10.95 -9.80
C TYR A 1073 11.88 -11.45 -9.82
N LYS A 1074 12.87 -10.57 -9.74
CA LYS A 1074 14.28 -10.96 -9.68
C LYS A 1074 14.88 -10.66 -8.32
N ARG A 1075 14.67 -9.47 -7.79
CA ARG A 1075 15.21 -9.13 -6.49
C ARG A 1075 14.70 -10.06 -5.40
N PHE A 1076 13.49 -10.59 -5.58
CA PHE A 1076 12.93 -11.52 -4.61
C PHE A 1076 13.76 -12.80 -4.55
N PHE A 1077 14.04 -13.39 -5.71
CA PHE A 1077 14.89 -14.57 -5.72
C PHE A 1077 16.27 -14.26 -5.17
N VAL A 1078 16.73 -13.02 -5.29
CA VAL A 1078 18.01 -12.69 -4.71
C VAL A 1078 17.93 -12.70 -3.20
N SER A 1079 16.82 -12.20 -2.63
CA SER A 1079 16.65 -12.32 -1.18
C SER A 1079 16.62 -13.77 -0.75
N LEU A 1080 15.93 -14.61 -1.53
CA LEU A 1080 15.92 -16.05 -1.26
C LEU A 1080 17.33 -16.62 -1.26
N LEU A 1081 18.10 -16.33 -2.31
CA LEU A 1081 19.42 -16.92 -2.47
C LEU A 1081 20.42 -16.34 -1.51
N HIS A 1082 20.11 -15.20 -0.89
CA HIS A 1082 20.96 -14.67 0.16
C HIS A 1082 20.60 -15.21 1.52
N GLY A 1083 19.34 -15.58 1.73
CA GLY A 1083 18.98 -16.27 2.96
C GLY A 1083 19.50 -17.69 3.02
N VAL A 1084 19.40 -18.41 1.90
CA VAL A 1084 19.80 -19.82 1.90
C VAL A 1084 21.28 -19.97 2.23
N LEU A 1085 22.13 -19.12 1.65
CA LEU A 1085 23.55 -19.21 1.95
C LEU A 1085 23.80 -18.94 3.43
N THR A 1086 23.06 -18.00 4.00
CA THR A 1086 23.22 -17.72 5.42
C THR A 1086 22.85 -18.94 6.24
N SER A 1087 21.84 -19.68 5.82
CA SER A 1087 21.51 -20.91 6.55
C SER A 1087 22.64 -21.92 6.42
N MET A 1088 23.21 -22.04 5.21
CA MET A 1088 24.35 -22.93 5.03
C MET A 1088 25.42 -22.65 6.05
N ILE A 1089 25.80 -21.38 6.17
CA ILE A 1089 26.85 -20.98 7.11
C ILE A 1089 26.42 -21.29 8.53
N LEU A 1090 25.22 -20.84 8.91
CA LEU A 1090 24.77 -20.96 10.29
C LEU A 1090 24.78 -22.40 10.74
N PHE A 1091 24.49 -23.32 9.83
CA PHE A 1091 24.45 -24.70 10.26
C PHE A 1091 25.84 -25.32 10.23
N PHE A 1092 26.57 -25.15 9.12
CA PHE A 1092 27.78 -25.92 8.92
C PHE A 1092 28.99 -25.37 9.65
N ILE A 1093 28.89 -24.22 10.31
CA ILE A 1093 30.01 -23.86 11.18
C ILE A 1093 29.88 -24.59 12.52
N PRO A 1094 28.77 -24.49 13.25
CA PRO A 1094 28.68 -25.25 14.50
C PRO A 1094 28.73 -26.74 14.31
N LEU A 1095 28.34 -27.25 13.14
CA LEU A 1095 28.57 -28.65 12.85
C LEU A 1095 30.04 -29.00 12.99
N GLY A 1096 30.86 -28.42 12.12
CA GLY A 1096 32.28 -28.70 12.18
C GLY A 1096 32.87 -28.40 13.53
N ALA A 1097 32.27 -27.46 14.26
CA ALA A 1097 32.70 -27.26 15.64
C ALA A 1097 32.38 -28.46 16.51
N TYR A 1098 31.26 -29.13 16.25
CA TYR A 1098 30.78 -30.17 17.15
C TYR A 1098 31.14 -31.58 16.70
N LEU A 1099 31.91 -31.73 15.63
CA LEU A 1099 32.47 -33.04 15.37
C LEU A 1099 33.79 -33.23 16.10
N GLN A 1100 34.26 -32.23 16.83
CA GLN A 1100 35.40 -32.38 17.71
C GLN A 1100 35.03 -31.83 19.08
N THR A 1101 35.87 -32.14 20.07
CA THR A 1101 35.55 -31.79 21.44
C THR A 1101 35.51 -30.30 21.64
N VAL A 1102 34.71 -29.87 22.60
CA VAL A 1102 34.52 -28.46 22.91
C VAL A 1102 34.64 -28.26 24.42
N GLY A 1103 34.61 -29.36 25.17
CA GLY A 1103 34.59 -29.30 26.62
C GLY A 1103 35.96 -29.40 27.27
N GLN A 1104 36.39 -28.32 27.94
CA GLN A 1104 37.76 -28.27 28.53
C GLN A 1104 37.79 -28.83 29.97
N ASP A 1105 37.01 -28.27 30.88
CA ASP A 1105 37.08 -28.65 32.29
C ASP A 1105 35.71 -28.71 32.96
N GLY A 1106 34.80 -27.84 32.53
CA GLY A 1106 33.44 -27.92 33.02
C GLY A 1106 32.63 -29.00 32.36
N GLU A 1107 33.11 -29.50 31.23
CA GLU A 1107 32.46 -30.57 30.48
C GLU A 1107 30.99 -30.23 30.21
N ALA A 1108 30.84 -29.18 29.43
CA ALA A 1108 29.55 -28.82 28.85
C ALA A 1108 29.67 -29.02 27.34
N PRO A 1109 29.85 -30.27 26.90
CA PRO A 1109 30.23 -30.51 25.51
C PRO A 1109 29.06 -30.37 24.57
N SER A 1110 29.27 -30.80 23.33
CA SER A 1110 28.18 -30.84 22.37
C SER A 1110 27.09 -31.79 22.84
N ASP A 1111 25.85 -31.32 22.77
CA ASP A 1111 24.67 -32.15 22.90
C ASP A 1111 23.58 -31.49 22.05
N TYR A 1112 22.34 -31.93 22.21
CA TYR A 1112 21.28 -31.26 21.49
C TYR A 1112 21.01 -29.89 22.07
N GLN A 1113 20.87 -29.81 23.38
CA GLN A 1113 20.48 -28.56 24.01
C GLN A 1113 21.56 -27.55 24.03
N SER A 1114 22.64 -27.78 23.31
CA SER A 1114 23.67 -26.78 23.06
C SER A 1114 23.84 -26.49 21.58
N PHE A 1115 23.80 -27.52 20.74
CA PHE A 1115 23.82 -27.32 19.31
C PHE A 1115 22.69 -26.45 18.83
N ALA A 1116 21.71 -26.16 19.67
CA ALA A 1116 20.65 -25.22 19.34
C ALA A 1116 20.95 -23.82 19.83
N VAL A 1117 21.46 -23.68 21.05
CA VAL A 1117 21.77 -22.35 21.57
C VAL A 1117 22.89 -21.72 20.77
N THR A 1118 23.95 -22.49 20.51
CA THR A 1118 25.08 -21.94 19.77
C THR A 1118 24.73 -21.60 18.34
N ILE A 1119 23.58 -22.04 17.85
CA ILE A 1119 23.11 -21.61 16.54
C ILE A 1119 21.98 -20.60 16.65
N ALA A 1120 21.17 -20.66 17.69
CA ALA A 1120 20.17 -19.63 17.90
C ALA A 1120 20.81 -18.27 18.07
N SER A 1121 21.89 -18.20 18.86
CA SER A 1121 22.54 -16.92 19.07
C SER A 1121 23.09 -16.35 17.78
N ALA A 1122 23.73 -17.20 16.97
CA ALA A 1122 24.26 -16.72 15.71
C ALA A 1122 23.14 -16.18 14.83
N LEU A 1123 22.01 -16.89 14.82
CA LEU A 1123 20.90 -16.44 14.00
C LEU A 1123 20.35 -15.10 14.48
N VAL A 1124 20.21 -14.92 15.79
CA VAL A 1124 19.63 -13.67 16.26
C VAL A 1124 20.59 -12.51 16.05
N ILE A 1125 21.90 -12.76 16.03
CA ILE A 1125 22.84 -11.66 15.81
C ILE A 1125 22.91 -11.27 14.35
N THR A 1126 22.98 -12.26 13.47
CA THR A 1126 23.21 -11.95 12.06
C THR A 1126 22.12 -11.05 11.50
N VAL A 1127 20.86 -11.40 11.75
CA VAL A 1127 19.77 -10.69 11.10
C VAL A 1127 19.66 -9.26 11.61
N ASN A 1128 19.90 -9.05 12.90
CA ASN A 1128 19.85 -7.69 13.42
C ASN A 1128 21.00 -6.86 12.88
N PHE A 1129 22.20 -7.43 12.78
CA PHE A 1129 23.27 -6.65 12.14
C PHE A 1129 22.90 -6.33 10.70
N GLN A 1130 22.20 -7.24 10.03
CA GLN A 1130 21.85 -6.97 8.64
C GLN A 1130 20.87 -5.81 8.52
N ILE A 1131 19.82 -5.81 9.34
CA ILE A 1131 18.90 -4.68 9.29
C ILE A 1131 19.61 -3.38 9.66
N GLY A 1132 20.55 -3.46 10.60
CA GLY A 1132 21.35 -2.28 10.89
C GLY A 1132 22.07 -1.76 9.67
N LEU A 1133 22.57 -2.69 8.84
CA LEU A 1133 23.24 -2.26 7.61
C LEU A 1133 22.25 -1.63 6.62
N ASP A 1134 21.06 -2.20 6.48
CA ASP A 1134 20.14 -1.70 5.45
C ASP A 1134 19.61 -0.32 5.79
N THR A 1135 19.31 -0.06 7.04
CA THR A 1135 18.71 1.22 7.40
C THR A 1135 19.70 2.35 7.18
N SER A 1136 19.19 3.50 6.75
CA SER A 1136 20.06 4.65 6.48
C SER A 1136 19.47 5.96 6.98
N TYR A 1137 18.59 5.92 7.97
CA TYR A 1137 18.13 7.14 8.64
C TYR A 1137 18.04 6.81 10.13
N TRP A 1138 19.16 6.99 10.82
CA TRP A 1138 19.26 6.57 12.20
C TRP A 1138 18.55 7.54 13.11
N THR A 1139 17.85 7.00 14.11
CA THR A 1139 17.31 7.80 15.19
C THR A 1139 17.63 7.09 16.50
N PHE A 1140 17.45 7.81 17.60
CA PHE A 1140 17.72 7.20 18.89
C PHE A 1140 16.79 6.02 19.15
N VAL A 1141 15.56 6.08 18.66
CA VAL A 1141 14.63 4.97 18.89
C VAL A 1141 15.02 3.76 18.06
N ASN A 1142 15.61 3.96 16.87
CA ASN A 1142 16.09 2.82 16.09
C ASN A 1142 17.15 2.02 16.83
N ALA A 1143 18.24 2.68 17.21
CA ALA A 1143 19.30 1.99 17.93
C ALA A 1143 18.80 1.44 19.25
N PHE A 1144 17.92 2.19 19.92
CA PHE A 1144 17.30 1.67 21.14
C PHE A 1144 16.62 0.34 20.86
N SER A 1145 15.85 0.26 19.78
CA SER A 1145 15.13 -0.96 19.46
C SER A 1145 16.08 -2.11 19.14
N ILE A 1146 17.09 -1.85 18.33
CA ILE A 1146 18.00 -2.95 17.94
C ILE A 1146 18.73 -3.49 19.16
N PHE A 1147 19.33 -2.60 19.94
CA PHE A 1147 20.08 -3.10 21.08
C PHE A 1147 19.16 -3.66 22.14
N GLY A 1148 17.91 -3.19 22.19
CA GLY A 1148 16.94 -3.84 23.04
C GLY A 1148 16.64 -5.25 22.60
N SER A 1149 16.56 -5.47 21.29
CA SER A 1149 16.32 -6.82 20.79
C SER A 1149 17.42 -7.77 21.20
N ILE A 1150 18.67 -7.41 20.91
CA ILE A 1150 19.78 -8.28 21.27
C ILE A 1150 19.84 -8.50 22.78
N ALA A 1151 19.82 -7.39 23.53
CA ALA A 1151 19.96 -7.48 24.97
C ALA A 1151 18.84 -8.31 25.58
N LEU A 1152 17.62 -8.12 25.10
CA LEU A 1152 16.49 -8.88 25.60
C LEU A 1152 16.67 -10.36 25.33
N TYR A 1153 17.17 -10.72 24.15
CA TYR A 1153 17.36 -12.14 23.87
C TYR A 1153 18.35 -12.76 24.85
N PHE A 1154 19.45 -12.07 25.13
CA PHE A 1154 20.42 -12.66 26.06
C PHE A 1154 19.90 -12.64 27.49
N GLY A 1155 19.21 -11.58 27.88
CA GLY A 1155 18.65 -11.52 29.21
C GLY A 1155 17.69 -12.65 29.46
N ILE A 1156 16.82 -12.93 28.50
CA ILE A 1156 15.91 -14.05 28.67
C ILE A 1156 16.65 -15.37 28.50
N MET A 1157 17.76 -15.38 27.76
CA MET A 1157 18.58 -16.58 27.72
C MET A 1157 19.01 -16.99 29.11
N PHE A 1158 19.48 -16.02 29.90
CA PHE A 1158 19.78 -16.34 31.30
C PHE A 1158 18.52 -16.66 32.09
N ASP A 1159 17.56 -15.73 32.11
CA ASP A 1159 16.44 -15.79 33.05
C ASP A 1159 15.46 -16.92 32.74
N PHE A 1160 15.56 -17.56 31.57
CA PHE A 1160 14.85 -18.80 31.33
C PHE A 1160 15.36 -19.91 32.24
N HIS A 1161 16.58 -19.75 32.75
CA HIS A 1161 17.29 -20.78 33.50
C HIS A 1161 17.29 -20.49 35.00
N SER A 1162 16.16 -19.94 35.47
CA SER A 1162 15.94 -19.69 36.88
C SER A 1162 14.55 -20.20 37.24
N ALA A 1163 14.47 -21.12 38.19
CA ALA A 1163 13.19 -21.70 38.58
C ALA A 1163 12.29 -20.70 39.30
N GLY A 1164 12.77 -19.47 39.53
CA GLY A 1164 11.93 -18.47 40.17
C GLY A 1164 10.66 -18.17 39.40
N ILE A 1165 10.64 -18.43 38.10
CA ILE A 1165 9.43 -18.35 37.30
C ILE A 1165 8.96 -19.71 36.82
N HIS A 1166 9.80 -20.74 36.91
CA HIS A 1166 9.37 -22.10 36.62
C HIS A 1166 8.41 -22.63 37.69
N VAL A 1167 8.30 -21.94 38.81
CA VAL A 1167 7.29 -22.29 39.82
C VAL A 1167 5.91 -21.95 39.27
N LEU A 1168 4.91 -22.73 39.70
CA LEU A 1168 3.56 -22.74 39.14
C LEU A 1168 3.59 -22.69 37.62
N PHE A 1169 4.61 -23.30 37.04
CA PHE A 1169 4.83 -23.44 35.61
C PHE A 1169 5.78 -24.62 35.41
N PRO A 1170 5.39 -25.82 35.85
CA PRO A 1170 6.36 -26.92 36.00
C PRO A 1170 6.46 -27.89 34.82
N SER A 1171 5.81 -27.61 33.69
CA SER A 1171 5.86 -28.54 32.57
C SER A 1171 5.99 -27.83 31.23
N ALA A 1172 6.58 -26.63 31.21
CA ALA A 1172 6.75 -25.95 29.94
C ALA A 1172 8.14 -25.35 29.75
N PHE A 1173 8.82 -24.98 30.83
CA PHE A 1173 10.16 -24.41 30.75
C PHE A 1173 11.23 -25.49 30.95
N GLN A 1174 11.26 -26.45 30.02
CA GLN A 1174 12.20 -27.56 30.14
C GLN A 1174 13.64 -27.09 30.02
N PHE A 1175 13.91 -26.17 29.09
CA PHE A 1175 15.28 -25.79 28.74
C PHE A 1175 15.86 -24.83 29.79
N THR A 1176 15.85 -25.30 31.04
CA THR A 1176 16.36 -24.54 32.17
C THR A 1176 17.77 -25.01 32.51
N GLY A 1177 18.68 -24.06 32.68
CA GLY A 1177 20.06 -24.36 32.99
C GLY A 1177 20.83 -24.97 31.83
N THR A 1178 20.68 -24.40 30.64
CA THR A 1178 21.38 -24.90 29.46
C THR A 1178 22.45 -23.95 28.97
N ALA A 1179 22.11 -22.71 28.68
CA ALA A 1179 23.07 -21.72 28.23
C ALA A 1179 23.77 -21.01 29.38
N SER A 1180 23.10 -20.89 30.53
CA SER A 1180 23.75 -20.41 31.73
C SER A 1180 24.97 -21.23 32.07
N ASN A 1181 25.08 -22.43 31.51
CA ASN A 1181 26.28 -23.24 31.52
C ASN A 1181 27.03 -23.09 30.20
N ALA A 1182 26.32 -23.17 29.09
CA ALA A 1182 26.96 -23.33 27.78
C ALA A 1182 27.84 -22.14 27.43
N LEU A 1183 27.36 -20.93 27.68
CA LEU A 1183 28.12 -19.76 27.26
C LEU A 1183 29.40 -19.55 28.03
N ARG A 1184 29.60 -20.29 29.13
CA ARG A 1184 30.75 -20.03 29.99
C ARG A 1184 32.05 -20.26 29.24
N GLN A 1185 32.17 -21.38 28.52
CA GLN A 1185 33.42 -21.73 27.88
C GLN A 1185 33.72 -20.80 26.71
N PRO A 1186 34.98 -20.71 26.31
CA PRO A 1186 35.32 -19.83 25.18
C PRO A 1186 35.01 -20.43 23.83
N TYR A 1187 35.19 -21.74 23.69
CA TYR A 1187 34.97 -22.36 22.39
C TYR A 1187 33.54 -22.23 21.91
N ILE A 1188 32.58 -22.07 22.82
CA ILE A 1188 31.22 -21.77 22.38
C ILE A 1188 31.17 -20.41 21.73
N TRP A 1189 31.95 -19.45 22.23
CA TRP A 1189 32.21 -18.23 21.50
C TRP A 1189 33.19 -18.56 20.39
N LEU A 1190 33.79 -17.53 19.79
CA LEU A 1190 34.87 -17.69 18.82
C LEU A 1190 34.48 -18.63 17.69
N THR A 1191 33.23 -19.02 17.65
CA THR A 1191 32.60 -19.64 16.49
C THR A 1191 31.37 -18.86 16.06
N ILE A 1192 30.65 -18.31 17.03
CA ILE A 1192 29.57 -17.38 16.72
C ILE A 1192 30.13 -16.19 15.96
N ILE A 1193 31.25 -15.65 16.44
CA ILE A 1193 31.89 -14.55 15.73
C ILE A 1193 32.35 -14.98 14.35
N LEU A 1194 32.87 -16.20 14.26
CA LEU A 1194 33.29 -16.70 12.95
C LEU A 1194 32.14 -16.72 11.98
N ALA A 1195 31.00 -17.28 12.40
CA ALA A 1195 29.85 -17.37 11.51
C ALA A 1195 29.35 -15.98 11.13
N VAL A 1196 29.23 -15.09 12.12
CA VAL A 1196 28.78 -13.73 11.84
C VAL A 1196 29.67 -13.10 10.79
N ALA A 1197 30.99 -13.17 11.00
CA ALA A 1197 31.91 -12.55 10.05
C ALA A 1197 31.76 -13.15 8.67
N VAL A 1198 31.79 -14.47 8.57
CA VAL A 1198 31.83 -15.09 7.25
C VAL A 1198 30.54 -14.85 6.49
N CYS A 1199 29.42 -14.67 7.18
CA CYS A 1199 28.17 -14.42 6.46
C CYS A 1199 27.83 -12.95 6.35
N LEU A 1200 28.55 -12.08 7.03
CA LEU A 1200 28.20 -10.68 7.05
C LEU A 1200 29.21 -9.79 6.34
N LEU A 1201 30.42 -10.27 6.08
CA LEU A 1201 31.34 -9.46 5.28
C LEU A 1201 30.96 -9.44 3.80
N PRO A 1202 30.69 -10.58 3.13
CA PRO A 1202 30.42 -10.50 1.69
C PRO A 1202 29.32 -9.54 1.32
N VAL A 1203 28.30 -9.37 2.15
CA VAL A 1203 27.29 -8.36 1.82
C VAL A 1203 27.89 -6.98 1.90
N VAL A 1204 28.80 -6.73 2.84
CA VAL A 1204 29.49 -5.44 2.89
C VAL A 1204 30.29 -5.24 1.62
N ALA A 1205 30.99 -6.29 1.18
CA ALA A 1205 31.78 -6.19 -0.04
C ALA A 1205 30.89 -5.85 -1.23
N ILE A 1206 29.77 -6.55 -1.36
CA ILE A 1206 28.88 -6.28 -2.50
C ILE A 1206 28.32 -4.88 -2.41
N ARG A 1207 27.91 -4.45 -1.22
CA ARG A 1207 27.35 -3.12 -1.07
C ARG A 1207 28.35 -2.05 -1.49
N PHE A 1208 29.57 -2.13 -0.95
CA PHE A 1208 30.59 -1.14 -1.30
C PHE A 1208 30.92 -1.19 -2.78
N LEU A 1209 31.14 -2.39 -3.32
CA LEU A 1209 31.48 -2.54 -4.72
C LEU A 1209 30.40 -1.89 -5.59
N SER A 1210 29.19 -2.43 -5.55
CA SER A 1210 28.15 -1.93 -6.44
C SER A 1210 27.83 -0.47 -6.19
N MET A 1211 28.05 0.02 -4.97
CA MET A 1211 27.86 1.44 -4.74
C MET A 1211 28.85 2.25 -5.58
N THR A 1212 30.13 1.91 -5.49
CA THR A 1212 31.13 2.67 -6.22
C THR A 1212 30.98 2.50 -7.73
N ILE A 1213 30.91 1.26 -8.20
CA ILE A 1213 30.99 1.02 -9.63
C ILE A 1213 29.74 1.50 -10.35
N TRP A 1214 28.56 1.29 -9.77
CA TRP A 1214 27.30 1.77 -10.33
C TRP A 1214 26.53 2.51 -9.25
N PRO A 1215 26.84 3.77 -9.03
CA PRO A 1215 26.08 4.56 -8.05
C PRO A 1215 24.65 4.75 -8.52
N SER A 1216 23.75 4.85 -7.55
CA SER A 1216 22.36 5.18 -7.83
C SER A 1216 22.18 6.69 -7.77
N GLU A 1217 21.02 7.15 -8.22
CA GLU A 1217 20.72 8.57 -8.21
C GLU A 1217 20.86 9.13 -6.79
N SER A 1218 20.32 8.41 -5.82
CA SER A 1218 20.42 8.86 -4.44
C SER A 1218 21.88 8.95 -4.00
N ASP A 1219 22.71 8.04 -4.48
CA ASP A 1219 24.15 8.14 -4.21
C ASP A 1219 24.71 9.43 -4.79
N LYS A 1220 24.44 9.68 -6.07
CA LYS A 1220 24.99 10.86 -6.72
C LYS A 1220 24.61 12.13 -5.98
N ILE A 1221 23.35 12.22 -5.57
CA ILE A 1221 22.93 13.38 -4.79
C ILE A 1221 23.64 13.41 -3.44
N GLN A 1222 23.70 12.26 -2.77
CA GLN A 1222 24.08 12.25 -1.36
C GLN A 1222 25.57 12.53 -1.17
N LYS A 1223 26.41 12.02 -2.06
CA LYS A 1223 27.85 12.20 -1.89
C LYS A 1223 28.19 13.68 -1.81
N HIS A 1224 28.01 14.40 -2.92
CA HIS A 1224 28.25 15.84 -2.95
C HIS A 1224 26.94 16.58 -2.72
N ARG A 1225 26.43 16.46 -1.49
CA ARG A 1225 25.13 17.02 -1.16
C ARG A 1225 25.19 18.42 -0.58
N LYS A 1226 26.34 18.84 -0.06
CA LYS A 1226 26.49 20.25 0.27
C LYS A 1226 26.74 21.08 -0.97
N ARG A 1227 27.43 20.52 -1.96
CA ARG A 1227 27.68 21.16 -3.23
C ARG A 1227 26.39 21.41 -4.00
N THR B 28 -11.80 20.99 10.07
CA THR B 28 -11.46 20.50 11.39
C THR B 28 -10.13 21.13 11.80
N ARG B 29 -9.84 21.15 13.10
CA ARG B 29 -8.74 21.94 13.64
C ARG B 29 -7.40 21.50 13.07
N ARG B 30 -6.38 22.32 13.35
CA ARG B 30 -5.06 22.10 12.80
C ARG B 30 -4.36 20.93 13.49
N PRO B 31 -3.52 20.18 12.76
CA PRO B 31 -2.75 19.12 13.39
C PRO B 31 -1.77 19.68 14.42
N ASP B 32 -1.55 18.91 15.49
CA ASP B 32 -0.56 19.31 16.47
C ASP B 32 0.83 19.34 15.83
N ASN B 33 1.79 19.93 16.54
CA ASN B 33 3.16 20.03 16.06
C ASN B 33 4.05 19.12 16.87
N THR B 34 4.73 18.20 16.19
CA THR B 34 5.70 17.31 16.81
C THR B 34 6.73 16.92 15.75
N ALA B 35 8.01 17.07 16.09
CA ALA B 35 9.06 16.71 15.14
C ALA B 35 8.91 15.28 14.68
N PHE B 36 8.34 14.41 15.52
CA PHE B 36 8.01 13.07 15.08
C PHE B 36 6.95 13.12 14.00
N LYS B 37 5.84 13.82 14.25
CA LYS B 37 4.74 13.83 13.30
C LYS B 37 5.17 14.44 11.98
N GLN B 38 6.08 15.40 12.02
CA GLN B 38 6.50 16.10 10.82
C GLN B 38 7.69 15.42 10.15
N GLN B 39 8.20 14.34 10.73
CA GLN B 39 9.39 13.65 10.24
C GLN B 39 10.57 14.60 10.06
N ARG B 40 10.96 15.26 11.16
CA ARG B 40 12.21 16.00 11.18
C ARG B 40 13.09 15.58 12.35
N LEU B 41 12.86 14.40 12.90
CA LEU B 41 13.62 13.94 14.05
C LEU B 41 15.11 13.90 13.73
N PRO B 42 15.97 14.19 14.70
CA PRO B 42 17.41 14.19 14.42
C PRO B 42 17.89 12.83 13.96
N ALA B 43 18.86 12.84 13.04
CA ALA B 43 19.18 11.64 12.28
C ALA B 43 20.69 11.48 12.20
N TRP B 44 21.11 10.57 11.32
CA TRP B 44 22.50 10.33 11.01
C TRP B 44 22.57 9.48 9.75
N GLN B 45 23.27 9.97 8.75
CA GLN B 45 23.33 9.33 7.44
C GLN B 45 24.50 8.35 7.40
N PRO B 46 24.57 7.50 6.37
CA PRO B 46 25.67 6.53 6.32
C PRO B 46 26.94 7.19 5.79
N ILE B 47 27.95 7.27 6.65
CA ILE B 47 29.23 7.83 6.28
C ILE B 47 30.04 6.73 5.60
N LEU B 48 29.34 5.63 5.26
CA LEU B 48 29.91 4.54 4.49
C LEU B 48 30.68 5.08 3.30
N THR B 49 32.00 4.88 3.29
CA THR B 49 32.87 5.46 2.28
C THR B 49 33.96 4.46 1.94
N ALA B 50 34.60 4.68 0.80
CA ALA B 50 35.77 3.87 0.45
C ALA B 50 36.88 4.03 1.49
N GLY B 51 36.89 5.14 2.22
CA GLY B 51 37.84 5.31 3.29
C GLY B 51 37.42 4.59 4.55
N THR B 52 36.12 4.57 4.82
CA THR B 52 35.65 3.89 6.01
C THR B 52 35.69 2.38 5.86
N VAL B 53 35.33 1.86 4.68
CA VAL B 53 35.08 0.44 4.53
C VAL B 53 36.35 -0.37 4.76
N LEU B 54 37.43 -0.01 4.07
CA LEU B 54 38.59 -0.90 4.00
C LEU B 54 39.22 -1.20 5.35
N PRO B 55 39.38 -0.26 6.28
CA PRO B 55 40.02 -0.58 7.57
C PRO B 55 39.39 -1.75 8.28
N ILE B 56 38.07 -1.94 8.19
CA ILE B 56 37.46 -3.09 8.83
C ILE B 56 37.98 -4.39 8.21
N PHE B 57 38.01 -4.46 6.87
CA PHE B 57 38.55 -5.64 6.22
C PHE B 57 39.97 -5.93 6.68
N PHE B 58 40.80 -4.89 6.75
CA PHE B 58 42.20 -5.16 7.05
C PHE B 58 42.45 -5.46 8.53
N ILE B 59 41.77 -4.76 9.43
CA ILE B 59 41.93 -5.08 10.84
C ILE B 59 41.42 -6.48 11.13
N ILE B 60 40.41 -6.93 10.39
CA ILE B 60 39.99 -8.32 10.54
C ILE B 60 41.06 -9.25 9.98
N GLY B 61 41.63 -8.89 8.82
CA GLY B 61 42.60 -9.77 8.18
C GLY B 61 43.81 -10.09 9.03
N LEU B 62 44.11 -9.27 10.03
CA LEU B 62 45.23 -9.50 10.93
C LEU B 62 44.79 -9.86 12.35
N ILE B 63 43.49 -10.05 12.57
CA ILE B 63 42.99 -10.44 13.88
C ILE B 63 42.52 -11.89 13.92
N PHE B 64 42.57 -12.59 12.79
CA PHE B 64 42.21 -14.00 12.73
C PHE B 64 43.43 -14.91 12.68
N ILE B 65 44.45 -14.53 11.92
CA ILE B 65 45.66 -15.35 11.83
C ILE B 65 46.33 -15.55 13.19
N PRO B 66 46.52 -14.51 14.02
CA PRO B 66 47.17 -14.76 15.32
C PRO B 66 46.42 -15.77 16.18
N ILE B 67 45.12 -15.58 16.37
CA ILE B 67 44.33 -16.53 17.14
C ILE B 67 44.34 -17.89 16.44
N GLY B 68 44.25 -17.89 15.11
CA GLY B 68 44.20 -19.15 14.40
C GLY B 68 45.43 -20.01 14.64
N ILE B 69 46.62 -19.42 14.52
CA ILE B 69 47.82 -20.19 14.78
C ILE B 69 47.94 -20.51 16.26
N GLY B 70 47.60 -19.56 17.13
CA GLY B 70 47.72 -19.79 18.56
C GLY B 70 46.86 -20.94 19.04
N ILE B 71 45.76 -21.21 18.35
CA ILE B 71 44.93 -22.34 18.71
C ILE B 71 45.31 -23.59 17.94
N PHE B 72 45.82 -23.44 16.72
CA PHE B 72 46.20 -24.61 15.95
C PHE B 72 47.40 -25.30 16.56
N VAL B 73 48.33 -24.53 17.13
CA VAL B 73 49.48 -25.15 17.78
C VAL B 73 49.01 -26.03 18.93
N THR B 74 48.08 -25.52 19.74
CA THR B 74 47.54 -26.30 20.84
C THR B 74 46.80 -27.52 20.32
N SER B 75 46.07 -27.35 19.21
CA SER B 75 45.39 -28.48 18.59
C SER B 75 46.36 -29.60 18.27
N ASN B 76 47.45 -29.28 17.58
CA ASN B 76 48.47 -30.29 17.34
C ASN B 76 49.28 -30.62 18.59
N ASN B 77 49.12 -29.87 19.67
CA ASN B 77 49.81 -30.14 20.92
C ASN B 77 48.94 -30.91 21.91
N ILE B 78 48.09 -31.79 21.40
CA ILE B 78 47.31 -32.71 22.22
C ILE B 78 47.46 -34.11 21.64
N ARG B 79 47.70 -35.09 22.50
CA ARG B 79 47.93 -36.46 22.08
C ARG B 79 46.64 -37.26 22.27
N GLU B 80 46.14 -37.85 21.20
CA GLU B 80 44.85 -38.52 21.19
C GLU B 80 45.00 -39.93 20.62
N ILE B 81 44.25 -40.86 21.20
CA ILE B 81 44.27 -42.26 20.77
C ILE B 81 42.87 -42.85 20.88
N GLU B 82 42.41 -43.45 19.79
CA GLU B 82 41.23 -44.29 19.80
C GLU B 82 41.65 -45.75 19.96
N ILE B 83 40.68 -46.63 20.20
CA ILE B 83 41.01 -48.05 20.37
C ILE B 83 40.18 -48.94 19.47
N ASP B 84 38.98 -48.49 19.12
CA ASP B 84 38.00 -49.33 18.42
C ASP B 84 37.80 -50.66 19.16
N TYR B 85 37.18 -50.54 20.32
CA TYR B 85 36.82 -51.69 21.15
C TYR B 85 35.90 -52.65 20.39
N THR B 86 35.31 -52.19 19.28
CA THR B 86 34.32 -52.99 18.58
C THR B 86 34.93 -54.22 17.95
N GLY B 87 35.90 -54.04 17.05
CA GLY B 87 36.53 -55.16 16.39
C GLY B 87 35.60 -55.99 15.53
N THR B 88 35.18 -55.44 14.39
CA THR B 88 34.17 -56.08 13.57
C THR B 88 34.71 -57.21 12.69
N GLU B 89 35.98 -57.18 12.30
CA GLU B 89 36.50 -58.18 11.40
C GLU B 89 36.62 -59.52 12.14
N PRO B 90 36.66 -60.64 11.40
CA PRO B 90 36.84 -61.93 12.09
C PRO B 90 38.16 -62.03 12.83
N SER B 91 39.20 -61.38 12.34
CA SER B 91 40.50 -61.43 13.00
C SER B 91 40.54 -60.65 14.31
N SER B 92 39.48 -59.93 14.63
CA SER B 92 39.50 -59.06 15.80
C SER B 92 39.65 -59.91 17.07
N PRO B 93 40.44 -59.44 18.05
CA PRO B 93 40.58 -60.19 19.30
C PRO B 93 39.31 -60.26 20.12
N CYS B 94 38.33 -59.43 19.82
CA CYS B 94 37.09 -59.39 20.57
C CYS B 94 35.91 -59.94 19.79
N ASN B 95 36.13 -60.40 18.55
CA ASN B 95 35.08 -61.08 17.81
C ASN B 95 34.53 -62.27 18.57
N LYS B 96 35.36 -62.91 19.38
CA LYS B 96 34.95 -64.11 20.10
C LYS B 96 33.76 -63.85 21.00
N CYS B 97 33.52 -62.59 21.37
CA CYS B 97 32.38 -62.21 22.18
C CYS B 97 31.37 -61.39 21.37
N LEU B 98 31.28 -61.64 20.07
CA LEU B 98 30.28 -60.95 19.27
C LEU B 98 28.88 -61.40 19.62
N SER B 99 28.67 -62.71 19.74
CA SER B 99 27.38 -63.27 20.15
C SER B 99 27.58 -64.33 21.22
N PRO B 100 28.14 -63.95 22.38
CA PRO B 100 28.38 -64.92 23.45
C PRO B 100 27.18 -65.00 24.40
N ASP B 101 26.03 -65.41 23.86
CA ASP B 101 24.80 -65.23 24.61
C ASP B 101 24.72 -66.27 25.72
N VAL B 102 25.77 -66.37 26.51
CA VAL B 102 25.87 -67.31 27.61
C VAL B 102 26.28 -66.59 28.89
N THR B 103 27.33 -65.79 28.82
CA THR B 103 27.97 -65.21 29.98
C THR B 103 28.44 -63.80 29.66
N PRO B 104 28.65 -62.96 30.66
CA PRO B 104 29.28 -61.66 30.42
C PRO B 104 30.75 -61.80 30.04
N CYS B 105 31.05 -61.61 28.76
CA CYS B 105 32.41 -61.74 28.25
C CYS B 105 33.38 -60.80 28.94
N PHE B 106 34.32 -61.36 29.70
CA PHE B 106 35.36 -60.60 30.38
C PHE B 106 36.60 -60.53 29.49
N CYS B 107 36.48 -59.76 28.41
CA CYS B 107 37.50 -59.76 27.37
C CYS B 107 38.63 -58.80 27.74
N THR B 108 39.75 -58.96 27.05
CA THR B 108 40.95 -58.17 27.32
C THR B 108 41.67 -57.89 26.01
N ILE B 109 42.22 -56.68 25.88
CA ILE B 109 42.99 -56.28 24.72
C ILE B 109 44.25 -55.58 25.21
N ASN B 110 45.31 -55.66 24.42
CA ASN B 110 46.56 -55.00 24.70
C ASN B 110 46.73 -53.81 23.76
N PHE B 111 47.41 -52.78 24.23
CA PHE B 111 47.79 -51.67 23.36
C PHE B 111 49.05 -51.01 23.94
N THR B 112 49.47 -49.91 23.34
CA THR B 112 50.73 -49.29 23.72
C THR B 112 50.64 -47.78 23.48
N LEU B 113 51.33 -47.01 24.34
CA LEU B 113 51.47 -45.59 24.10
C LEU B 113 52.95 -45.23 24.11
N GLU B 114 53.28 -44.18 23.36
CA GLU B 114 54.66 -43.87 23.01
C GLU B 114 55.31 -42.84 23.91
N LYS B 115 54.60 -41.76 24.24
CA LYS B 115 55.14 -40.75 25.14
C LYS B 115 54.16 -40.49 26.27
N SER B 116 54.69 -40.42 27.49
CA SER B 116 53.82 -40.23 28.64
C SER B 116 53.30 -38.80 28.71
N PHE B 117 52.33 -38.60 29.58
CA PHE B 117 51.59 -37.37 29.69
C PHE B 117 51.92 -36.67 31.01
N GLU B 118 51.24 -35.56 31.25
CA GLU B 118 51.23 -34.89 32.54
C GLU B 118 49.87 -34.23 32.71
N GLY B 119 49.69 -33.56 33.84
CA GLY B 119 48.38 -32.99 34.13
C GLY B 119 47.37 -34.07 34.42
N ASN B 120 46.10 -33.72 34.27
CA ASN B 120 45.01 -34.65 34.47
C ASN B 120 44.51 -35.17 33.14
N VAL B 121 44.00 -36.40 33.16
CA VAL B 121 43.60 -37.10 31.94
C VAL B 121 42.16 -37.57 32.10
N PHE B 122 41.45 -37.63 30.97
CA PHE B 122 40.07 -38.08 30.92
C PHE B 122 39.94 -39.22 29.95
N MET B 123 39.23 -40.27 30.36
CA MET B 123 39.00 -41.45 29.55
C MET B 123 37.50 -41.61 29.38
N TYR B 124 37.07 -41.90 28.16
CA TYR B 124 35.64 -41.82 27.89
C TYR B 124 35.33 -42.41 26.53
N TYR B 125 34.14 -42.97 26.41
CA TYR B 125 33.78 -43.81 25.29
C TYR B 125 33.09 -42.99 24.21
N GLY B 126 32.78 -43.68 23.12
CA GLY B 126 32.16 -43.03 21.98
C GLY B 126 31.54 -44.06 21.08
N LEU B 127 30.48 -43.63 20.41
CA LEU B 127 29.69 -44.47 19.52
C LEU B 127 29.76 -43.88 18.12
N SER B 128 28.98 -44.47 17.21
CA SER B 128 28.88 -43.97 15.86
C SER B 128 27.72 -44.66 15.18
N ASN B 129 27.00 -43.92 14.34
CA ASN B 129 25.79 -44.41 13.68
C ASN B 129 24.77 -44.89 14.70
N PHE B 130 24.46 -44.01 15.66
CA PHE B 130 23.49 -44.29 16.71
C PHE B 130 22.64 -43.03 16.85
N TYR B 131 21.53 -42.98 16.11
CA TYR B 131 20.81 -41.73 15.91
C TYR B 131 20.10 -41.35 17.20
N GLN B 132 20.90 -40.87 18.16
CA GLN B 132 20.41 -40.41 19.45
C GLN B 132 19.57 -39.15 19.34
N ASN B 133 19.54 -38.50 18.18
CA ASN B 133 18.75 -37.30 17.96
C ASN B 133 17.44 -37.58 17.24
N HIS B 134 17.08 -38.84 17.05
CA HIS B 134 15.88 -39.17 16.28
C HIS B 134 14.64 -38.62 16.97
N ARG B 135 13.67 -38.19 16.17
CA ARG B 135 12.49 -37.55 16.74
C ARG B 135 11.72 -38.52 17.61
N ARG B 136 11.43 -39.72 17.09
CA ARG B 136 10.67 -40.70 17.83
C ARG B 136 11.33 -41.09 19.15
N TYR B 137 12.51 -40.55 19.41
CA TYR B 137 13.34 -40.97 20.53
C TYR B 137 13.60 -39.85 21.51
N VAL B 138 13.96 -38.66 21.04
CA VAL B 138 14.24 -37.57 21.97
C VAL B 138 13.01 -37.17 22.76
N LYS B 139 11.82 -37.44 22.22
CA LYS B 139 10.57 -37.19 22.93
C LYS B 139 10.11 -38.38 23.74
N SER B 140 11.04 -39.21 24.22
CA SER B 140 10.65 -40.36 25.01
C SER B 140 11.19 -40.26 26.43
N ARG B 141 11.07 -39.07 27.03
CA ARG B 141 11.45 -38.88 28.42
C ARG B 141 10.28 -38.25 29.15
N ASP B 142 10.31 -38.36 30.48
CA ASP B 142 9.24 -37.89 31.36
C ASP B 142 9.89 -37.05 32.45
N ASP B 143 10.06 -35.75 32.21
CA ASP B 143 10.88 -34.94 33.10
C ASP B 143 10.29 -34.89 34.51
N SER B 144 8.97 -34.77 34.62
CA SER B 144 8.35 -34.62 35.92
C SER B 144 8.70 -35.77 36.85
N GLN B 145 8.58 -37.00 36.36
CA GLN B 145 8.87 -38.15 37.20
C GLN B 145 10.35 -38.22 37.54
N LEU B 146 11.23 -37.81 36.62
CA LEU B 146 12.65 -37.77 36.94
C LEU B 146 12.93 -36.79 38.07
N ASN B 147 12.23 -35.66 38.08
CA ASN B 147 12.53 -34.61 39.05
C ASN B 147 12.39 -35.12 40.49
N GLY B 148 11.58 -36.15 40.70
CA GLY B 148 11.26 -36.62 42.04
C GLY B 148 9.82 -36.41 42.42
N ASP B 149 8.95 -36.12 41.46
CA ASP B 149 7.56 -35.85 41.74
C ASP B 149 6.86 -37.04 42.38
N SER B 150 6.06 -36.76 43.40
CA SER B 150 5.29 -37.82 44.03
C SER B 150 4.29 -38.42 43.07
N SER B 151 3.61 -37.58 42.28
CA SER B 151 2.51 -38.07 41.46
C SER B 151 3.02 -38.83 40.24
N ALA B 152 3.70 -38.13 39.33
CA ALA B 152 4.19 -38.77 38.12
C ALA B 152 4.91 -40.07 38.40
N LEU B 153 5.42 -40.22 39.63
CA LEU B 153 5.95 -41.49 40.07
C LEU B 153 4.92 -42.60 39.93
N LEU B 154 3.81 -42.49 40.67
CA LEU B 154 2.81 -43.55 40.62
C LEU B 154 1.92 -43.46 39.40
N ASN B 155 2.04 -42.42 38.58
CA ASN B 155 1.33 -42.37 37.30
C ASN B 155 2.10 -41.47 36.34
N PRO B 156 2.90 -42.06 35.47
CA PRO B 156 3.66 -41.25 34.50
C PRO B 156 2.77 -40.65 33.43
N SER B 157 3.38 -40.03 32.42
CA SER B 157 2.64 -39.45 31.30
C SER B 157 2.73 -40.34 30.08
N LYS B 158 1.62 -40.47 29.36
CA LYS B 158 1.49 -41.45 28.28
C LYS B 158 2.31 -41.08 27.05
N GLU B 159 3.63 -41.05 27.16
CA GLU B 159 4.47 -40.79 26.00
C GLU B 159 5.50 -41.86 25.72
N CYS B 160 5.83 -42.70 26.70
CA CYS B 160 6.77 -43.81 26.52
C CYS B 160 5.96 -44.99 26.02
N GLU B 161 5.65 -44.96 24.72
CA GLU B 161 4.51 -45.75 24.25
C GLU B 161 4.67 -47.26 24.45
N PRO B 162 5.79 -47.90 24.11
CA PRO B 162 5.78 -49.36 24.18
C PRO B 162 5.58 -49.83 25.60
N TYR B 163 6.12 -49.09 26.55
CA TYR B 163 6.29 -49.48 27.94
C TYR B 163 5.84 -48.34 28.85
N ARG B 164 4.55 -48.26 29.07
CA ARG B 164 4.04 -47.39 30.12
C ARG B 164 3.48 -48.20 31.28
N ARG B 165 2.85 -49.32 30.96
CA ARG B 165 2.40 -50.31 31.93
C ARG B 165 2.76 -51.65 31.30
N ASN B 166 3.96 -52.15 31.56
CA ASN B 166 4.31 -53.47 31.05
C ASN B 166 3.35 -54.52 31.62
N GLU B 167 3.14 -54.49 32.92
CA GLU B 167 2.08 -55.26 33.56
C GLU B 167 1.39 -54.41 34.61
N ASP B 168 1.16 -53.13 34.27
CA ASP B 168 0.42 -52.19 35.12
C ASP B 168 1.22 -51.81 36.36
N LYS B 169 2.52 -51.61 36.18
CA LYS B 169 3.36 -51.08 37.24
C LYS B 169 4.23 -49.95 36.69
N PRO B 170 4.57 -48.98 37.55
CA PRO B 170 5.48 -47.91 37.11
C PRO B 170 6.85 -48.46 36.77
N ILE B 171 7.51 -47.78 35.83
CA ILE B 171 8.81 -48.22 35.30
C ILE B 171 9.78 -47.07 35.53
N ALA B 172 9.70 -46.45 36.71
CA ALA B 172 10.05 -45.07 37.02
C ALA B 172 11.18 -44.49 36.15
N PRO B 173 12.33 -45.13 35.99
CA PRO B 173 13.22 -44.57 34.96
C PRO B 173 12.75 -44.97 33.56
N CYS B 174 11.64 -44.39 33.14
CA CYS B 174 10.89 -44.88 31.98
C CYS B 174 11.14 -44.02 30.75
N GLY B 175 11.40 -44.67 29.63
CA GLY B 175 11.67 -44.00 28.36
C GLY B 175 12.78 -44.71 27.61
N ALA B 176 12.74 -44.61 26.28
CA ALA B 176 13.76 -45.26 25.46
C ALA B 176 15.14 -44.70 25.77
N ILE B 177 15.22 -43.42 26.11
CA ILE B 177 16.49 -42.84 26.51
C ILE B 177 17.03 -43.58 27.72
N ALA B 178 16.19 -43.72 28.76
CA ALA B 178 16.63 -44.41 29.96
C ALA B 178 16.65 -45.92 29.77
N ASN B 179 15.79 -46.44 28.89
CA ASN B 179 15.74 -47.87 28.67
C ASN B 179 17.08 -48.40 28.20
N SER B 180 17.75 -47.65 27.33
CA SER B 180 18.87 -48.19 26.56
C SER B 180 20.22 -47.63 26.98
N MET B 181 20.32 -47.08 28.19
CA MET B 181 21.63 -46.70 28.71
C MET B 181 22.58 -47.89 28.60
N PHE B 182 23.68 -47.70 27.89
CA PHE B 182 24.45 -48.87 27.49
C PHE B 182 25.29 -49.34 28.67
N ASN B 183 25.32 -50.65 28.84
CA ASN B 183 25.93 -51.29 30.00
C ASN B 183 27.26 -51.93 29.63
N ASP B 184 28.33 -51.44 30.25
CA ASP B 184 29.68 -51.92 29.99
C ASP B 184 30.58 -51.45 31.12
N THR B 185 31.45 -52.34 31.58
CA THR B 185 32.39 -52.01 32.65
C THR B 185 33.81 -52.17 32.12
N LEU B 186 34.61 -51.14 32.29
CA LEU B 186 35.96 -51.09 31.74
C LEU B 186 36.96 -50.94 32.88
N GLU B 187 38.17 -51.43 32.65
CA GLU B 187 39.26 -51.20 33.58
C GLU B 187 40.57 -51.29 32.83
N LEU B 188 41.58 -50.63 33.36
CA LEU B 188 42.86 -50.51 32.68
C LEU B 188 43.99 -50.78 33.66
N PHE B 189 45.04 -51.44 33.17
CA PHE B 189 46.20 -51.75 33.98
C PHE B 189 47.48 -51.42 33.23
N LEU B 190 48.49 -51.04 33.99
CA LEU B 190 49.83 -50.79 33.45
C LEU B 190 50.75 -51.91 33.89
N ILE B 191 51.38 -52.55 32.92
CA ILE B 191 52.18 -53.73 33.19
C ILE B 191 53.52 -53.32 33.80
N GLY B 192 53.90 -53.99 34.89
CA GLY B 192 55.18 -53.74 35.52
C GLY B 192 56.31 -54.47 34.84
N ASN B 193 57.52 -54.28 35.38
CA ASN B 193 58.70 -54.91 34.81
C ASN B 193 58.73 -56.42 35.07
N ASP B 194 57.87 -56.93 35.93
CA ASP B 194 57.74 -58.36 36.17
C ASP B 194 56.36 -58.85 35.77
N SER B 195 55.85 -58.33 34.65
CA SER B 195 54.54 -58.70 34.13
C SER B 195 53.46 -58.54 35.20
N TYR B 196 53.52 -57.43 35.92
CA TYR B 196 52.57 -57.09 36.97
C TYR B 196 51.68 -55.96 36.48
N PRO B 197 50.59 -56.24 35.79
CA PRO B 197 49.70 -55.14 35.40
C PRO B 197 48.97 -54.63 36.62
N ILE B 198 49.45 -53.51 37.13
CA ILE B 198 48.86 -52.91 38.32
C ILE B 198 47.64 -52.13 37.88
N PRO B 199 46.61 -52.03 38.73
CA PRO B 199 45.42 -51.25 38.38
C PRO B 199 45.72 -49.77 38.34
N ILE B 200 44.85 -49.05 37.66
CA ILE B 200 44.90 -47.60 37.60
C ILE B 200 43.82 -47.06 38.53
N ALA B 201 44.17 -46.06 39.32
CA ALA B 201 43.24 -45.48 40.28
C ALA B 201 42.39 -44.43 39.57
N LEU B 202 41.22 -44.83 39.12
CA LEU B 202 40.35 -43.96 38.34
C LEU B 202 39.16 -43.50 39.19
N LYS B 203 38.88 -42.21 39.13
CA LYS B 203 37.78 -41.63 39.90
C LYS B 203 36.48 -41.75 39.14
N LYS B 204 35.38 -41.68 39.88
CA LYS B 204 34.07 -41.96 39.32
C LYS B 204 33.05 -40.95 39.81
N LYS B 205 33.41 -39.67 39.80
CA LYS B 205 32.53 -38.66 40.37
C LYS B 205 32.90 -37.28 39.82
N GLY B 206 31.89 -36.42 39.74
CA GLY B 206 32.06 -35.07 39.24
C GLY B 206 31.94 -34.93 37.74
N ILE B 207 31.74 -36.03 37.02
CA ILE B 207 31.73 -36.01 35.56
C ILE B 207 30.28 -35.79 35.14
N ALA B 208 29.86 -34.54 35.18
CA ALA B 208 28.47 -34.20 34.87
C ALA B 208 28.35 -32.68 34.81
N TRP B 209 27.13 -32.20 34.64
CA TRP B 209 26.84 -30.80 34.86
C TRP B 209 26.54 -30.59 36.34
N TRP B 210 27.23 -29.63 36.94
CA TRP B 210 27.02 -29.31 38.34
C TRP B 210 25.56 -28.99 38.60
N THR B 211 24.87 -28.47 37.60
CA THR B 211 23.45 -28.16 37.72
C THR B 211 22.62 -29.43 37.92
N ASP B 212 22.86 -30.43 37.08
CA ASP B 212 21.96 -31.58 37.03
C ASP B 212 21.95 -32.34 38.35
N LYS B 213 23.11 -32.52 38.96
CA LYS B 213 23.18 -33.15 40.26
C LYS B 213 22.62 -32.28 41.38
N ASN B 214 22.12 -31.08 41.07
CA ASN B 214 21.59 -30.18 42.08
C ASN B 214 20.11 -29.92 41.92
N VAL B 215 19.64 -29.60 40.72
CA VAL B 215 18.24 -29.22 40.57
C VAL B 215 17.52 -30.01 39.49
N LYS B 216 18.25 -30.51 38.50
CA LYS B 216 17.60 -30.94 37.26
C LYS B 216 16.58 -32.05 37.51
N PHE B 217 17.00 -33.13 38.17
CA PHE B 217 16.06 -34.14 38.60
C PHE B 217 16.62 -34.93 39.77
N ARG B 218 15.82 -35.04 40.82
CA ARG B 218 16.21 -35.62 42.09
C ARG B 218 15.36 -36.85 42.38
N ASN B 219 15.75 -37.59 43.41
CA ASN B 219 15.04 -38.78 43.82
C ASN B 219 13.72 -38.41 44.49
N PRO B 220 12.77 -39.34 44.54
CA PRO B 220 11.55 -39.11 45.31
C PRO B 220 11.87 -38.85 46.76
N PRO B 221 11.12 -37.97 47.42
CA PRO B 221 11.50 -37.53 48.77
C PRO B 221 11.25 -38.61 49.81
N GLY B 222 11.88 -38.43 50.97
CA GLY B 222 11.70 -39.31 52.10
C GLY B 222 13.04 -39.65 52.72
N GLY B 223 13.01 -40.61 53.65
CA GLY B 223 14.23 -41.06 54.30
C GLY B 223 15.08 -41.91 53.38
N ASP B 224 16.31 -42.16 53.82
CA ASP B 224 17.30 -42.88 53.02
C ASP B 224 16.97 -44.37 53.09
N ASN B 225 16.05 -44.79 52.24
CA ASN B 225 15.90 -46.22 52.00
C ASN B 225 15.91 -46.56 50.51
N LEU B 226 15.20 -45.79 49.69
CA LEU B 226 15.11 -45.99 48.24
C LEU B 226 14.45 -47.32 47.88
N GLU B 227 14.10 -48.13 48.88
CA GLU B 227 13.48 -49.42 48.65
C GLU B 227 11.96 -49.33 48.71
N GLU B 228 11.43 -48.90 49.86
CA GLU B 228 9.99 -48.85 50.05
C GLU B 228 9.37 -47.60 49.46
N ARG B 229 10.16 -46.64 49.00
CA ARG B 229 9.62 -45.48 48.29
C ARG B 229 9.58 -45.69 46.79
N PHE B 230 9.81 -46.92 46.33
CA PHE B 230 9.65 -47.30 44.93
C PHE B 230 8.66 -48.44 44.77
N LYS B 231 7.64 -48.50 45.63
CA LYS B 231 6.67 -49.57 45.53
C LYS B 231 6.01 -49.58 44.16
N GLY B 232 5.86 -50.78 43.59
CA GLY B 232 5.27 -50.95 42.30
C GLY B 232 6.13 -50.49 41.14
N THR B 233 7.13 -49.64 41.38
CA THR B 233 7.95 -49.09 40.30
C THR B 233 8.86 -50.19 39.78
N THR B 234 8.35 -50.95 38.80
CA THR B 234 9.08 -52.10 38.31
C THR B 234 10.33 -51.66 37.55
N LYS B 235 11.28 -52.58 37.45
CA LYS B 235 12.52 -52.30 36.76
C LYS B 235 12.27 -52.07 35.28
N PRO B 236 13.15 -51.35 34.61
CA PRO B 236 13.06 -51.28 33.14
C PRO B 236 13.29 -52.66 32.55
N VAL B 237 12.69 -52.89 31.39
CA VAL B 237 12.72 -54.22 30.80
C VAL B 237 14.15 -54.66 30.53
N ASN B 238 14.94 -53.81 29.88
CA ASN B 238 16.29 -54.18 29.52
C ASN B 238 17.30 -53.90 30.62
N TRP B 239 16.93 -53.16 31.65
CA TRP B 239 17.77 -53.07 32.83
C TRP B 239 17.78 -54.42 33.50
N LEU B 240 18.93 -55.10 33.47
CA LEU B 240 19.03 -56.39 34.14
C LEU B 240 18.82 -56.26 35.63
N LYS B 241 19.07 -55.08 36.19
CA LYS B 241 18.85 -54.88 37.61
C LYS B 241 18.15 -53.55 37.85
N PRO B 242 17.32 -53.48 38.90
CA PRO B 242 16.69 -52.21 39.26
C PRO B 242 17.71 -51.18 39.75
N VAL B 243 17.26 -49.93 39.72
CA VAL B 243 18.17 -48.80 39.92
C VAL B 243 18.74 -48.80 41.33
N TYR B 244 17.91 -49.05 42.33
CA TYR B 244 18.34 -48.77 43.71
C TYR B 244 19.52 -49.57 44.16
N MET B 245 20.09 -50.46 43.33
CA MET B 245 21.39 -51.05 43.63
C MET B 245 22.44 -50.65 42.59
N LEU B 246 22.22 -49.53 41.90
CA LEU B 246 23.19 -49.11 40.89
C LEU B 246 24.54 -48.81 41.50
N ASP B 247 24.55 -48.17 42.67
CA ASP B 247 25.81 -47.88 43.34
C ASP B 247 25.55 -47.74 44.84
N SER B 248 26.43 -48.36 45.64
CA SER B 248 26.25 -48.33 47.08
C SER B 248 26.38 -46.92 47.64
N ASP B 249 27.06 -46.04 46.93
CA ASP B 249 27.23 -44.68 47.40
C ASP B 249 25.86 -44.00 47.53
N PRO B 250 25.53 -43.46 48.71
CA PRO B 250 24.17 -42.93 48.89
C PRO B 250 23.75 -41.90 47.86
N ASP B 251 24.66 -41.01 47.45
CA ASP B 251 24.27 -40.02 46.45
C ASP B 251 24.06 -40.66 45.08
N ASN B 252 25.02 -41.47 44.64
CA ASN B 252 24.99 -41.98 43.28
C ASN B 252 24.05 -43.14 43.08
N ASN B 253 23.12 -43.39 43.99
CA ASN B 253 22.08 -44.36 43.71
C ASN B 253 20.74 -43.62 43.62
N GLY B 254 19.80 -44.26 42.95
CA GLY B 254 18.56 -43.59 42.59
C GLY B 254 18.68 -42.89 41.26
N PHE B 255 17.96 -41.79 41.10
CA PHE B 255 18.02 -41.03 39.85
C PHE B 255 19.20 -40.10 39.79
N ILE B 256 20.24 -40.36 40.58
CA ILE B 256 21.41 -39.50 40.64
C ILE B 256 22.68 -40.21 40.20
N ASN B 257 22.62 -41.51 39.90
CA ASN B 257 23.80 -42.19 39.38
C ASN B 257 24.34 -41.44 38.18
N GLU B 258 25.52 -40.85 38.37
CA GLU B 258 25.95 -39.77 37.50
C GLU B 258 26.10 -40.25 36.06
N ASP B 259 26.44 -41.52 35.86
CA ASP B 259 26.45 -42.10 34.53
C ASP B 259 25.04 -42.12 33.94
N PHE B 260 24.05 -42.42 34.78
CA PHE B 260 22.66 -42.38 34.34
C PHE B 260 22.35 -41.03 33.72
N ILE B 261 22.70 -39.96 34.44
CA ILE B 261 22.48 -38.61 33.91
C ILE B 261 23.26 -38.43 32.62
N VAL B 262 24.53 -38.83 32.62
CA VAL B 262 25.37 -38.58 31.46
C VAL B 262 24.74 -39.19 30.22
N TRP B 263 24.16 -40.37 30.36
CA TRP B 263 23.43 -40.95 29.24
C TRP B 263 22.12 -40.20 28.99
N MET B 264 21.54 -39.57 30.02
CA MET B 264 20.31 -38.82 29.79
C MET B 264 20.52 -37.65 28.84
N ARG B 265 21.62 -36.93 29.00
CA ARG B 265 21.85 -35.73 28.20
C ARG B 265 22.16 -36.12 26.76
N THR B 266 21.12 -36.16 25.92
CA THR B 266 21.26 -36.72 24.59
C THR B 266 22.21 -35.92 23.73
N ALA B 267 23.01 -36.62 22.94
CA ALA B 267 23.92 -35.95 22.02
C ALA B 267 23.14 -35.47 20.81
N ALA B 268 23.84 -34.87 19.86
CA ALA B 268 23.19 -34.17 18.76
C ALA B 268 23.53 -34.71 17.38
N LEU B 269 24.33 -35.76 17.27
CA LEU B 269 24.70 -36.26 15.97
C LEU B 269 24.83 -37.79 16.00
N PRO B 270 25.07 -38.46 14.88
CA PRO B 270 25.29 -39.91 14.93
C PRO B 270 26.66 -40.31 15.46
N THR B 271 27.44 -39.37 15.99
CA THR B 271 28.78 -39.69 16.46
C THR B 271 29.11 -38.76 17.61
N PHE B 272 29.55 -39.32 18.73
CA PHE B 272 29.66 -38.52 19.94
C PHE B 272 30.42 -39.28 20.99
N ARG B 273 31.04 -38.54 21.90
CA ARG B 273 31.75 -39.10 23.03
C ARG B 273 31.03 -38.67 24.30
N LYS B 274 30.86 -39.61 25.22
CA LYS B 274 30.30 -39.31 26.52
C LYS B 274 31.37 -39.53 27.57
N LEU B 275 31.48 -38.59 28.49
CA LEU B 275 32.49 -38.71 29.54
C LEU B 275 32.22 -39.94 30.39
N TYR B 276 33.27 -40.74 30.62
CA TYR B 276 33.10 -41.99 31.34
C TYR B 276 33.82 -42.01 32.67
N ARG B 277 35.12 -41.72 32.70
CA ARG B 277 35.84 -41.56 33.95
C ARG B 277 36.92 -40.51 33.77
N LEU B 278 37.35 -39.96 34.88
CA LEU B 278 38.49 -39.07 34.93
C LEU B 278 39.62 -39.75 35.68
N ILE B 279 40.79 -39.11 35.66
CA ILE B 279 41.94 -39.55 36.42
C ILE B 279 42.39 -38.35 37.24
N GLU B 280 43.48 -38.50 37.98
CA GLU B 280 44.03 -37.34 38.67
C GLU B 280 45.55 -37.36 38.53
N ARG B 281 46.11 -36.17 38.27
CA ARG B 281 47.55 -36.05 38.12
C ARG B 281 48.24 -36.53 39.37
N LYS B 282 49.25 -37.37 39.22
CA LYS B 282 49.92 -37.93 40.39
C LYS B 282 50.59 -36.82 41.19
N SER B 283 51.21 -37.17 42.31
CA SER B 283 51.52 -36.20 43.34
C SER B 283 52.31 -35.01 42.83
N ASP B 284 53.58 -35.21 42.46
CA ASP B 284 54.45 -34.08 42.14
C ASP B 284 54.70 -33.92 40.65
N LEU B 285 55.44 -34.83 40.02
CA LEU B 285 55.90 -34.60 38.65
C LEU B 285 55.89 -35.82 37.76
N HIS B 286 55.95 -37.04 38.30
CA HIS B 286 56.29 -38.19 37.49
C HIS B 286 55.18 -38.48 36.49
N PRO B 287 55.49 -39.20 35.42
CA PRO B 287 54.48 -39.52 34.41
C PRO B 287 53.21 -40.09 35.02
N THR B 288 52.09 -39.42 34.73
CA THR B 288 50.79 -39.95 35.12
C THR B 288 50.63 -41.38 34.61
N LEU B 289 51.19 -41.65 33.44
CA LEU B 289 51.00 -42.93 32.76
C LEU B 289 52.18 -43.14 31.82
N PRO B 290 53.32 -43.56 32.38
CA PRO B 290 54.54 -43.67 31.57
C PRO B 290 54.35 -44.63 30.40
N ALA B 291 55.05 -44.33 29.31
CA ALA B 291 54.84 -45.03 28.05
C ALA B 291 55.11 -46.51 28.20
N GLY B 292 54.66 -47.27 27.19
CA GLY B 292 54.79 -48.71 27.20
C GLY B 292 53.46 -49.37 26.90
N ARG B 293 53.36 -50.64 27.27
CA ARG B 293 52.19 -51.43 26.97
C ARG B 293 51.18 -51.36 28.11
N TYR B 294 49.90 -51.38 27.74
CA TYR B 294 48.80 -51.29 28.69
C TYR B 294 47.76 -52.34 28.34
N SER B 295 47.00 -52.73 29.36
CA SER B 295 46.02 -53.80 29.25
C SER B 295 44.64 -53.25 29.56
N LEU B 296 43.75 -53.29 28.57
CA LEU B 296 42.38 -52.82 28.73
C LEU B 296 41.47 -54.04 28.84
N ASN B 297 40.91 -54.26 30.02
CA ASN B 297 40.05 -55.40 30.29
C ASN B 297 38.63 -54.88 30.50
N VAL B 298 37.70 -55.36 29.71
CA VAL B 298 36.34 -54.84 29.69
C VAL B 298 35.34 -55.98 29.58
N THR B 299 34.19 -55.81 30.21
CA THR B 299 33.07 -56.71 30.02
C THR B 299 32.27 -56.22 28.82
N TYR B 300 32.08 -57.09 27.86
CA TYR B 300 31.33 -56.77 26.65
C TYR B 300 29.86 -57.14 26.87
N ASN B 301 28.99 -56.13 26.89
CA ASN B 301 27.59 -56.40 27.21
C ASN B 301 26.60 -55.63 26.36
N TYR B 302 26.96 -55.20 25.15
CA TYR B 302 26.00 -54.34 24.49
C TYR B 302 25.92 -54.41 22.98
N PRO B 303 24.73 -54.61 22.44
CA PRO B 303 24.58 -55.01 21.03
C PRO B 303 24.55 -53.88 20.02
N VAL B 304 25.71 -53.46 19.52
CA VAL B 304 25.75 -52.51 18.41
C VAL B 304 26.08 -53.14 17.07
N HIS B 305 26.39 -54.43 17.03
CA HIS B 305 26.93 -55.01 15.81
C HIS B 305 25.91 -55.14 14.70
N TYR B 306 24.72 -54.59 14.88
CA TYR B 306 23.70 -54.65 13.85
C TYR B 306 23.61 -53.40 13.01
N PHE B 307 23.90 -52.24 13.57
CA PHE B 307 23.84 -50.99 12.85
C PHE B 307 25.20 -50.31 12.81
N ASP B 308 26.25 -51.09 12.53
CA ASP B 308 27.59 -50.58 12.30
C ASP B 308 28.09 -49.70 13.45
N GLY B 309 27.52 -49.86 14.63
CA GLY B 309 27.81 -48.93 15.70
C GLY B 309 29.18 -49.15 16.29
N ARG B 310 30.22 -48.78 15.56
CA ARG B 310 31.56 -49.16 15.97
C ARG B 310 31.90 -48.43 17.25
N LYS B 311 31.61 -49.07 18.38
CA LYS B 311 31.79 -48.44 19.69
C LYS B 311 33.23 -48.61 20.15
N ARG B 312 33.77 -47.55 20.73
CA ARG B 312 35.17 -47.56 21.14
C ARG B 312 35.32 -46.72 22.40
N MET B 313 36.54 -46.66 22.91
CA MET B 313 36.87 -45.71 23.96
C MET B 313 38.09 -44.93 23.50
N ILE B 314 38.22 -43.71 24.03
CA ILE B 314 39.38 -42.86 23.79
C ILE B 314 39.77 -42.24 25.11
N LEU B 315 40.89 -41.51 25.10
CA LEU B 315 41.37 -40.91 26.33
C LEU B 315 42.51 -39.96 26.01
N SER B 316 42.57 -38.85 26.76
CA SER B 316 43.61 -37.84 26.54
C SER B 316 43.50 -36.76 27.61
N THR B 317 44.38 -35.77 27.49
CA THR B 317 44.51 -34.66 28.43
C THR B 317 43.69 -33.46 27.96
N ILE B 318 43.67 -32.42 28.79
CA ILE B 318 43.15 -31.11 28.42
C ILE B 318 44.07 -30.05 29.00
N SER B 319 44.37 -29.03 28.20
CA SER B 319 45.29 -27.98 28.61
C SER B 319 44.53 -26.83 29.27
N TRP B 320 45.23 -25.73 29.53
CA TRP B 320 44.60 -24.51 30.00
C TRP B 320 44.04 -23.67 28.86
N MET B 321 43.94 -24.25 27.67
CA MET B 321 43.39 -23.57 26.50
C MET B 321 42.14 -24.24 25.96
N GLY B 322 42.17 -25.54 25.71
CA GLY B 322 41.01 -26.21 25.16
C GLY B 322 41.34 -27.62 24.70
N GLY B 323 40.34 -28.24 24.09
CA GLY B 323 40.47 -29.59 23.58
C GLY B 323 41.26 -29.65 22.29
N LYS B 324 40.94 -30.64 21.47
CA LYS B 324 41.55 -30.81 20.15
C LYS B 324 40.50 -30.46 19.12
N ASN B 325 40.68 -29.33 18.44
CA ASN B 325 39.69 -28.84 17.48
C ASN B 325 40.39 -28.11 16.35
N PRO B 326 41.04 -28.87 15.45
CA PRO B 326 41.74 -28.22 14.33
C PRO B 326 40.83 -27.45 13.38
N PHE B 327 39.56 -27.84 13.29
CA PHE B 327 38.68 -27.25 12.28
C PHE B 327 38.53 -25.75 12.48
N LEU B 328 38.36 -25.32 13.72
CA LEU B 328 38.28 -23.89 13.99
C LEU B 328 39.56 -23.19 13.58
N GLY B 329 40.71 -23.79 13.88
CA GLY B 329 41.96 -23.15 13.52
C GLY B 329 42.10 -22.94 12.03
N ILE B 330 41.83 -23.99 11.25
CA ILE B 330 41.98 -23.88 9.81
C ILE B 330 40.95 -22.92 9.22
N ALA B 331 39.72 -22.96 9.73
CA ALA B 331 38.70 -22.05 9.23
C ALA B 331 39.07 -20.60 9.51
N TYR B 332 39.51 -20.29 10.73
CA TYR B 332 39.88 -18.92 11.05
C TYR B 332 41.05 -18.46 10.21
N ILE B 333 42.06 -19.31 10.04
CA ILE B 333 43.19 -18.95 9.21
C ILE B 333 42.73 -18.61 7.81
N ALA B 334 41.93 -19.48 7.21
CA ALA B 334 41.49 -19.25 5.84
C ALA B 334 40.67 -17.98 5.74
N VAL B 335 39.76 -17.76 6.67
CA VAL B 335 38.89 -16.58 6.59
C VAL B 335 39.70 -15.31 6.74
N GLY B 336 40.62 -15.29 7.71
CA GLY B 336 41.44 -14.10 7.88
C GLY B 336 42.27 -13.78 6.65
N SER B 337 42.93 -14.81 6.09
CA SER B 337 43.72 -14.59 4.90
C SER B 337 42.86 -14.08 3.76
N ILE B 338 41.67 -14.67 3.57
CA ILE B 338 40.82 -14.28 2.46
C ILE B 338 40.30 -12.87 2.64
N SER B 339 39.91 -12.49 3.86
CA SER B 339 39.45 -11.13 4.10
C SER B 339 40.56 -10.13 3.79
N PHE B 340 41.76 -10.41 4.30
CA PHE B 340 42.91 -9.55 3.99
C PHE B 340 43.10 -9.46 2.48
N LEU B 341 42.99 -10.59 1.79
CA LEU B 341 43.23 -10.60 0.35
C LEU B 341 42.21 -9.73 -0.38
N LEU B 342 40.94 -9.86 -0.02
CA LEU B 342 39.92 -9.09 -0.73
C LEU B 342 40.01 -7.61 -0.40
N GLY B 343 40.51 -7.26 0.78
CA GLY B 343 40.64 -5.86 1.12
C GLY B 343 41.46 -5.10 0.10
N VAL B 344 42.62 -5.64 -0.26
CA VAL B 344 43.50 -4.90 -1.17
C VAL B 344 42.87 -4.77 -2.54
N VAL B 345 42.13 -5.78 -2.99
CA VAL B 345 41.45 -5.69 -4.27
C VAL B 345 40.41 -4.58 -4.24
N LEU B 346 39.68 -4.46 -3.12
CA LEU B 346 38.76 -3.34 -2.98
C LEU B 346 39.50 -2.02 -3.03
N LEU B 347 40.63 -1.93 -2.33
CA LEU B 347 41.45 -0.73 -2.34
C LEU B 347 41.80 -0.32 -3.76
N VAL B 348 42.33 -1.27 -4.53
CA VAL B 348 42.82 -0.93 -5.86
C VAL B 348 41.67 -0.61 -6.80
N ILE B 349 40.52 -1.30 -6.66
CA ILE B 349 39.43 -1.01 -7.58
C ILE B 349 38.84 0.37 -7.30
N ASN B 350 38.66 0.72 -6.02
CA ASN B 350 38.16 2.06 -5.75
C ASN B 350 39.19 3.12 -6.11
N HIS B 351 40.49 2.81 -5.99
CA HIS B 351 41.50 3.72 -6.48
C HIS B 351 41.36 3.92 -7.98
N LYS B 352 41.11 2.84 -8.72
CA LYS B 352 40.98 2.96 -10.16
C LYS B 352 39.74 3.72 -10.55
N TYR B 353 38.64 3.57 -9.80
CA TYR B 353 37.36 4.11 -10.21
C TYR B 353 36.99 5.39 -9.48
N ARG B 354 37.91 6.00 -8.76
CA ARG B 354 37.60 7.25 -8.07
C ARG B 354 37.74 8.42 -9.05
N ASN B 355 36.65 9.14 -9.27
CA ASN B 355 36.64 10.33 -10.12
C ASN B 355 37.22 10.04 -11.51
N SER B 356 36.94 8.84 -12.01
CA SER B 356 37.42 8.42 -13.32
C SER B 356 36.30 8.21 -14.32
N SER B 357 35.40 7.28 -14.05
CA SER B 357 34.28 7.02 -14.95
C SER B 357 33.06 6.52 -14.19
C P5S C . 2.64 -19.71 15.08
N P5S C . 2.08 -20.60 12.91
O P5S C . 1.67 -20.32 15.60
C1 P5S C . 3.75 -11.88 14.54
C2 P5S C . 3.50 -13.30 15.03
C3 P5S C . 3.41 -14.29 13.86
CA P5S C . 3.18 -20.18 13.73
CB P5S C . 3.98 -19.09 13.01
OG P5S C . 3.50 -17.79 13.26
P12 P5S C . 4.53 -16.54 12.99
O13 P5S C . 5.94 -17.06 13.08
O15 P5S C . 4.34 -15.96 11.61
O16 P5S C . 4.26 -15.37 14.13
C17 P5S C . 3.56 -9.70 15.44
O18 P5S C . 4.59 -9.41 14.95
O19 P5S C . 3.02 -10.98 15.33
C20 P5S C . 2.80 -8.63 16.23
C21 P5S C . 3.66 -7.38 16.37
C22 P5S C . 3.23 -6.57 17.61
C23 P5S C . 1.72 -6.54 17.79
C24 P5S C . 1.16 -5.12 17.84
C25 P5S C . 2.14 -4.16 18.52
C26 P5S C . 1.90 -2.73 18.06
C27 P5S C . 2.91 -1.80 18.74
C28 P5S C . 2.87 -0.41 18.11
C29 P5S C . 3.81 0.54 18.85
C30 P5S C . 4.24 1.69 17.95
C31 P5S C . 4.24 2.99 18.75
C32 P5S C . 5.31 3.95 18.22
C33 P5S C . 5.11 5.32 18.85
C34 P5S C . 6.47 5.99 19.04
C35 P5S C . 6.30 7.35 19.74
C36 P5S C . 7.64 7.84 20.28
O37 P5S C . 2.32 -13.32 15.78
C38 P5S C . 2.31 -14.26 16.81
C39 P5S C . 1.35 -14.14 17.99
C40 P5S C . 0.89 -12.68 18.12
C41 P5S C . 1.59 -12.03 19.30
C42 P5S C . 1.00 -10.64 19.59
C43 P5S C . 0.30 -10.07 18.35
C44 P5S C . -0.78 -9.09 18.80
C45 P5S C . -1.36 -8.37 17.58
C46 P5S C . -2.52 -7.49 18.03
O47 P5S C . 3.06 -15.18 16.77
C48 P5S C . -2.35 -6.07 17.49
C49 P5S C . -3.64 -5.28 17.71
C50 P5S C . -3.31 -3.86 18.14
C51 P5S C . -3.72 -2.88 17.05
C52 P5S C . -4.72 -1.86 17.60
C53 P5S C . -4.74 -0.63 16.70
C54 P5S C . -5.87 0.29 17.13
C55 P5S C . -7.19 -0.23 16.55
C56 P5S C . -8.30 0.77 16.85
OXT P5S C . 3.16 -18.75 15.70
#